data_7P38
#
_entry.id   7P38
#
_cell.length_a   107.354
_cell.length_b   134.495
_cell.length_c   147.886
_cell.angle_alpha   90.000
_cell.angle_beta   90.000
_cell.angle_gamma   90.000
#
_symmetry.space_group_name_H-M   'P 21 21 21'
#
loop_
_entity.id
_entity.type
_entity.pdbx_description
1 polymer Dextransucrase
2 non-polymer 'CALCIUM ION'
3 non-polymer 'SULFATE ION'
4 non-polymer GLYCEROL
5 water water
#
_entity_poly.entity_id   1
_entity_poly.type   'polypeptide(L)'
_entity_poly.pdbx_seq_one_letter_code
;MAHHHHHHSAALEVLFQGPGGHLLGNRYGKIENGKLNIYSLADNSLIKTVEAGPWENMAYSMDSNSINNIDGYISYTGWY
RPYGTSQDGKTWYPTTVADWRPILMYVWPSKDVQAKFIQYFVNHGYENSNYGLTTGSVKDLSENTASIKLNEVAQNLRYV
IEQHIVAAKSTSQLANDINNFITTIPELSASSELPYGQVIFVNNDNTSYADSKYRLMSRTINNQTGNDNDNSDNGYEFLT
GIDIDNSNPVVQAENLNWEYFLLNYGKLMGYNPDGNFDGFRIDAADHIDADVLDQTGQLMDDMYHMKGNPQNANNHLSYN
EGYRSSAARMLNKKGNPQLYMDYVGSTLGNVLGRANNRDTISNLVTGSIVNRQNDVTENEATPNWSYVTNHDSRANLING
LISKDHPGAYKAEYANQAWQEFYADQKKTDKQYAQYNVPAQYAILLSNKDTVPQIYYGDLYNETAQYMQEKSIYYDAITT
LMKARKQFVSGGQTMTKLSDNLIASVRYGKGVTNANSEGTDSLSRTSGMAVIVGNNPQMAEQTISINMGRAHANEQYRNL
LDTTDNGLTYNADGAENPETLTTDDNGILKVTVKGYSNPYVSGYLGVWVPVVSGNQDVTTNAATVSADSNKIFESNAALD
SHMIYQDFSLYQPEPTSTENHAYNTIAQNAELFNNLGITDFWMAPPYTQYSESRYNDGYSVTDRYNLGTNANPTKYGSGE
ELANAIAALHSAGLKVQVDIVMNQMIGLPGQEAVTVTRADNRGIQTYVNGKTYANQMYFAYTTGGGNGQETYGGKYLSEL
QSKYPDLFTTRAISTGVAPDPTTRITKWSAKYENGTSLQNIGIGLAVKLPNGEYAYLRSSDNKAFNTTLPETMSSADYYA
N
;
_entity_poly.pdbx_strand_id   A,B
#
loop_
_chem_comp.id
_chem_comp.type
_chem_comp.name
_chem_comp.formula
CA non-polymer 'CALCIUM ION' 'Ca 2'
GOL non-polymer GLYCEROL 'C3 H8 O3'
SO4 non-polymer 'SULFATE ION' 'O4 S -2'
#
# COMPACT_ATOMS: atom_id res chain seq x y z
N VAL A 50 -24.25 -5.23 49.51
CA VAL A 50 -25.64 -5.78 49.53
C VAL A 50 -25.66 -7.30 49.29
N GLU A 51 -26.62 -7.97 49.93
CA GLU A 51 -26.73 -9.45 49.90
C GLU A 51 -26.89 -10.03 48.49
N ALA A 52 -27.77 -9.42 47.70
CA ALA A 52 -27.92 -9.77 46.28
C ALA A 52 -28.22 -8.58 45.35
N GLY A 53 -27.81 -8.69 44.08
CA GLY A 53 -28.07 -7.64 43.09
C GLY A 53 -27.37 -7.79 41.76
N PRO A 54 -27.43 -6.74 40.91
CA PRO A 54 -26.81 -6.73 39.58
C PRO A 54 -25.28 -6.77 39.58
N TRP A 55 -24.67 -6.72 40.76
CA TRP A 55 -23.23 -6.92 40.88
C TRP A 55 -22.84 -8.33 40.54
N GLU A 56 -23.79 -9.25 40.66
CA GLU A 56 -23.55 -10.65 40.32
C GLU A 56 -23.37 -10.88 38.81
N ASN A 57 -23.49 -9.81 38.02
CA ASN A 57 -23.10 -9.79 36.61
C ASN A 57 -21.58 -9.91 36.45
N MET A 58 -20.85 -9.61 37.53
CA MET A 58 -19.41 -9.80 37.57
C MET A 58 -19.05 -11.26 37.36
N ALA A 59 -18.04 -11.49 36.52
CA ALA A 59 -17.52 -12.82 36.25
C ALA A 59 -17.20 -13.57 37.53
N TYR A 60 -17.48 -14.87 37.54
CA TYR A 60 -17.23 -15.74 38.68
C TYR A 60 -15.80 -15.62 39.19
N SER A 61 -14.86 -15.71 38.27
CA SER A 61 -13.44 -15.52 38.55
C SER A 61 -12.86 -14.66 37.44
N MET A 62 -11.88 -13.83 37.80
CA MET A 62 -11.22 -12.97 36.82
C MET A 62 -10.04 -13.73 36.22
N ASP A 63 -10.37 -14.77 35.44
CA ASP A 63 -9.37 -15.61 34.81
C ASP A 63 -10.01 -16.38 33.65
N SER A 64 -9.22 -17.19 32.96
CA SER A 64 -9.72 -17.87 31.76
C SER A 64 -10.73 -18.98 32.09
N ASN A 65 -10.67 -19.50 33.31
CA ASN A 65 -11.65 -20.50 33.75
C ASN A 65 -13.08 -20.00 33.66
N SER A 66 -13.29 -18.69 33.79
CA SER A 66 -14.62 -18.07 33.68
C SER A 66 -14.81 -17.12 32.50
N ILE A 67 -13.76 -16.79 31.74
CA ILE A 67 -13.87 -15.79 30.67
C ILE A 67 -13.12 -16.20 29.42
N ASN A 68 -13.84 -16.29 28.30
CA ASN A 68 -13.25 -16.62 27.00
C ASN A 68 -12.28 -15.54 26.54
N ASN A 69 -11.03 -15.92 26.32
CA ASN A 69 -10.05 -15.02 25.71
C ASN A 69 -9.06 -15.74 24.80
N ILE A 70 -8.64 -15.03 23.76
CA ILE A 70 -7.49 -15.43 22.98
C ILE A 70 -6.36 -14.44 23.28
N ASP A 71 -5.30 -14.96 23.90
CA ASP A 71 -4.09 -14.19 24.30
C ASP A 71 -4.37 -13.04 25.26
N GLY A 72 -5.40 -13.18 26.07
CA GLY A 72 -5.83 -12.12 26.98
C GLY A 72 -6.96 -11.28 26.44
N TYR A 73 -7.14 -11.28 25.12
CA TYR A 73 -8.13 -10.43 24.46
C TYR A 73 -9.48 -11.09 24.31
N ILE A 74 -10.52 -10.27 24.41
CA ILE A 74 -11.89 -10.73 24.58
C ILE A 74 -12.76 -10.35 23.38
N SER A 75 -13.72 -11.22 23.04
CA SER A 75 -14.51 -11.09 21.82
C SER A 75 -15.96 -10.71 22.12
N TYR A 76 -16.64 -10.21 21.08
CA TYR A 76 -18.07 -9.97 21.16
C TYR A 76 -18.87 -11.22 20.76
N THR A 77 -18.18 -12.25 20.27
CA THR A 77 -18.79 -13.59 20.09
C THR A 77 -18.41 -14.55 21.21
N GLY A 78 -17.60 -14.07 22.16
CA GLY A 78 -17.15 -14.84 23.31
C GLY A 78 -18.13 -14.85 24.48
N TRP A 79 -17.91 -15.81 25.37
CA TRP A 79 -18.82 -16.11 26.47
C TRP A 79 -18.05 -16.11 27.79
N TYR A 80 -18.79 -15.97 28.89
CA TYR A 80 -18.21 -15.97 30.22
C TYR A 80 -19.23 -16.41 31.27
N ARG A 81 -18.75 -16.75 32.46
CA ARG A 81 -19.61 -17.17 33.55
C ARG A 81 -19.76 -16.06 34.60
N PRO A 82 -20.96 -15.46 34.69
CA PRO A 82 -21.19 -14.49 35.74
C PRO A 82 -21.35 -15.21 37.08
N TYR A 83 -21.02 -14.53 38.17
CA TYR A 83 -21.27 -15.09 39.51
C TYR A 83 -22.71 -15.56 39.61
N GLY A 84 -23.63 -14.70 39.16
CA GLY A 84 -25.06 -14.98 39.26
C GLY A 84 -25.93 -14.37 38.19
N THR A 85 -27.20 -14.79 38.20
CA THR A 85 -28.19 -14.45 37.19
C THR A 85 -29.57 -14.34 37.82
N SER A 86 -30.49 -13.71 37.10
CA SER A 86 -31.84 -13.47 37.63
C SER A 86 -32.86 -13.28 36.51
N GLN A 87 -34.10 -13.64 36.83
CA GLN A 87 -35.19 -13.51 35.88
C GLN A 87 -36.10 -12.31 36.14
N ASP A 88 -36.02 -11.70 37.33
CA ASP A 88 -36.90 -10.56 37.69
C ASP A 88 -36.22 -9.27 38.22
N GLY A 89 -35.00 -9.37 38.73
CA GLY A 89 -34.36 -8.24 39.43
C GLY A 89 -34.40 -8.40 40.96
N LYS A 90 -35.37 -9.16 41.46
CA LYS A 90 -35.50 -9.43 42.89
C LYS A 90 -34.65 -10.62 43.30
N THR A 91 -34.86 -11.75 42.62
CA THR A 91 -34.25 -13.01 43.00
C THR A 91 -33.04 -13.32 42.12
N TRP A 92 -31.86 -13.46 42.76
CA TRP A 92 -30.61 -13.77 42.05
C TRP A 92 -30.08 -15.14 42.47
N TYR A 93 -29.82 -16.01 41.48
CA TYR A 93 -29.27 -17.35 41.73
C TYR A 93 -27.78 -17.40 41.33
N PRO A 94 -26.97 -18.14 42.11
CA PRO A 94 -25.59 -18.34 41.67
C PRO A 94 -25.50 -19.37 40.55
N THR A 95 -24.70 -19.07 39.55
CA THR A 95 -24.41 -20.00 38.48
C THR A 95 -23.66 -21.23 38.97
N THR A 96 -23.77 -22.30 38.22
CA THR A 96 -22.87 -23.44 38.32
C THR A 96 -21.91 -23.32 37.14
N VAL A 97 -20.95 -24.23 37.04
CA VAL A 97 -19.99 -24.21 35.91
C VAL A 97 -20.63 -24.39 34.52
N ALA A 98 -21.88 -24.85 34.48
CA ALA A 98 -22.66 -24.96 33.24
C ALA A 98 -23.21 -23.64 32.71
N ASP A 99 -23.26 -22.60 33.55
CA ASP A 99 -24.02 -21.38 33.24
C ASP A 99 -23.18 -20.21 32.74
N TRP A 100 -22.92 -20.22 31.44
CA TRP A 100 -22.19 -19.18 30.77
C TRP A 100 -23.20 -18.38 29.97
N ARG A 101 -22.81 -17.21 29.52
CA ARG A 101 -23.72 -16.32 28.83
C ARG A 101 -22.91 -15.55 27.80
N PRO A 102 -23.55 -15.14 26.69
CA PRO A 102 -22.84 -14.33 25.68
C PRO A 102 -22.49 -12.95 26.21
N ILE A 103 -21.24 -12.55 25.99
CA ILE A 103 -20.77 -11.23 26.41
C ILE A 103 -21.64 -10.12 25.83
N LEU A 104 -22.06 -10.29 24.57
CA LEU A 104 -22.86 -9.30 23.85
C LEU A 104 -24.25 -9.02 24.43
N MET A 105 -24.61 -9.60 25.58
CA MET A 105 -25.75 -9.11 26.38
C MET A 105 -25.30 -8.10 27.42
N TYR A 106 -24.02 -8.15 27.79
CA TYR A 106 -23.46 -7.31 28.84
C TYR A 106 -22.54 -6.18 28.35
N VAL A 107 -22.03 -6.27 27.12
CA VAL A 107 -21.04 -5.31 26.63
C VAL A 107 -21.14 -5.11 25.12
N TRP A 108 -20.94 -3.87 24.68
CA TRP A 108 -21.09 -3.50 23.28
C TRP A 108 -19.95 -2.60 22.81
N PRO A 109 -19.67 -2.63 21.50
CA PRO A 109 -18.66 -1.76 20.88
C PRO A 109 -18.98 -0.28 21.06
N SER A 110 -20.27 0.03 21.13
CA SER A 110 -20.75 1.39 21.23
C SER A 110 -22.20 1.39 21.68
N LYS A 111 -22.69 2.58 22.03
CA LYS A 111 -24.05 2.75 22.49
C LYS A 111 -25.04 2.48 21.37
N ASP A 112 -24.62 2.70 20.13
CA ASP A 112 -25.46 2.43 18.95
C ASP A 112 -25.79 0.94 18.83
N VAL A 113 -24.76 0.11 18.91
CA VAL A 113 -24.92 -1.34 18.82
C VAL A 113 -25.79 -1.84 19.97
N GLN A 114 -25.58 -1.30 21.16
CA GLN A 114 -26.42 -1.55 22.33
C GLN A 114 -27.89 -1.19 22.08
N ALA A 115 -28.14 -0.10 21.35
CA ALA A 115 -29.50 0.30 21.01
C ALA A 115 -30.12 -0.64 19.97
N LYS A 116 -29.33 -1.07 19.00
CA LYS A 116 -29.82 -1.97 17.98
C LYS A 116 -29.95 -3.40 18.49
N PHE A 117 -29.18 -3.71 19.54
CA PHE A 117 -29.27 -4.98 20.24
C PHE A 117 -30.63 -5.11 20.86
N ILE A 118 -31.02 -4.09 21.63
CA ILE A 118 -32.29 -4.08 22.34
C ILE A 118 -33.44 -4.12 21.34
N GLN A 119 -33.42 -3.22 20.37
CA GLN A 119 -34.48 -3.14 19.36
C GLN A 119 -34.61 -4.47 18.63
N TYR A 120 -33.49 -5.07 18.24
CA TYR A 120 -33.51 -6.34 17.54
C TYR A 120 -34.13 -7.46 18.39
N PHE A 121 -33.66 -7.61 19.63
CA PHE A 121 -34.11 -8.69 20.51
C PHE A 121 -35.62 -8.63 20.80
N VAL A 122 -36.11 -7.45 21.11
CA VAL A 122 -37.52 -7.24 21.38
C VAL A 122 -38.40 -7.50 20.15
N ASN A 123 -37.90 -7.18 18.96
CA ASN A 123 -38.64 -7.45 17.72
C ASN A 123 -38.54 -8.92 17.30
N HIS A 124 -37.60 -9.65 17.89
CA HIS A 124 -37.39 -11.05 17.55
C HIS A 124 -37.62 -11.96 18.76
N GLY A 125 -38.62 -11.63 19.58
CA GLY A 125 -39.14 -12.56 20.59
C GLY A 125 -39.21 -12.08 22.03
N TYR A 126 -38.25 -11.29 22.49
CA TYR A 126 -38.06 -11.08 23.92
C TYR A 126 -38.74 -9.78 24.40
N GLU A 127 -39.90 -9.47 23.86
CA GLU A 127 -40.71 -8.34 24.35
C GLU A 127 -41.39 -8.76 25.65
N ASN A 128 -41.52 -7.83 26.59
CA ASN A 128 -42.27 -8.08 27.83
C ASN A 128 -42.65 -6.75 28.51
N SER A 129 -43.92 -6.37 28.39
CA SER A 129 -44.41 -5.06 28.86
C SER A 129 -44.26 -4.84 30.37
N ASN A 130 -44.27 -5.92 31.13
CA ASN A 130 -44.06 -5.83 32.58
C ASN A 130 -42.65 -5.37 32.93
N TYR A 131 -41.71 -5.50 32.00
CA TYR A 131 -40.33 -5.04 32.21
C TYR A 131 -39.96 -3.84 31.30
N GLY A 132 -40.97 -3.14 30.79
CA GLY A 132 -40.78 -1.95 29.95
C GLY A 132 -40.13 -2.18 28.59
N LEU A 133 -40.35 -3.37 28.01
CA LEU A 133 -39.74 -3.75 26.73
C LEU A 133 -40.78 -4.12 25.69
N THR A 134 -41.14 -3.17 24.83
CA THR A 134 -42.09 -3.39 23.74
C THR A 134 -41.54 -2.75 22.48
N THR A 135 -42.05 -3.14 21.31
CA THR A 135 -41.70 -2.52 20.05
C THR A 135 -42.54 -1.27 20.02
N GLY A 136 -41.99 -0.19 20.54
CA GLY A 136 -42.71 1.05 20.83
C GLY A 136 -42.08 1.71 22.04
N SER A 137 -41.78 0.92 23.07
CA SER A 137 -41.03 1.42 24.22
C SER A 137 -39.55 1.54 23.94
N VAL A 138 -39.06 0.76 22.96
CA VAL A 138 -37.66 0.74 22.58
C VAL A 138 -37.38 1.34 21.20
N LYS A 139 -38.44 1.78 20.52
CA LYS A 139 -38.36 2.22 19.12
C LYS A 139 -37.38 3.36 18.89
N ASP A 140 -37.39 4.33 19.80
CA ASP A 140 -36.64 5.56 19.61
C ASP A 140 -35.28 5.59 20.33
N LEU A 141 -34.85 4.45 20.86
CA LEU A 141 -33.51 4.35 21.42
C LEU A 141 -32.47 4.48 20.29
N SER A 142 -31.25 4.84 20.67
CA SER A 142 -30.16 5.11 19.72
C SER A 142 -28.91 5.51 20.51
N GLU A 143 -27.88 5.93 19.77
CA GLU A 143 -26.61 6.37 20.38
C GLU A 143 -26.72 7.60 21.30
N ASN A 144 -27.69 8.48 21.05
CA ASN A 144 -27.85 9.69 21.88
C ASN A 144 -28.63 9.50 23.19
N THR A 145 -29.30 8.35 23.34
CA THR A 145 -29.95 8.01 24.61
C THR A 145 -28.93 8.03 25.75
N ALA A 146 -29.36 8.43 26.93
CA ALA A 146 -28.45 8.51 28.08
C ALA A 146 -27.85 7.16 28.35
N SER A 147 -26.58 7.14 28.76
CA SER A 147 -25.90 5.88 29.08
C SER A 147 -26.71 5.13 30.14
N ILE A 148 -26.97 5.82 31.26
CA ILE A 148 -27.74 5.26 32.37
C ILE A 148 -29.06 4.59 31.93
N LYS A 149 -29.68 5.09 30.84
CA LYS A 149 -30.96 4.55 30.37
C LYS A 149 -30.82 3.27 29.54
N LEU A 150 -29.79 3.19 28.69
CA LEU A 150 -29.56 1.97 27.89
C LEU A 150 -29.05 0.84 28.77
N ASN A 151 -28.21 1.19 29.75
CA ASN A 151 -27.88 0.30 30.86
C ASN A 151 -29.13 -0.24 31.53
N GLU A 152 -30.01 0.65 31.97
CA GLU A 152 -31.24 0.25 32.67
C GLU A 152 -32.05 -0.68 31.78
N VAL A 153 -32.35 -0.24 30.56
CA VAL A 153 -33.17 -1.03 29.63
C VAL A 153 -32.51 -2.37 29.27
N ALA A 154 -31.19 -2.39 29.14
CA ALA A 154 -30.48 -3.64 28.83
C ALA A 154 -30.52 -4.59 30.03
N GLN A 155 -30.43 -4.04 31.24
CA GLN A 155 -30.54 -4.85 32.45
C GLN A 155 -31.90 -5.53 32.49
N ASN A 156 -32.95 -4.80 32.11
CA ASN A 156 -34.31 -5.35 32.00
C ASN A 156 -34.42 -6.39 30.90
N LEU A 157 -33.84 -6.09 29.75
CA LEU A 157 -33.78 -7.04 28.64
C LEU A 157 -33.08 -8.31 29.09
N ARG A 158 -32.08 -8.14 29.94
CA ARG A 158 -31.30 -9.27 30.42
C ARG A 158 -32.13 -10.22 31.29
N TYR A 159 -33.08 -9.68 32.04
CA TYR A 159 -33.99 -10.49 32.86
C TYR A 159 -34.90 -11.34 31.98
N VAL A 160 -35.46 -10.73 30.94
CA VAL A 160 -36.31 -11.44 29.99
C VAL A 160 -35.54 -12.55 29.25
N ILE A 161 -34.28 -12.30 28.89
CA ILE A 161 -33.42 -13.33 28.29
C ILE A 161 -33.32 -14.51 29.24
N GLU A 162 -33.15 -14.23 30.53
CA GLU A 162 -33.09 -15.28 31.54
C GLU A 162 -34.43 -16.03 31.68
N GLN A 163 -35.54 -15.31 31.59
CA GLN A 163 -36.87 -15.94 31.50
C GLN A 163 -36.96 -16.91 30.32
N HIS A 164 -36.47 -16.48 29.16
CA HIS A 164 -36.44 -17.28 27.94
C HIS A 164 -35.60 -18.55 28.13
N ILE A 165 -34.42 -18.39 28.73
CA ILE A 165 -33.47 -19.50 28.97
C ILE A 165 -34.06 -20.59 29.86
N VAL A 166 -34.74 -20.20 30.94
CA VAL A 166 -35.41 -21.13 31.82
C VAL A 166 -36.56 -21.83 31.09
N ALA A 167 -37.29 -21.08 30.25
CA ALA A 167 -38.43 -21.65 29.51
C ALA A 167 -38.01 -22.69 28.49
N ALA A 168 -36.75 -22.66 28.09
CA ALA A 168 -36.21 -23.59 27.12
C ALA A 168 -35.20 -24.57 27.72
N LYS A 169 -34.77 -24.32 28.96
CA LYS A 169 -33.74 -25.14 29.62
C LYS A 169 -32.40 -25.19 28.87
N SER A 170 -32.10 -24.16 28.08
CA SER A 170 -30.84 -24.10 27.36
C SER A 170 -30.53 -22.67 26.93
N THR A 171 -29.28 -22.44 26.56
CA THR A 171 -28.88 -21.16 25.98
C THR A 171 -28.76 -21.25 24.46
N SER A 172 -29.40 -22.26 23.86
CA SER A 172 -29.25 -22.52 22.44
C SER A 172 -29.91 -21.49 21.53
N GLN A 173 -31.17 -21.18 21.77
CA GLN A 173 -31.85 -20.15 20.98
C GLN A 173 -31.17 -18.78 21.13
N LEU A 174 -30.73 -18.48 22.35
CA LEU A 174 -30.00 -17.25 22.64
C LEU A 174 -28.76 -17.14 21.73
N ALA A 175 -27.86 -18.11 21.86
CA ALA A 175 -26.69 -18.22 20.98
C ALA A 175 -27.04 -17.96 19.50
N ASN A 176 -28.09 -18.61 19.03
CA ASN A 176 -28.56 -18.45 17.64
C ASN A 176 -28.92 -16.98 17.38
N ASP A 177 -29.81 -16.43 18.21
CA ASP A 177 -30.27 -15.05 18.09
C ASP A 177 -29.13 -14.01 18.14
N ILE A 178 -28.02 -14.36 18.81
CA ILE A 178 -26.84 -13.53 18.82
C ILE A 178 -26.21 -13.57 17.42
N ASN A 179 -25.72 -14.74 17.04
CA ASN A 179 -25.18 -14.93 15.70
C ASN A 179 -26.05 -14.22 14.65
N ASN A 180 -27.37 -14.29 14.79
CA ASN A 180 -28.27 -13.66 13.83
C ASN A 180 -28.21 -12.14 13.93
N PHE A 181 -28.22 -11.61 15.15
CA PHE A 181 -28.10 -10.16 15.36
C PHE A 181 -26.77 -9.64 14.80
N ILE A 182 -25.70 -10.34 15.13
CA ILE A 182 -24.37 -9.98 14.69
C ILE A 182 -24.32 -9.73 13.18
N THR A 183 -24.98 -10.57 12.40
CA THR A 183 -24.98 -10.41 10.95
C THR A 183 -25.73 -9.16 10.46
N THR A 184 -26.55 -8.55 11.33
CA THR A 184 -27.23 -7.29 10.99
C THR A 184 -26.41 -6.03 11.29
N ILE A 185 -25.33 -6.18 12.04
CA ILE A 185 -24.43 -5.08 12.37
C ILE A 185 -23.18 -5.14 11.50
N PRO A 186 -22.99 -4.14 10.60
CA PRO A 186 -21.84 -4.15 9.67
C PRO A 186 -20.49 -4.39 10.31
N GLU A 187 -20.23 -3.74 11.44
CA GLU A 187 -18.93 -3.82 12.11
C GLU A 187 -18.74 -5.07 12.96
N LEU A 188 -19.80 -5.83 13.22
CA LEU A 188 -19.68 -7.10 13.95
C LEU A 188 -19.67 -8.32 13.05
N SER A 189 -20.36 -8.23 11.91
CA SER A 189 -20.47 -9.37 11.02
C SER A 189 -19.16 -9.61 10.26
N ALA A 190 -19.06 -10.80 9.66
CA ALA A 190 -17.84 -11.28 9.05
C ALA A 190 -17.42 -10.47 7.82
N SER A 191 -18.41 -9.95 7.08
CA SER A 191 -18.15 -9.14 5.88
C SER A 191 -17.39 -7.83 6.16
N SER A 192 -17.13 -7.56 7.44
CA SER A 192 -16.31 -6.44 7.88
C SER A 192 -14.86 -6.54 7.40
N GLU A 193 -14.38 -7.77 7.20
CA GLU A 193 -13.01 -8.00 6.69
C GLU A 193 -12.89 -7.76 5.17
N LEU A 194 -14.01 -7.42 4.52
CA LEU A 194 -14.03 -6.97 3.13
C LEU A 194 -13.51 -7.99 2.12
N PRO A 195 -14.34 -9.00 1.78
CA PRO A 195 -13.93 -10.03 0.83
C PRO A 195 -13.76 -9.51 -0.61
N TYR A 196 -12.92 -10.12 -1.45
CA TYR A 196 -12.13 -11.31 -1.14
C TYR A 196 -10.66 -11.02 -1.36
N GLY A 197 -9.82 -11.52 -0.46
CA GLY A 197 -8.40 -11.30 -0.54
C GLY A 197 -7.71 -11.70 0.73
N GLN A 198 -6.87 -10.82 1.26
CA GLN A 198 -5.99 -11.18 2.33
C GLN A 198 -5.76 -9.98 3.25
N VAL A 199 -5.28 -10.28 4.44
CA VAL A 199 -4.70 -9.28 5.29
C VAL A 199 -3.24 -9.59 5.46
N ILE A 200 -2.50 -8.59 5.92
CA ILE A 200 -1.10 -8.72 6.29
C ILE A 200 -1.04 -8.55 7.80
N PHE A 201 -0.10 -9.21 8.45
CA PHE A 201 0.09 -8.99 9.87
C PHE A 201 1.11 -7.87 10.03
N VAL A 202 0.87 -7.01 11.02
CA VAL A 202 1.65 -5.80 11.23
C VAL A 202 2.04 -5.64 12.71
N ASN A 203 3.11 -4.88 12.94
CA ASN A 203 3.60 -4.63 14.29
C ASN A 203 2.60 -3.75 15.07
N ASN A 204 2.39 -4.08 16.34
CA ASN A 204 1.47 -3.35 17.20
C ASN A 204 1.73 -3.76 18.64
N ASP A 205 1.73 -2.80 19.53
CA ASP A 205 2.07 -3.05 20.94
C ASP A 205 1.09 -3.97 21.69
N ASN A 206 -0.16 -4.02 21.24
CA ASN A 206 -1.17 -4.90 21.84
C ASN A 206 -0.92 -6.36 21.52
N THR A 207 -0.25 -6.60 20.40
CA THR A 207 0.04 -7.93 19.92
C THR A 207 1.54 -8.08 19.65
N SER A 208 2.38 -7.61 20.58
CA SER A 208 3.82 -7.52 20.31
C SER A 208 4.50 -8.87 20.10
N TYR A 209 3.93 -9.93 20.68
CA TYR A 209 4.35 -11.31 20.43
C TYR A 209 4.31 -11.66 18.93
N ALA A 210 3.51 -10.93 18.16
CA ALA A 210 3.43 -11.09 16.70
C ALA A 210 4.21 -10.04 15.86
N ASP A 211 5.18 -9.33 16.44
CA ASP A 211 5.88 -8.29 15.70
C ASP A 211 6.97 -8.92 14.83
N SER A 212 7.32 -8.22 13.76
CA SER A 212 8.49 -8.56 12.98
C SER A 212 9.15 -7.34 12.39
N LYS A 213 10.47 -7.34 12.42
CA LYS A 213 11.30 -6.37 11.71
C LYS A 213 11.31 -6.66 10.21
N TYR A 214 10.91 -7.86 9.82
CA TYR A 214 11.04 -8.29 8.44
C TYR A 214 9.74 -8.17 7.66
N ARG A 215 9.09 -9.26 7.31
CA ARG A 215 7.91 -9.21 6.42
C ARG A 215 8.16 -8.35 5.16
N LEU A 216 9.33 -8.52 4.57
CA LEU A 216 9.63 -7.89 3.29
C LEU A 216 8.86 -8.68 2.24
N MET A 217 7.83 -8.04 1.67
CA MET A 217 6.87 -8.76 0.83
C MET A 217 7.01 -8.45 -0.65
N SER A 218 6.72 -9.48 -1.45
CA SER A 218 6.81 -9.41 -2.91
C SER A 218 8.23 -9.18 -3.39
N ARG A 219 9.20 -9.71 -2.63
CA ARG A 219 10.59 -9.76 -3.06
C ARG A 219 10.78 -10.99 -3.94
N THR A 220 10.03 -11.01 -5.03
CA THR A 220 9.85 -12.19 -5.85
C THR A 220 10.49 -12.02 -7.22
N ILE A 221 11.25 -13.02 -7.64
CA ILE A 221 11.90 -13.00 -8.94
C ILE A 221 12.87 -11.81 -8.92
N ASN A 222 12.80 -10.89 -9.89
CA ASN A 222 13.78 -9.81 -9.98
C ASN A 222 13.51 -8.67 -8.99
N ASN A 223 12.37 -8.73 -8.30
CA ASN A 223 12.06 -7.79 -7.21
C ASN A 223 12.79 -8.04 -5.89
N GLN A 224 13.50 -9.17 -5.78
CA GLN A 224 14.30 -9.53 -4.60
C GLN A 224 14.93 -8.31 -3.91
N THR A 225 15.55 -7.44 -4.70
CA THR A 225 16.33 -6.33 -4.16
C THR A 225 15.48 -5.12 -3.77
N GLY A 226 14.17 -5.32 -3.58
CA GLY A 226 13.25 -4.26 -3.19
C GLY A 226 13.07 -3.11 -4.18
N ASN A 227 13.75 -3.16 -5.33
CA ASN A 227 13.64 -2.06 -6.30
C ASN A 227 13.05 -2.53 -7.62
N ASP A 228 11.72 -2.53 -7.69
CA ASP A 228 10.98 -3.01 -8.85
C ASP A 228 11.03 -2.00 -10.00
N ASN A 229 12.06 -2.12 -10.84
CA ASN A 229 12.26 -1.19 -11.97
C ASN A 229 12.36 -1.87 -13.33
N ASP A 230 11.81 -3.07 -13.47
CA ASP A 230 11.99 -3.89 -14.71
C ASP A 230 10.90 -3.64 -15.77
N ASN A 231 9.89 -2.82 -15.45
CA ASN A 231 8.73 -2.65 -16.35
C ASN A 231 8.18 -4.04 -16.76
N SER A 232 8.03 -4.95 -15.78
CA SER A 232 7.52 -6.31 -16.08
C SER A 232 7.01 -7.09 -14.86
N ASP A 233 6.38 -8.23 -15.18
CA ASP A 233 5.66 -9.10 -14.21
C ASP A 233 6.64 -10.01 -13.46
N ASN A 234 6.80 -9.75 -12.15
CA ASN A 234 7.75 -10.50 -11.32
C ASN A 234 7.08 -11.17 -10.11
N GLY A 235 5.79 -11.45 -10.22
CA GLY A 235 5.06 -12.14 -9.18
C GLY A 235 4.58 -11.29 -8.02
N TYR A 236 4.02 -11.94 -7.01
CA TYR A 236 3.48 -11.30 -5.81
C TYR A 236 3.52 -12.27 -4.63
N GLU A 237 3.37 -11.78 -3.40
CA GLU A 237 3.62 -12.64 -2.22
C GLU A 237 2.52 -13.69 -1.91
N PHE A 238 1.24 -13.28 -2.01
CA PHE A 238 0.09 -14.05 -1.50
C PHE A 238 -0.65 -14.89 -2.55
N LEU A 239 -0.80 -16.17 -2.23
CA LEU A 239 -1.63 -17.07 -3.00
C LEU A 239 -2.89 -17.38 -2.22
N THR A 240 -2.82 -18.24 -1.20
CA THR A 240 -3.97 -18.54 -0.35
C THR A 240 -3.56 -19.34 0.90
N GLY A 241 -4.19 -19.03 2.04
CA GLY A 241 -3.79 -19.59 3.32
C GLY A 241 -2.83 -18.70 4.09
N ILE A 242 -2.29 -19.24 5.17
CA ILE A 242 -1.31 -18.52 5.97
C ILE A 242 -0.02 -18.37 5.17
N ASP A 243 0.26 -17.15 4.68
CA ASP A 243 1.48 -16.88 3.92
C ASP A 243 2.70 -16.82 4.85
N ILE A 244 3.72 -17.62 4.52
CA ILE A 244 4.93 -17.71 5.32
C ILE A 244 5.91 -16.60 4.94
N ASP A 245 6.47 -15.93 5.96
CA ASP A 245 7.47 -14.89 5.76
C ASP A 245 8.84 -15.51 5.49
N ASN A 246 9.14 -15.68 4.21
CA ASN A 246 10.43 -16.22 3.78
C ASN A 246 11.53 -15.14 3.70
N SER A 247 11.23 -13.91 4.13
CA SER A 247 12.25 -12.89 4.33
C SER A 247 12.82 -12.91 5.75
N ASN A 248 12.12 -13.54 6.69
CA ASN A 248 12.61 -13.63 8.06
C ASN A 248 13.87 -14.51 8.08
N PRO A 249 14.95 -14.01 8.71
CA PRO A 249 16.20 -14.79 8.75
C PRO A 249 16.06 -16.15 9.48
N VAL A 250 15.26 -16.21 10.53
CA VAL A 250 15.05 -17.47 11.28
C VAL A 250 14.31 -18.50 10.42
N VAL A 251 13.30 -18.04 9.70
CA VAL A 251 12.51 -18.87 8.77
C VAL A 251 13.39 -19.33 7.61
N GLN A 252 14.27 -18.44 7.14
CA GLN A 252 15.22 -18.77 6.08
C GLN A 252 16.14 -19.90 6.53
N ALA A 253 16.54 -19.89 7.80
CA ALA A 253 17.31 -20.99 8.38
C ALA A 253 16.46 -22.26 8.62
N GLU A 254 15.21 -22.09 9.01
CA GLU A 254 14.30 -23.22 9.14
C GLU A 254 14.09 -23.91 7.80
N ASN A 255 14.07 -23.14 6.72
CA ASN A 255 14.00 -23.69 5.36
C ASN A 255 15.19 -24.59 5.03
N LEU A 256 16.39 -24.17 5.45
CA LEU A 256 17.59 -24.97 5.21
C LEU A 256 17.58 -26.22 6.08
N ASN A 257 17.01 -26.11 7.28
CA ASN A 257 16.78 -27.26 8.14
C ASN A 257 15.79 -28.24 7.51
N TRP A 258 14.67 -27.70 7.03
CA TRP A 258 13.65 -28.49 6.40
C TRP A 258 14.20 -29.23 5.17
N GLU A 259 14.95 -28.53 4.33
CA GLU A 259 15.55 -29.12 3.14
C GLU A 259 16.60 -30.19 3.48
N TYR A 260 17.37 -29.97 4.54
CA TYR A 260 18.40 -30.94 4.97
C TYR A 260 17.77 -32.24 5.42
N PHE A 261 16.67 -32.13 6.15
CA PHE A 261 15.84 -33.27 6.55
C PHE A 261 15.40 -34.09 5.35
N LEU A 262 14.83 -33.42 4.34
CA LEU A 262 14.31 -34.12 3.17
C LEU A 262 15.42 -34.80 2.34
N LEU A 263 16.60 -34.20 2.27
CA LEU A 263 17.71 -34.79 1.54
C LEU A 263 18.37 -35.96 2.29
N ASN A 264 17.95 -36.18 3.53
CA ASN A 264 18.42 -37.31 4.34
C ASN A 264 17.29 -38.08 5.02
N TYR A 265 16.08 -37.99 4.46
CA TYR A 265 14.86 -38.43 5.16
C TYR A 265 15.01 -39.81 5.76
N GLY A 266 15.24 -40.79 4.89
CA GLY A 266 15.39 -42.19 5.30
C GLY A 266 16.36 -42.39 6.43
N LYS A 267 17.56 -41.83 6.30
CA LYS A 267 18.61 -42.02 7.29
C LYS A 267 18.22 -41.44 8.63
N LEU A 268 17.69 -40.22 8.60
CA LEU A 268 17.34 -39.51 9.84
C LEU A 268 16.19 -40.20 10.57
N MET A 269 15.17 -40.61 9.80
CA MET A 269 14.01 -41.32 10.37
C MET A 269 14.31 -42.75 10.80
N GLY A 270 15.41 -43.31 10.29
CA GLY A 270 15.78 -44.68 10.57
C GLY A 270 15.00 -45.67 9.71
N TYR A 271 14.37 -45.16 8.65
CA TYR A 271 13.70 -46.00 7.68
C TYR A 271 14.76 -46.53 6.72
N ASN A 272 14.41 -46.71 5.45
CA ASN A 272 15.38 -47.16 4.48
C ASN A 272 16.51 -46.14 4.40
N PRO A 273 17.76 -46.55 4.73
CA PRO A 273 18.87 -45.60 4.78
C PRO A 273 19.30 -45.06 3.40
N ASP A 274 18.66 -45.53 2.34
CA ASP A 274 18.83 -44.96 1.00
C ASP A 274 17.55 -44.29 0.48
N GLY A 275 16.58 -44.09 1.38
CA GLY A 275 15.34 -43.40 1.04
C GLY A 275 15.42 -41.90 1.28
N ASN A 276 16.27 -41.25 0.51
CA ASN A 276 16.58 -39.84 0.67
C ASN A 276 16.39 -39.13 -0.66
N PHE A 277 15.77 -37.95 -0.64
CA PHE A 277 15.53 -37.17 -1.86
C PHE A 277 16.84 -36.59 -2.40
N ASP A 278 16.90 -36.39 -3.72
CA ASP A 278 18.12 -35.92 -4.39
C ASP A 278 18.06 -34.48 -4.88
N GLY A 279 16.87 -33.86 -4.84
CA GLY A 279 16.71 -32.46 -5.28
C GLY A 279 15.33 -31.94 -4.94
N PHE A 280 14.96 -30.78 -5.48
CA PHE A 280 13.68 -30.14 -5.14
C PHE A 280 12.88 -29.63 -6.34
N ARG A 281 11.58 -29.88 -6.28
CA ARG A 281 10.62 -29.14 -7.10
C ARG A 281 10.11 -28.02 -6.20
N ILE A 282 10.51 -26.79 -6.48
CA ILE A 282 10.19 -25.64 -5.60
C ILE A 282 8.83 -25.05 -5.96
N ASP A 283 7.84 -25.33 -5.10
CA ASP A 283 6.48 -24.87 -5.30
C ASP A 283 6.40 -23.39 -5.07
N ALA A 284 5.62 -22.75 -5.94
CA ALA A 284 5.28 -21.33 -5.83
C ALA A 284 6.55 -20.49 -5.83
N ALA A 285 7.41 -20.74 -6.81
CA ALA A 285 8.68 -20.01 -6.90
C ALA A 285 8.45 -18.55 -7.21
N ASP A 286 7.34 -18.25 -7.90
CA ASP A 286 6.98 -16.85 -8.21
C ASP A 286 6.39 -16.08 -7.02
N HIS A 287 6.27 -16.70 -5.86
CA HIS A 287 5.48 -16.11 -4.77
C HIS A 287 6.13 -16.20 -3.38
N ILE A 288 7.47 -16.26 -3.37
CA ILE A 288 8.24 -16.26 -2.13
C ILE A 288 9.47 -15.38 -2.27
N ASP A 289 10.04 -14.99 -1.15
CA ASP A 289 11.27 -14.23 -1.17
C ASP A 289 12.32 -15.03 -1.94
N ALA A 290 12.76 -14.49 -3.07
CA ALA A 290 13.73 -15.18 -3.91
C ALA A 290 15.08 -15.39 -3.23
N ASP A 291 15.26 -14.91 -2.00
CA ASP A 291 16.41 -15.28 -1.18
C ASP A 291 16.50 -16.78 -1.01
N VAL A 292 15.36 -17.45 -0.78
CA VAL A 292 15.34 -18.89 -0.53
C VAL A 292 15.78 -19.66 -1.76
N LEU A 293 15.50 -19.12 -2.94
CA LEU A 293 15.97 -19.71 -4.18
C LEU A 293 17.50 -19.70 -4.22
N ASP A 294 18.11 -18.60 -3.78
CA ASP A 294 19.55 -18.52 -3.64
C ASP A 294 20.07 -19.50 -2.59
N GLN A 295 19.49 -19.40 -1.41
CA GLN A 295 19.94 -20.17 -0.24
C GLN A 295 19.78 -21.69 -0.42
N THR A 296 18.86 -22.11 -1.28
CA THR A 296 18.67 -23.54 -1.58
C THR A 296 19.79 -24.05 -2.51
N GLY A 297 20.07 -23.29 -3.57
CA GLY A 297 21.21 -23.55 -4.44
C GLY A 297 22.52 -23.60 -3.69
N GLN A 298 22.65 -22.72 -2.71
CA GLN A 298 23.85 -22.66 -1.88
C GLN A 298 23.97 -23.93 -1.04
N LEU A 299 22.86 -24.37 -0.43
CA LEU A 299 22.85 -25.63 0.34
C LEU A 299 23.32 -26.80 -0.51
N MET A 300 22.68 -26.96 -1.67
CA MET A 300 22.96 -28.07 -2.58
C MET A 300 24.41 -28.05 -3.06
N ASP A 301 24.90 -26.87 -3.45
CA ASP A 301 26.29 -26.70 -3.87
C ASP A 301 27.24 -27.07 -2.73
N ASP A 302 26.92 -26.66 -1.52
CA ASP A 302 27.77 -26.98 -0.38
C ASP A 302 27.79 -28.47 -0.11
N MET A 303 26.62 -29.07 -0.03
CA MET A 303 26.50 -30.50 0.28
C MET A 303 27.08 -31.35 -0.83
N TYR A 304 26.77 -30.99 -2.07
CA TYR A 304 27.03 -31.86 -3.20
C TYR A 304 28.01 -31.31 -4.25
N HIS A 305 28.66 -30.18 -3.98
CA HIS A 305 29.74 -29.69 -4.83
C HIS A 305 29.35 -29.68 -6.30
N MET A 306 28.30 -28.93 -6.62
CA MET A 306 27.72 -28.96 -7.96
C MET A 306 28.35 -27.96 -8.93
N LYS A 307 28.99 -26.93 -8.40
CA LYS A 307 29.39 -25.76 -9.20
C LYS A 307 30.47 -26.13 -10.20
N GLY A 308 31.45 -26.89 -9.72
CA GLY A 308 32.53 -27.37 -10.58
C GLY A 308 32.11 -28.47 -11.55
N ASN A 309 31.26 -29.39 -11.10
CA ASN A 309 30.95 -30.64 -11.84
C ASN A 309 29.53 -30.67 -12.39
N PRO A 310 29.36 -30.60 -13.71
CA PRO A 310 28.04 -30.95 -14.24
C PRO A 310 27.51 -32.33 -13.80
N GLN A 311 28.40 -33.27 -13.47
CA GLN A 311 27.97 -34.61 -13.04
C GLN A 311 27.25 -34.57 -11.70
N ASN A 312 27.87 -33.92 -10.70
CA ASN A 312 27.24 -33.75 -9.40
C ASN A 312 25.95 -32.97 -9.58
N ALA A 313 26.05 -31.83 -10.25
CA ALA A 313 24.91 -30.95 -10.45
C ALA A 313 23.72 -31.73 -10.98
N ASN A 314 23.93 -32.48 -12.08
CA ASN A 314 22.82 -33.17 -12.76
C ASN A 314 22.24 -34.35 -11.99
N ASN A 315 22.98 -34.89 -11.02
CA ASN A 315 22.46 -35.92 -10.13
C ASN A 315 21.56 -35.33 -9.05
N HIS A 316 21.68 -34.03 -8.85
CA HIS A 316 20.90 -33.29 -7.89
C HIS A 316 20.10 -32.21 -8.59
N LEU A 317 19.21 -32.63 -9.47
CA LEU A 317 18.40 -31.70 -10.25
C LEU A 317 17.37 -30.98 -9.37
N SER A 318 17.17 -29.68 -9.60
CA SER A 318 16.07 -28.93 -8.95
C SER A 318 15.37 -28.03 -9.97
N TYR A 319 14.05 -27.90 -9.85
CA TYR A 319 13.27 -27.09 -10.80
C TYR A 319 12.15 -26.27 -10.14
N ASN A 320 12.08 -25.00 -10.54
CA ASN A 320 11.18 -24.03 -9.97
C ASN A 320 9.90 -23.98 -10.78
N GLU A 321 8.77 -24.03 -10.09
CA GLU A 321 7.47 -23.88 -10.72
C GLU A 321 7.28 -22.42 -10.98
N GLY A 322 6.89 -22.06 -12.20
CA GLY A 322 6.55 -20.68 -12.51
C GLY A 322 5.77 -20.53 -13.79
N TYR A 323 5.11 -19.38 -13.91
CA TYR A 323 4.41 -19.02 -15.14
C TYR A 323 4.81 -17.61 -15.60
N ARG A 324 6.00 -17.15 -15.22
CA ARG A 324 6.47 -15.80 -15.61
C ARG A 324 7.89 -15.80 -16.15
N SER A 325 8.04 -15.32 -17.38
CA SER A 325 9.30 -15.40 -18.12
C SER A 325 10.43 -14.57 -17.49
N SER A 326 10.07 -13.55 -16.71
CA SER A 326 11.02 -12.83 -15.88
C SER A 326 11.90 -13.74 -14.99
N ALA A 327 11.46 -14.97 -14.74
CA ALA A 327 12.25 -15.94 -13.97
C ALA A 327 13.46 -16.45 -14.74
N ALA A 328 13.38 -16.47 -16.07
CA ALA A 328 14.51 -16.94 -16.89
C ALA A 328 15.71 -16.08 -16.58
N ARG A 329 15.57 -14.78 -16.85
CA ARG A 329 16.61 -13.78 -16.56
C ARG A 329 17.09 -13.86 -15.10
N MET A 330 16.16 -14.04 -14.18
CA MET A 330 16.47 -14.12 -12.76
C MET A 330 17.41 -15.29 -12.48
N LEU A 331 17.09 -16.46 -12.99
CA LEU A 331 17.94 -17.62 -12.79
C LEU A 331 19.26 -17.52 -13.54
N ASN A 332 19.22 -17.02 -14.78
CA ASN A 332 20.44 -16.83 -15.56
C ASN A 332 21.46 -16.05 -14.74
N LYS A 333 21.05 -14.90 -14.21
CA LYS A 333 21.92 -14.03 -13.39
C LYS A 333 22.47 -14.72 -12.14
N LYS A 334 21.82 -15.78 -11.67
CA LYS A 334 22.25 -16.49 -10.46
C LYS A 334 23.08 -17.73 -10.78
N GLY A 335 23.40 -17.94 -12.06
CA GLY A 335 24.07 -19.17 -12.48
C GLY A 335 23.17 -20.40 -12.53
N ASN A 336 21.87 -20.18 -12.59
CA ASN A 336 20.88 -21.25 -12.77
C ASN A 336 20.96 -22.36 -11.72
N PRO A 337 20.77 -22.01 -10.44
CA PRO A 337 20.73 -23.02 -9.38
C PRO A 337 19.56 -23.98 -9.50
N GLN A 338 18.53 -23.57 -10.24
CA GLN A 338 17.40 -24.43 -10.57
C GLN A 338 16.98 -24.21 -12.02
N LEU A 339 16.19 -25.13 -12.54
CA LEU A 339 15.61 -25.02 -13.89
C LEU A 339 14.46 -24.02 -13.89
N TYR A 340 14.24 -23.37 -15.04
CA TYR A 340 13.13 -22.44 -15.23
C TYR A 340 11.97 -23.14 -15.92
N MET A 341 10.76 -23.04 -15.38
CA MET A 341 9.60 -23.68 -16.01
C MET A 341 9.18 -22.91 -17.26
N ASP A 342 9.49 -23.48 -18.41
CA ASP A 342 9.19 -22.89 -19.71
C ASP A 342 7.71 -23.04 -20.05
N TYR A 343 7.25 -22.21 -20.97
CA TYR A 343 5.81 -22.07 -21.29
C TYR A 343 5.38 -22.69 -22.63
N VAL A 344 6.26 -23.49 -23.25
CA VAL A 344 5.89 -24.19 -24.49
C VAL A 344 4.62 -25.04 -24.37
N GLY A 345 4.36 -25.54 -23.17
CA GLY A 345 3.08 -26.19 -22.85
C GLY A 345 1.87 -25.46 -23.41
N SER A 346 1.85 -24.14 -23.30
CA SER A 346 0.73 -23.33 -23.78
C SER A 346 0.82 -23.05 -25.29
N THR A 347 2.03 -22.84 -25.78
CA THR A 347 2.26 -22.76 -27.22
C THR A 347 1.66 -23.99 -27.89
N LEU A 348 1.98 -25.16 -27.33
CA LEU A 348 1.47 -26.44 -27.83
C LEU A 348 -0.06 -26.52 -27.79
N GLY A 349 -0.64 -26.20 -26.63
CA GLY A 349 -2.08 -26.26 -26.45
C GLY A 349 -2.82 -25.33 -27.39
N ASN A 350 -2.19 -24.20 -27.73
CA ASN A 350 -2.78 -23.20 -28.62
C ASN A 350 -2.63 -23.60 -30.09
N VAL A 351 -1.46 -24.12 -30.44
CA VAL A 351 -1.18 -24.55 -31.82
C VAL A 351 -1.83 -25.89 -32.15
N LEU A 352 -1.87 -26.82 -31.18
CA LEU A 352 -2.30 -28.20 -31.41
C LEU A 352 -3.52 -28.72 -30.64
N GLY A 353 -3.84 -28.08 -29.51
CA GLY A 353 -4.84 -28.58 -28.57
C GLY A 353 -6.26 -28.08 -28.75
N ARG A 354 -6.41 -26.89 -29.34
CA ARG A 354 -7.72 -26.24 -29.46
C ARG A 354 -8.67 -27.00 -30.38
N ALA A 355 -9.96 -26.89 -30.09
CA ALA A 355 -11.05 -27.27 -31.00
C ALA A 355 -10.73 -26.98 -32.48
N ASN A 356 -10.97 -25.75 -32.93
CA ASN A 356 -10.33 -25.20 -34.13
C ASN A 356 -10.42 -23.66 -34.14
N ASN A 357 -9.36 -23.06 -33.59
CA ASN A 357 -9.05 -21.64 -33.75
C ASN A 357 -7.56 -21.44 -33.43
N ARG A 358 -6.71 -22.16 -34.17
CA ARG A 358 -5.33 -22.45 -33.76
C ARG A 358 -4.30 -21.51 -34.35
N ASP A 359 -3.23 -21.26 -33.60
CA ASP A 359 -2.15 -20.40 -34.06
C ASP A 359 -1.39 -21.11 -35.16
N THR A 360 -0.77 -20.35 -36.07
CA THR A 360 0.00 -20.98 -37.14
C THR A 360 1.07 -21.87 -36.54
N ILE A 361 1.42 -22.89 -37.30
CA ILE A 361 2.33 -23.94 -36.84
C ILE A 361 3.66 -23.37 -36.32
N SER A 362 4.17 -22.34 -37.01
CA SER A 362 5.50 -21.82 -36.73
C SER A 362 5.67 -21.31 -35.29
N ASN A 363 4.55 -21.11 -34.59
CA ASN A 363 4.59 -20.74 -33.17
C ASN A 363 5.39 -21.71 -32.31
N LEU A 364 5.50 -22.99 -32.71
CA LEU A 364 6.26 -23.97 -31.94
C LEU A 364 7.76 -23.67 -31.97
N VAL A 365 8.18 -22.89 -32.96
CA VAL A 365 9.58 -22.49 -33.09
C VAL A 365 9.91 -21.32 -32.17
N THR A 366 9.04 -20.31 -32.13
CA THR A 366 9.30 -19.10 -31.36
C THR A 366 8.65 -19.09 -29.97
N GLY A 367 7.62 -19.91 -29.76
CA GLY A 367 6.82 -19.84 -28.55
C GLY A 367 7.40 -20.53 -27.34
N SER A 368 8.65 -20.20 -27.01
CA SER A 368 9.36 -20.86 -25.93
C SER A 368 10.47 -19.94 -25.44
N ILE A 369 11.05 -20.26 -24.29
CA ILE A 369 12.25 -19.56 -23.85
C ILE A 369 13.45 -19.89 -24.77
N VAL A 370 13.30 -20.93 -25.58
CA VAL A 370 14.29 -21.29 -26.58
C VAL A 370 13.70 -21.21 -28.00
N ASN A 371 14.33 -20.41 -28.85
CA ASN A 371 14.01 -20.41 -30.27
C ASN A 371 14.70 -21.62 -30.91
N ARG A 372 13.93 -22.47 -31.57
CA ARG A 372 14.43 -23.75 -32.08
C ARG A 372 14.39 -23.83 -33.61
N GLN A 373 14.47 -22.68 -34.27
CA GLN A 373 14.43 -22.62 -35.73
C GLN A 373 15.73 -23.13 -36.33
N ASN A 374 16.82 -23.00 -35.58
CA ASN A 374 18.06 -23.71 -35.89
C ASN A 374 18.94 -23.70 -34.65
N ASP A 375 18.53 -24.46 -33.63
CA ASP A 375 19.25 -24.54 -32.36
C ASP A 375 20.34 -25.58 -32.52
N VAL A 376 21.56 -25.09 -32.70
CA VAL A 376 22.71 -25.92 -33.04
C VAL A 376 23.94 -25.53 -32.21
N THR A 377 23.69 -25.16 -30.96
CA THR A 377 24.74 -24.77 -30.02
C THR A 377 24.39 -25.30 -28.64
N GLU A 378 25.40 -25.38 -27.77
CA GLU A 378 25.20 -25.80 -26.40
C GLU A 378 25.47 -24.64 -25.45
N ASN A 379 24.98 -24.77 -24.22
CA ASN A 379 25.33 -23.86 -23.13
C ASN A 379 24.86 -22.43 -23.32
N GLU A 380 23.96 -22.19 -24.27
CA GLU A 380 23.47 -20.84 -24.53
C GLU A 380 22.07 -20.62 -23.96
N ALA A 381 21.23 -21.64 -24.13
CA ALA A 381 19.85 -21.60 -23.67
C ALA A 381 19.74 -21.61 -22.16
N THR A 382 18.64 -21.03 -21.67
CA THR A 382 18.32 -21.01 -20.26
C THR A 382 17.91 -22.42 -19.83
N PRO A 383 18.65 -23.02 -18.90
CA PRO A 383 18.31 -24.37 -18.45
C PRO A 383 16.87 -24.41 -17.98
N ASN A 384 16.04 -25.20 -18.66
CA ASN A 384 14.61 -25.19 -18.43
C ASN A 384 13.98 -26.58 -18.39
N TRP A 385 12.78 -26.64 -17.82
CA TRP A 385 11.94 -27.83 -17.86
C TRP A 385 10.61 -27.45 -18.52
N SER A 386 10.15 -28.32 -19.41
CA SER A 386 8.93 -28.07 -20.20
C SER A 386 7.91 -29.17 -19.92
N TYR A 387 6.65 -28.95 -20.34
CA TYR A 387 5.59 -29.94 -20.10
C TYR A 387 4.45 -29.81 -21.12
N VAL A 388 3.73 -30.91 -21.31
CA VAL A 388 2.48 -30.88 -22.09
C VAL A 388 1.30 -30.62 -21.15
N THR A 389 1.37 -31.21 -19.97
CA THR A 389 0.31 -31.12 -18.99
C THR A 389 0.94 -31.23 -17.61
N ASN A 390 0.25 -30.68 -16.62
CA ASN A 390 0.59 -30.88 -15.22
C ASN A 390 -0.69 -30.87 -14.41
N HIS A 391 -0.57 -31.09 -13.11
CA HIS A 391 -1.73 -31.21 -12.24
C HIS A 391 -2.66 -29.99 -12.34
N ASP A 392 -2.10 -28.79 -12.23
CA ASP A 392 -2.88 -27.56 -12.30
C ASP A 392 -3.49 -27.28 -13.67
N SER A 393 -2.89 -27.79 -14.75
CA SER A 393 -3.46 -27.56 -16.08
C SER A 393 -4.68 -28.44 -16.31
N ARG A 394 -4.69 -29.61 -15.68
CA ARG A 394 -5.82 -30.52 -15.74
C ARG A 394 -6.98 -30.04 -14.89
N ALA A 395 -6.65 -29.62 -13.66
CA ALA A 395 -7.65 -29.11 -12.73
C ALA A 395 -8.49 -27.97 -13.31
N ASN A 396 -7.82 -27.05 -14.00
CA ASN A 396 -8.49 -25.88 -14.59
C ASN A 396 -9.43 -26.26 -15.76
N LEU A 397 -9.25 -27.45 -16.33
CA LEU A 397 -10.18 -27.97 -17.34
C LEU A 397 -11.39 -28.58 -16.63
N ILE A 398 -11.12 -29.43 -15.65
CA ILE A 398 -12.18 -30.16 -14.93
C ILE A 398 -13.03 -29.17 -14.13
N ASN A 399 -12.40 -28.38 -13.26
CA ASN A 399 -13.03 -27.14 -12.76
C ASN A 399 -13.32 -26.31 -14.01
N GLY A 400 -14.47 -25.67 -14.07
CA GLY A 400 -14.90 -24.99 -15.30
C GLY A 400 -15.89 -25.87 -16.04
N LEU A 401 -15.49 -27.12 -16.28
CA LEU A 401 -16.45 -28.15 -16.67
C LEU A 401 -17.34 -28.52 -15.46
N ILE A 402 -16.86 -28.26 -14.24
CA ILE A 402 -17.68 -28.34 -13.04
C ILE A 402 -18.63 -27.11 -12.92
N SER A 403 -18.17 -25.95 -13.37
CA SER A 403 -18.97 -24.72 -13.37
C SER A 403 -20.12 -24.73 -14.41
N LYS A 404 -20.12 -25.72 -15.31
CA LYS A 404 -21.26 -25.94 -16.21
C LYS A 404 -22.19 -27.06 -15.76
N ASP A 405 -21.71 -27.95 -14.89
CA ASP A 405 -22.55 -28.96 -14.23
C ASP A 405 -23.35 -28.31 -13.09
N HIS A 406 -22.65 -27.57 -12.24
CA HIS A 406 -23.26 -26.86 -11.11
C HIS A 406 -22.71 -25.42 -11.10
N PRO A 407 -23.57 -24.42 -11.44
CA PRO A 407 -23.11 -23.14 -11.98
C PRO A 407 -22.37 -22.23 -11.00
N GLY A 408 -21.04 -22.14 -11.13
CA GLY A 408 -20.18 -21.37 -10.21
C GLY A 408 -20.74 -21.37 -8.79
N ALA A 409 -21.34 -22.49 -8.41
CA ALA A 409 -22.25 -22.53 -7.27
C ALA A 409 -21.55 -23.10 -6.04
N TYR A 410 -21.50 -24.43 -5.97
CA TYR A 410 -20.96 -25.14 -4.82
C TYR A 410 -20.27 -26.42 -5.30
N LYS A 411 -18.94 -26.38 -5.34
CA LYS A 411 -18.12 -27.55 -5.71
C LYS A 411 -18.07 -28.60 -4.59
N ALA A 412 -18.10 -28.14 -3.34
CA ALA A 412 -17.97 -29.00 -2.14
C ALA A 412 -19.07 -30.08 -2.08
N GLU A 413 -19.05 -30.97 -3.08
CA GLU A 413 -20.08 -31.95 -3.32
C GLU A 413 -19.63 -32.90 -4.44
N TYR A 414 -20.58 -33.69 -4.96
CA TYR A 414 -20.29 -34.86 -5.80
C TYR A 414 -20.28 -34.50 -7.29
N ALA A 415 -19.66 -33.38 -7.62
CA ALA A 415 -19.64 -32.91 -9.00
C ALA A 415 -18.64 -33.64 -9.91
N ASN A 416 -17.98 -34.70 -9.40
CA ASN A 416 -17.18 -35.70 -10.17
C ASN A 416 -17.47 -35.76 -11.66
N GLN A 417 -18.71 -36.17 -11.94
CA GLN A 417 -19.25 -36.48 -13.28
C GLN A 417 -18.60 -35.79 -14.45
N ALA A 418 -18.01 -34.61 -14.23
CA ALA A 418 -17.13 -33.99 -15.21
C ALA A 418 -16.08 -34.97 -15.71
N TRP A 419 -15.55 -35.79 -14.80
CA TRP A 419 -14.58 -36.82 -15.16
C TRP A 419 -15.16 -37.89 -16.07
N GLN A 420 -16.25 -38.52 -15.66
CA GLN A 420 -16.97 -39.44 -16.53
C GLN A 420 -17.21 -38.80 -17.91
N GLU A 421 -17.59 -37.53 -17.87
CA GLU A 421 -17.87 -36.73 -19.06
C GLU A 421 -16.59 -36.32 -19.80
N PHE A 422 -15.50 -36.17 -19.06
CA PHE A 422 -14.18 -35.86 -19.64
C PHE A 422 -13.60 -37.07 -20.36
N TYR A 423 -13.55 -38.20 -19.64
CA TYR A 423 -13.10 -39.48 -20.21
C TYR A 423 -13.89 -39.83 -21.45
N ALA A 424 -15.20 -39.55 -21.41
CA ALA A 424 -16.05 -39.81 -22.57
C ALA A 424 -15.68 -38.86 -23.71
N ASP A 425 -15.36 -37.60 -23.38
CA ASP A 425 -14.90 -36.63 -24.38
C ASP A 425 -13.52 -36.95 -24.96
N GLN A 426 -12.62 -37.47 -24.13
CA GLN A 426 -11.26 -37.79 -24.56
C GLN A 426 -11.21 -38.83 -25.69
N LYS A 427 -12.19 -39.72 -25.72
CA LYS A 427 -12.28 -40.77 -26.76
C LYS A 427 -12.87 -40.27 -28.09
N LYS A 428 -13.55 -39.12 -28.08
CA LYS A 428 -14.23 -38.62 -29.29
C LYS A 428 -13.24 -38.12 -30.33
N THR A 429 -13.74 -37.96 -31.55
CA THR A 429 -13.01 -37.27 -32.61
C THR A 429 -13.25 -35.76 -32.47
N ASP A 430 -14.52 -35.35 -32.48
CA ASP A 430 -14.86 -33.95 -32.16
C ASP A 430 -14.89 -33.77 -30.63
N LYS A 431 -13.74 -33.43 -30.05
CA LYS A 431 -13.63 -33.18 -28.61
C LYS A 431 -14.24 -31.82 -28.21
N GLN A 432 -15.24 -31.85 -27.34
CA GLN A 432 -15.84 -30.62 -26.80
C GLN A 432 -14.95 -29.92 -25.76
N TYR A 433 -14.08 -30.66 -25.08
CA TYR A 433 -13.38 -30.16 -23.90
C TYR A 433 -11.88 -30.48 -23.90
N ALA A 434 -11.56 -31.77 -23.94
CA ALA A 434 -10.17 -32.25 -23.80
C ALA A 434 -9.23 -31.81 -24.92
N GLN A 435 -7.93 -31.89 -24.63
CA GLN A 435 -6.89 -31.51 -25.59
C GLN A 435 -6.85 -32.40 -26.82
N TYR A 436 -6.75 -31.75 -27.98
CA TYR A 436 -6.51 -32.40 -29.27
C TYR A 436 -5.01 -32.68 -29.47
N ASN A 437 -4.67 -33.61 -30.36
CA ASN A 437 -3.28 -33.91 -30.70
C ASN A 437 -2.39 -34.13 -29.47
N VAL A 438 -2.89 -34.85 -28.48
CA VAL A 438 -2.11 -35.11 -27.27
C VAL A 438 -0.78 -35.77 -27.63
N PRO A 439 -0.80 -36.80 -28.50
CA PRO A 439 0.43 -37.47 -28.89
C PRO A 439 1.36 -36.56 -29.69
N ALA A 440 0.80 -35.78 -30.61
CA ALA A 440 1.59 -34.81 -31.36
C ALA A 440 2.25 -33.78 -30.45
N GLN A 441 1.59 -33.41 -29.35
CA GLN A 441 2.18 -32.48 -28.39
C GLN A 441 3.37 -33.10 -27.64
N TYR A 442 3.29 -34.40 -27.33
CA TYR A 442 4.40 -35.08 -26.66
C TYR A 442 5.55 -35.37 -27.63
N ALA A 443 5.21 -35.56 -28.91
CA ALA A 443 6.22 -35.78 -29.95
C ALA A 443 7.14 -34.57 -30.06
N ILE A 444 6.54 -33.38 -30.11
CA ILE A 444 7.29 -32.13 -30.14
C ILE A 444 8.06 -31.92 -28.85
N LEU A 445 7.41 -32.15 -27.71
CA LEU A 445 8.04 -31.96 -26.40
C LEU A 445 9.28 -32.84 -26.22
N LEU A 446 9.16 -34.11 -26.60
CA LEU A 446 10.22 -35.08 -26.31
C LEU A 446 11.33 -35.10 -27.34
N SER A 447 11.20 -34.32 -28.41
CA SER A 447 12.23 -34.23 -29.43
C SER A 447 12.94 -32.87 -29.38
N ASN A 448 12.54 -32.02 -28.44
CA ASN A 448 13.07 -30.66 -28.35
C ASN A 448 14.41 -30.62 -27.63
N LYS A 449 15.37 -29.95 -28.27
CA LYS A 449 16.70 -29.70 -27.73
C LYS A 449 16.61 -28.61 -26.66
N ASP A 450 17.60 -28.59 -25.77
CA ASP A 450 17.71 -27.61 -24.70
C ASP A 450 16.46 -27.50 -23.82
N THR A 451 16.07 -28.65 -23.27
CA THR A 451 15.04 -28.71 -22.24
C THR A 451 15.09 -30.05 -21.54
N VAL A 452 14.47 -30.11 -20.36
CA VAL A 452 14.25 -31.36 -19.67
C VAL A 452 12.75 -31.53 -19.67
N PRO A 453 12.21 -32.46 -20.47
CA PRO A 453 10.76 -32.61 -20.54
C PRO A 453 10.16 -33.28 -19.31
N GLN A 454 8.92 -32.89 -19.00
CA GLN A 454 8.19 -33.41 -17.86
C GLN A 454 6.91 -34.11 -18.30
N ILE A 455 6.82 -35.39 -17.96
CA ILE A 455 5.67 -36.24 -18.29
C ILE A 455 4.66 -36.17 -17.14
N TYR A 456 3.37 -36.17 -17.48
CA TYR A 456 2.29 -36.06 -16.48
C TYR A 456 1.63 -37.40 -16.20
N TYR A 457 1.72 -37.89 -14.97
CA TYR A 457 1.04 -39.14 -14.57
C TYR A 457 -0.32 -39.34 -15.24
N GLY A 458 -1.18 -38.34 -15.15
CA GLY A 458 -2.53 -38.41 -15.71
C GLY A 458 -2.68 -38.48 -17.23
N ASP A 459 -1.59 -38.41 -17.97
CA ASP A 459 -1.60 -38.63 -19.43
C ASP A 459 -1.31 -40.09 -19.80
N LEU A 460 -0.53 -40.77 -18.97
CA LEU A 460 -0.24 -42.18 -19.16
C LEU A 460 -1.35 -43.03 -18.56
N TYR A 461 -1.91 -42.59 -17.44
CA TYR A 461 -2.93 -43.36 -16.74
C TYR A 461 -4.23 -42.56 -16.62
N ASN A 462 -5.34 -43.26 -16.35
CA ASN A 462 -6.60 -42.60 -16.01
C ASN A 462 -6.49 -42.18 -14.55
N GLU A 463 -6.25 -40.89 -14.34
CA GLU A 463 -5.75 -40.36 -13.06
C GLU A 463 -6.67 -40.56 -11.86
N THR A 464 -7.98 -40.50 -12.09
CA THR A 464 -8.98 -40.68 -11.02
C THR A 464 -9.20 -42.14 -10.62
N ALA A 465 -8.65 -43.08 -11.38
CA ALA A 465 -8.70 -44.49 -10.99
C ALA A 465 -7.67 -44.71 -9.89
N GLN A 466 -7.69 -45.89 -9.28
CA GLN A 466 -6.66 -46.19 -8.29
C GLN A 466 -5.28 -46.09 -8.97
N TYR A 467 -4.27 -45.75 -8.18
CA TYR A 467 -2.94 -45.46 -8.70
C TYR A 467 -2.41 -46.52 -9.69
N MET A 468 -2.38 -46.14 -10.97
CA MET A 468 -1.77 -46.94 -12.05
C MET A 468 -2.55 -48.22 -12.42
N GLN A 469 -3.80 -48.33 -11.97
CA GLN A 469 -4.64 -49.49 -12.27
C GLN A 469 -5.05 -49.49 -13.75
N GLU A 470 -5.20 -48.30 -14.33
CA GLU A 470 -5.70 -48.17 -15.69
C GLU A 470 -4.78 -47.32 -16.55
N LYS A 471 -4.38 -47.86 -17.69
CA LYS A 471 -3.63 -47.11 -18.67
C LYS A 471 -4.58 -46.18 -19.41
N SER A 472 -4.05 -45.04 -19.85
CA SER A 472 -4.79 -44.08 -20.65
C SER A 472 -4.84 -44.54 -22.10
N ILE A 473 -5.66 -43.88 -22.92
CA ILE A 473 -5.66 -44.15 -24.36
C ILE A 473 -4.43 -43.56 -25.06
N TYR A 474 -3.66 -42.75 -24.34
CA TYR A 474 -2.44 -42.15 -24.87
C TYR A 474 -1.18 -42.79 -24.32
N TYR A 475 -1.32 -43.87 -23.56
CA TYR A 475 -0.18 -44.62 -23.04
C TYR A 475 0.74 -45.13 -24.16
N ASP A 476 0.22 -46.04 -24.98
CA ASP A 476 1.01 -46.62 -26.06
C ASP A 476 1.76 -45.53 -26.83
N ALA A 477 1.06 -44.47 -27.20
CA ALA A 477 1.65 -43.39 -28.01
C ALA A 477 2.73 -42.57 -27.28
N ILE A 478 2.50 -42.27 -26.01
CA ILE A 478 3.45 -41.46 -25.25
C ILE A 478 4.65 -42.31 -24.78
N THR A 479 4.40 -43.51 -24.29
CA THR A 479 5.48 -44.40 -23.83
C THR A 479 6.40 -44.83 -24.98
N THR A 480 5.82 -44.98 -26.17
CA THR A 480 6.60 -45.23 -27.37
C THR A 480 7.51 -44.06 -27.70
N LEU A 481 7.00 -42.84 -27.55
CA LEU A 481 7.80 -41.64 -27.81
C LEU A 481 8.90 -41.43 -26.77
N MET A 482 8.57 -41.70 -25.51
CA MET A 482 9.55 -41.62 -24.42
C MET A 482 10.72 -42.56 -24.60
N LYS A 483 10.41 -43.81 -24.96
CA LYS A 483 11.43 -44.83 -25.21
C LYS A 483 12.28 -44.51 -26.43
N ALA A 484 11.66 -43.90 -27.44
CA ALA A 484 12.37 -43.46 -28.64
C ALA A 484 13.33 -42.31 -28.32
N ARG A 485 12.92 -41.44 -27.41
CA ARG A 485 13.76 -40.32 -26.99
C ARG A 485 15.12 -40.85 -26.54
N LYS A 486 15.11 -41.81 -25.63
CA LYS A 486 16.37 -42.32 -25.09
C LYS A 486 17.23 -43.03 -26.16
N GLN A 487 16.61 -43.71 -27.11
CA GLN A 487 17.36 -44.41 -28.16
C GLN A 487 17.92 -43.46 -29.23
N PHE A 488 17.26 -42.32 -29.47
CA PHE A 488 17.52 -41.54 -30.70
C PHE A 488 17.73 -40.01 -30.66
N VAL A 489 17.42 -39.34 -29.55
CA VAL A 489 17.36 -37.87 -29.57
C VAL A 489 18.61 -37.21 -29.02
N SER A 490 19.38 -36.63 -29.93
CA SER A 490 20.56 -35.87 -29.55
C SER A 490 21.01 -35.03 -30.74
N GLY A 491 21.96 -34.14 -30.50
CA GLY A 491 22.49 -33.27 -31.54
C GLY A 491 21.70 -31.98 -31.72
N GLY A 492 22.01 -31.28 -32.80
CA GLY A 492 21.33 -30.05 -33.14
C GLY A 492 19.87 -30.26 -33.47
N GLN A 493 19.13 -29.17 -33.52
CA GLN A 493 17.72 -29.21 -33.87
C GLN A 493 17.43 -28.15 -34.90
N THR A 494 16.51 -28.47 -35.80
CA THR A 494 16.05 -27.54 -36.80
C THR A 494 14.58 -27.79 -37.04
N MET A 495 13.79 -26.72 -36.95
CA MET A 495 12.36 -26.78 -37.23
C MET A 495 12.11 -25.95 -38.46
N THR A 496 11.72 -26.58 -39.57
CA THR A 496 11.36 -25.85 -40.79
C THR A 496 9.87 -25.99 -41.08
N LYS A 497 9.22 -24.85 -41.31
CA LYS A 497 7.84 -24.82 -41.72
C LYS A 497 7.80 -25.26 -43.17
N LEU A 498 6.97 -26.25 -43.48
CA LEU A 498 6.63 -26.55 -44.87
C LEU A 498 5.33 -25.77 -45.18
N SER A 499 4.29 -26.41 -45.73
CA SER A 499 3.12 -25.65 -46.17
C SER A 499 2.22 -25.28 -45.01
N ASP A 500 2.00 -23.97 -44.85
CA ASP A 500 0.87 -23.37 -44.12
C ASP A 500 0.60 -23.86 -42.69
N ASN A 501 0.41 -25.17 -42.55
CA ASN A 501 0.05 -25.77 -41.26
C ASN A 501 0.87 -27.03 -40.95
N LEU A 502 2.07 -27.12 -41.50
CA LEU A 502 2.88 -28.34 -41.39
C LEU A 502 4.35 -28.02 -41.15
N ILE A 503 4.87 -28.51 -40.02
CA ILE A 503 6.27 -28.30 -39.64
C ILE A 503 7.03 -29.62 -39.57
N ALA A 504 8.35 -29.54 -39.77
CA ALA A 504 9.24 -30.66 -39.56
C ALA A 504 10.28 -30.28 -38.52
N SER A 505 10.33 -31.03 -37.42
CA SER A 505 11.34 -30.84 -36.39
C SER A 505 12.35 -31.97 -36.49
N VAL A 506 13.60 -31.65 -36.79
CA VAL A 506 14.64 -32.66 -36.96
C VAL A 506 15.70 -32.59 -35.85
N ARG A 507 16.09 -33.74 -35.33
CA ARG A 507 17.27 -33.85 -34.49
C ARG A 507 18.32 -34.64 -35.27
N TYR A 508 19.55 -34.15 -35.29
CA TYR A 508 20.54 -34.63 -36.26
C TYR A 508 21.24 -35.91 -35.79
N GLY A 509 21.50 -36.05 -34.50
CA GLY A 509 22.04 -37.30 -33.95
C GLY A 509 23.03 -36.98 -32.85
N LYS A 510 23.54 -37.99 -32.14
CA LYS A 510 24.55 -37.72 -31.12
C LYS A 510 25.87 -37.34 -31.79
N GLY A 511 26.41 -36.17 -31.42
CA GLY A 511 27.62 -35.67 -32.04
C GLY A 511 27.43 -35.18 -33.46
N VAL A 512 26.18 -34.94 -33.86
CA VAL A 512 25.89 -34.27 -35.11
C VAL A 512 25.33 -32.91 -34.71
N THR A 513 26.16 -31.88 -34.78
CA THR A 513 25.81 -30.60 -34.16
C THR A 513 24.91 -29.73 -35.04
N ASN A 514 25.00 -29.88 -36.36
CA ASN A 514 24.05 -29.23 -37.29
C ASN A 514 23.96 -29.98 -38.62
N ALA A 515 23.02 -29.57 -39.48
CA ALA A 515 22.75 -30.23 -40.76
C ALA A 515 23.98 -30.54 -41.62
N ASN A 516 25.09 -29.84 -41.40
CA ASN A 516 26.29 -30.04 -42.21
C ASN A 516 27.41 -30.85 -41.56
N SER A 517 27.25 -31.24 -40.30
CA SER A 517 28.26 -32.06 -39.61
C SER A 517 28.39 -33.46 -40.23
N GLU A 518 29.61 -33.98 -40.23
CA GLU A 518 29.87 -35.35 -40.66
C GLU A 518 29.40 -36.37 -39.61
N GLY A 519 29.27 -35.91 -38.37
CA GLY A 519 29.04 -36.79 -37.23
C GLY A 519 30.37 -37.11 -36.57
N THR A 520 30.34 -37.29 -35.26
CA THR A 520 31.54 -37.60 -34.48
C THR A 520 31.45 -38.82 -33.55
N ASP A 521 30.24 -39.28 -33.22
CA ASP A 521 30.09 -40.41 -32.29
C ASP A 521 29.85 -41.71 -33.07
N SER A 522 30.10 -42.85 -32.45
CA SER A 522 29.71 -44.12 -33.09
C SER A 522 28.21 -44.09 -33.42
N LEU A 523 27.42 -43.56 -32.50
CA LEU A 523 25.98 -43.54 -32.64
C LEU A 523 25.44 -42.44 -33.59
N SER A 524 26.32 -41.55 -34.05
CA SER A 524 25.94 -40.48 -34.99
C SER A 524 25.19 -41.00 -36.21
N ARG A 525 25.77 -41.97 -36.88
CA ARG A 525 25.17 -42.49 -38.11
C ARG A 525 23.74 -42.90 -37.85
N THR A 526 23.55 -43.74 -36.84
CA THR A 526 22.28 -44.37 -36.56
C THR A 526 21.53 -43.71 -35.40
N SER A 527 21.52 -42.38 -35.35
CA SER A 527 20.69 -41.65 -34.39
C SER A 527 20.07 -40.41 -35.05
N GLY A 528 19.29 -39.65 -34.27
CA GLY A 528 18.51 -38.55 -34.82
C GLY A 528 17.08 -38.99 -35.06
N MET A 529 16.18 -38.01 -35.21
CA MET A 529 14.75 -38.27 -35.37
C MET A 529 14.10 -37.13 -36.15
N ALA A 530 13.12 -37.46 -36.98
CA ALA A 530 12.32 -36.45 -37.68
C ALA A 530 10.90 -36.52 -37.16
N VAL A 531 10.38 -35.39 -36.68
CA VAL A 531 9.04 -35.30 -36.12
C VAL A 531 8.21 -34.36 -36.99
N ILE A 532 7.38 -34.94 -37.85
CA ILE A 532 6.54 -34.18 -38.76
C ILE A 532 5.19 -33.94 -38.10
N VAL A 533 4.77 -32.68 -38.04
CA VAL A 533 3.52 -32.31 -37.38
C VAL A 533 2.72 -31.31 -38.21
N GLY A 534 1.45 -31.64 -38.43
CA GLY A 534 0.48 -30.72 -39.02
C GLY A 534 -0.64 -30.46 -38.02
N ASN A 535 -1.36 -29.36 -38.18
CA ASN A 535 -2.45 -29.01 -37.24
C ASN A 535 -3.80 -28.74 -37.92
N ASN A 536 -3.90 -29.10 -39.20
CA ASN A 536 -5.09 -28.88 -39.98
C ASN A 536 -5.65 -30.25 -40.44
N PRO A 537 -6.80 -30.65 -39.86
CA PRO A 537 -7.48 -31.90 -40.23
C PRO A 537 -7.77 -32.08 -41.71
N GLN A 538 -8.04 -30.98 -42.42
CA GLN A 538 -8.35 -31.07 -43.85
C GLN A 538 -7.18 -30.64 -44.75
N MET A 539 -5.95 -30.76 -44.24
CA MET A 539 -4.76 -30.53 -45.05
C MET A 539 -4.75 -31.50 -46.23
N ALA A 540 -4.29 -31.04 -47.39
CA ALA A 540 -4.33 -31.86 -48.61
C ALA A 540 -3.19 -32.88 -48.69
N GLU A 541 -3.30 -33.79 -49.65
CA GLU A 541 -2.27 -34.82 -49.85
C GLU A 541 -1.07 -34.19 -50.52
N GLN A 542 0.12 -34.46 -50.00
CA GLN A 542 1.34 -33.89 -50.57
C GLN A 542 2.58 -34.68 -50.15
N THR A 543 3.60 -34.60 -51.00
CA THR A 543 4.91 -35.13 -50.67
C THR A 543 5.77 -33.98 -50.16
N ILE A 544 6.43 -34.19 -49.02
CA ILE A 544 7.30 -33.18 -48.42
C ILE A 544 8.72 -33.69 -48.40
N SER A 545 9.67 -32.84 -48.00
CA SER A 545 11.07 -33.26 -47.94
C SER A 545 11.74 -32.72 -46.69
N ILE A 546 12.26 -33.64 -45.87
CA ILE A 546 12.90 -33.35 -44.60
C ILE A 546 14.40 -33.55 -44.74
N ASN A 547 15.19 -32.53 -44.36
CA ASN A 547 16.65 -32.66 -44.35
C ASN A 547 17.05 -33.35 -43.04
N MET A 548 17.48 -34.59 -43.14
CA MET A 548 17.82 -35.38 -41.95
C MET A 548 19.23 -35.11 -41.44
N GLY A 549 19.99 -34.34 -42.23
CA GLY A 549 21.40 -34.05 -41.94
C GLY A 549 22.29 -34.69 -43.00
N ARG A 550 23.50 -34.15 -43.15
CA ARG A 550 24.45 -34.70 -44.14
C ARG A 550 25.14 -35.96 -43.64
N ALA A 551 25.08 -36.18 -42.32
CA ALA A 551 25.56 -37.44 -41.75
C ALA A 551 24.64 -38.61 -42.11
N HIS A 552 23.52 -38.34 -42.77
CA HIS A 552 22.48 -39.34 -43.02
C HIS A 552 22.15 -39.55 -44.49
N ALA A 553 23.15 -39.41 -45.36
CA ALA A 553 22.99 -39.76 -46.77
C ALA A 553 22.76 -41.26 -46.92
N ASN A 554 21.89 -41.64 -47.85
CA ASN A 554 21.64 -43.04 -48.19
C ASN A 554 21.45 -43.91 -46.93
N GLU A 555 20.55 -43.48 -46.05
CA GLU A 555 20.30 -44.20 -44.80
C GLU A 555 18.85 -44.65 -44.72
N GLN A 556 18.63 -45.88 -44.27
CA GLN A 556 17.30 -46.48 -44.18
C GLN A 556 16.61 -45.97 -42.90
N TYR A 557 15.33 -45.61 -42.97
CA TYR A 557 14.63 -45.04 -41.82
C TYR A 557 13.34 -45.78 -41.49
N ARG A 558 13.08 -46.01 -40.20
CA ARG A 558 11.88 -46.71 -39.76
C ARG A 558 10.72 -45.76 -39.48
N ASN A 559 9.52 -46.16 -39.92
CA ASN A 559 8.29 -45.42 -39.65
C ASN A 559 7.79 -45.75 -38.24
N LEU A 560 8.42 -45.14 -37.26
CA LEU A 560 8.13 -45.38 -35.84
C LEU A 560 6.66 -45.21 -35.49
N LEU A 561 6.07 -44.17 -36.06
CA LEU A 561 4.70 -43.78 -35.72
C LEU A 561 4.13 -42.97 -36.87
N ASP A 562 2.96 -43.40 -37.38
CA ASP A 562 2.28 -42.69 -38.46
C ASP A 562 0.79 -42.60 -38.16
N THR A 563 0.03 -41.97 -39.04
CA THR A 563 -1.35 -41.67 -38.77
C THR A 563 -2.30 -42.43 -39.69
N THR A 564 -3.26 -43.12 -39.09
CA THR A 564 -4.32 -43.83 -39.79
C THR A 564 -5.65 -43.08 -39.63
N ASP A 565 -6.70 -43.64 -40.21
CA ASP A 565 -8.05 -43.10 -40.03
C ASP A 565 -8.56 -43.33 -38.61
N ASN A 566 -8.38 -44.55 -38.10
CA ASN A 566 -8.87 -44.92 -36.78
C ASN A 566 -8.03 -44.25 -35.68
N GLY A 567 -6.73 -44.12 -35.92
CA GLY A 567 -5.85 -43.48 -34.96
C GLY A 567 -4.38 -43.43 -35.34
N LEU A 568 -3.60 -44.31 -34.71
CA LEU A 568 -2.16 -44.36 -34.91
C LEU A 568 -1.69 -45.77 -35.18
N THR A 569 -0.59 -45.91 -35.91
CA THR A 569 0.05 -47.20 -36.10
C THR A 569 1.54 -47.10 -35.83
N TYR A 570 2.09 -48.19 -35.31
CA TYR A 570 3.52 -48.26 -34.99
C TYR A 570 4.23 -49.22 -35.95
N ASN A 571 3.53 -49.60 -37.02
CA ASN A 571 4.03 -50.59 -37.98
C ASN A 571 3.78 -50.17 -39.42
N ALA A 572 3.55 -48.87 -39.66
CA ALA A 572 3.23 -48.35 -41.00
C ALA A 572 1.96 -48.96 -41.60
N ASP A 573 1.15 -49.58 -40.75
CA ASP A 573 -0.01 -50.34 -41.19
C ASP A 573 -1.17 -49.40 -41.48
N GLY A 574 -1.56 -49.29 -42.74
CA GLY A 574 -2.66 -48.44 -43.15
C GLY A 574 -2.39 -46.96 -42.89
N ALA A 575 -1.18 -46.54 -43.23
CA ALA A 575 -0.79 -45.14 -43.13
C ALA A 575 -0.38 -44.65 -44.50
N GLU A 576 0.17 -43.44 -44.56
CA GLU A 576 0.55 -42.83 -45.83
C GLU A 576 1.86 -43.39 -46.39
N ASN A 577 2.68 -43.96 -45.52
CA ASN A 577 4.03 -44.38 -45.90
C ASN A 577 4.31 -45.83 -45.53
N PRO A 578 5.26 -46.47 -46.23
CA PRO A 578 5.69 -47.83 -45.88
C PRO A 578 6.62 -47.84 -44.67
N GLU A 579 6.85 -49.03 -44.12
CA GLU A 579 7.62 -49.22 -42.88
C GLU A 579 9.05 -48.66 -42.96
N THR A 580 9.66 -48.69 -44.14
CA THR A 580 10.97 -48.07 -44.34
C THR A 580 10.92 -47.09 -45.50
N LEU A 581 11.72 -46.04 -45.37
CA LEU A 581 12.04 -45.16 -46.48
C LEU A 581 13.52 -44.84 -46.38
N THR A 582 14.11 -44.41 -47.49
CA THR A 582 15.54 -44.18 -47.54
C THR A 582 15.84 -42.78 -48.05
N THR A 583 16.86 -42.15 -47.47
CA THR A 583 17.30 -40.83 -47.89
C THR A 583 18.04 -40.91 -49.21
N ASP A 584 18.31 -39.74 -49.82
CA ASP A 584 19.13 -39.66 -51.03
C ASP A 584 20.59 -39.39 -50.62
N ASP A 585 21.41 -38.87 -51.52
CA ASP A 585 22.85 -38.69 -51.24
C ASP A 585 23.18 -37.41 -50.43
N ASN A 586 22.18 -36.55 -50.22
CA ASN A 586 22.35 -35.32 -49.42
C ASN A 586 21.65 -35.40 -48.06
N GLY A 587 20.88 -36.46 -47.82
CA GLY A 587 20.20 -36.64 -46.54
C GLY A 587 18.73 -36.28 -46.53
N ILE A 588 18.17 -36.00 -47.70
CA ILE A 588 16.76 -35.62 -47.80
C ILE A 588 15.88 -36.87 -47.81
N LEU A 589 14.80 -36.83 -47.04
CA LEU A 589 13.84 -37.93 -46.93
C LEU A 589 12.44 -37.48 -47.42
N LYS A 590 12.02 -37.99 -48.58
CA LYS A 590 10.72 -37.66 -49.15
C LYS A 590 9.62 -38.48 -48.44
N VAL A 591 8.58 -37.80 -47.98
CA VAL A 591 7.52 -38.42 -47.17
C VAL A 591 6.15 -37.91 -47.63
N THR A 592 5.18 -38.81 -47.69
CA THR A 592 3.80 -38.44 -48.03
C THR A 592 3.04 -38.06 -46.77
N VAL A 593 2.21 -37.02 -46.87
CA VAL A 593 1.38 -36.56 -45.75
C VAL A 593 0.04 -36.00 -46.21
N LYS A 594 -1.00 -36.20 -45.41
CA LYS A 594 -2.28 -35.51 -45.57
C LYS A 594 -2.90 -35.27 -44.19
N GLY A 595 -4.02 -34.55 -44.17
CA GLY A 595 -4.73 -34.27 -42.94
C GLY A 595 -5.60 -35.43 -42.50
N TYR A 596 -5.77 -35.58 -41.20
CA TYR A 596 -6.59 -36.64 -40.61
C TYR A 596 -7.49 -36.07 -39.52
N SER A 597 -8.51 -36.85 -39.15
CA SER A 597 -9.44 -36.43 -38.10
C SER A 597 -9.93 -37.64 -37.30
N ASN A 598 -9.36 -37.80 -36.09
CA ASN A 598 -9.63 -38.96 -35.25
C ASN A 598 -9.23 -38.64 -33.80
N PRO A 599 -9.59 -39.51 -32.84
CA PRO A 599 -9.29 -39.25 -31.41
C PRO A 599 -7.85 -38.85 -31.05
N TYR A 600 -6.88 -39.27 -31.87
CA TYR A 600 -5.46 -39.08 -31.59
C TYR A 600 -4.79 -37.97 -32.42
N VAL A 601 -5.29 -37.72 -33.62
CA VAL A 601 -4.66 -36.77 -34.55
C VAL A 601 -5.69 -35.90 -35.26
N SER A 602 -5.54 -34.59 -35.08
CA SER A 602 -6.29 -33.57 -35.80
C SER A 602 -5.25 -32.79 -36.60
N GLY A 603 -4.97 -33.28 -37.80
CA GLY A 603 -3.83 -32.81 -38.60
C GLY A 603 -3.01 -34.00 -39.05
N TYR A 604 -1.72 -34.00 -38.74
CA TYR A 604 -0.85 -35.13 -39.08
C TYR A 604 0.22 -35.32 -38.01
N LEU A 605 0.67 -36.57 -37.87
CA LEU A 605 1.78 -36.92 -37.00
C LEU A 605 2.53 -38.10 -37.59
N GLY A 606 3.76 -37.85 -38.02
CA GLY A 606 4.65 -38.88 -38.52
C GLY A 606 5.98 -38.74 -37.84
N VAL A 607 6.57 -39.86 -37.42
CA VAL A 607 7.86 -39.86 -36.75
C VAL A 607 8.77 -40.87 -37.42
N TRP A 608 9.96 -40.42 -37.84
CA TRP A 608 10.94 -41.26 -38.52
C TRP A 608 12.24 -41.32 -37.73
N VAL A 609 12.83 -42.51 -37.65
CA VAL A 609 14.12 -42.71 -37.03
C VAL A 609 14.94 -43.75 -37.80
N PRO A 610 16.27 -43.71 -37.66
CA PRO A 610 17.08 -44.67 -38.42
C PRO A 610 16.83 -46.13 -38.05
N VAL A 611 17.06 -47.03 -39.01
CA VAL A 611 17.08 -48.46 -38.74
C VAL A 611 18.29 -48.76 -37.86
N VAL A 612 18.06 -49.43 -36.74
CA VAL A 612 19.12 -49.79 -35.79
C VAL A 612 19.19 -51.31 -35.59
N SER A 613 20.40 -51.84 -35.43
CA SER A 613 20.63 -53.28 -35.36
C SER A 613 20.39 -53.88 -33.96
N GLY A 614 19.80 -53.08 -33.09
CA GLY A 614 19.54 -53.49 -31.72
C GLY A 614 19.36 -52.26 -30.84
N ASN A 615 19.41 -52.49 -29.53
CA ASN A 615 19.22 -51.42 -28.57
C ASN A 615 20.45 -50.53 -28.56
N GLN A 616 20.19 -49.23 -28.45
CA GLN A 616 21.25 -48.24 -28.31
C GLN A 616 20.69 -47.13 -27.44
N ASP A 617 21.61 -46.40 -26.82
CA ASP A 617 21.30 -45.32 -25.90
C ASP A 617 22.20 -44.13 -26.27
N VAL A 618 21.59 -43.03 -26.73
CA VAL A 618 22.37 -41.85 -27.16
C VAL A 618 22.70 -40.87 -26.02
N THR A 619 22.12 -41.07 -24.84
CA THR A 619 22.33 -40.14 -23.73
C THR A 619 23.82 -39.83 -23.50
N THR A 620 24.14 -38.54 -23.47
CA THR A 620 25.50 -38.06 -23.21
C THR A 620 25.73 -37.95 -21.70
N ASN A 621 26.81 -38.55 -21.19
CA ASN A 621 27.15 -38.40 -19.77
C ASN A 621 27.64 -36.98 -19.50
N ALA A 622 27.48 -36.56 -18.25
CA ALA A 622 27.95 -35.25 -17.82
C ALA A 622 29.47 -35.24 -17.70
N ALA A 623 30.07 -34.08 -17.93
CA ALA A 623 31.47 -33.85 -17.65
C ALA A 623 31.70 -33.69 -16.13
N THR A 624 32.93 -34.00 -15.69
CA THR A 624 33.34 -33.82 -14.30
C THR A 624 33.92 -32.42 -14.08
N VAL A 625 33.85 -31.58 -15.11
CA VAL A 625 34.28 -30.18 -15.01
C VAL A 625 33.52 -29.28 -16.02
N SER A 626 33.10 -28.11 -15.58
CA SER A 626 32.32 -27.20 -16.42
C SER A 626 33.19 -26.27 -17.25
N ALA A 627 32.58 -25.73 -18.31
CA ALA A 627 33.21 -24.76 -19.18
C ALA A 627 32.85 -23.32 -18.77
N ASP A 628 32.18 -23.17 -17.61
CA ASP A 628 31.96 -21.85 -17.01
C ASP A 628 32.17 -21.82 -15.48
N SER A 629 31.78 -22.87 -14.77
CA SER A 629 32.06 -23.01 -13.32
C SER A 629 31.42 -21.95 -12.43
N ASN A 630 30.93 -20.85 -12.99
CA ASN A 630 29.96 -19.99 -12.27
C ASN A 630 28.58 -20.59 -12.37
N LYS A 631 28.38 -21.43 -13.38
CA LYS A 631 27.08 -22.03 -13.63
C LYS A 631 26.91 -23.30 -12.78
N ILE A 632 25.69 -23.48 -12.27
CA ILE A 632 25.29 -24.75 -11.68
C ILE A 632 24.79 -25.60 -12.84
N PHE A 633 23.68 -25.19 -13.45
CA PHE A 633 23.06 -25.95 -14.53
C PHE A 633 23.31 -25.28 -15.87
N GLU A 634 23.63 -26.11 -16.86
CA GLU A 634 23.92 -25.65 -18.20
C GLU A 634 23.09 -26.44 -19.17
N SER A 635 22.44 -25.75 -20.10
CA SER A 635 21.59 -26.38 -21.11
C SER A 635 22.44 -26.99 -22.23
N ASN A 636 22.74 -28.28 -22.09
CA ASN A 636 23.51 -29.03 -23.08
C ASN A 636 22.98 -30.47 -23.20
N ALA A 637 23.60 -31.28 -24.05
CA ALA A 637 23.14 -32.63 -24.35
C ALA A 637 23.08 -33.54 -23.13
N ALA A 638 23.92 -33.28 -22.13
CA ALA A 638 23.90 -34.05 -20.88
C ALA A 638 22.72 -33.66 -19.97
N LEU A 639 22.27 -32.41 -20.06
CA LEU A 639 21.06 -32.05 -19.36
C LEU A 639 19.86 -32.56 -20.13
N ASP A 640 19.92 -32.53 -21.46
CA ASP A 640 18.79 -32.98 -22.29
C ASP A 640 18.66 -34.50 -22.27
N SER A 641 19.57 -35.18 -21.60
CA SER A 641 19.46 -36.62 -21.41
C SER A 641 18.45 -36.96 -20.31
N HIS A 642 18.12 -35.96 -19.48
CA HIS A 642 17.18 -36.14 -18.37
C HIS A 642 15.75 -35.97 -18.82
N MET A 643 14.84 -36.65 -18.11
CA MET A 643 13.40 -36.55 -18.35
C MET A 643 12.64 -36.70 -17.02
N ILE A 644 11.91 -35.66 -16.65
CA ILE A 644 11.14 -35.62 -15.39
C ILE A 644 9.80 -36.29 -15.53
N TYR A 645 9.36 -36.99 -14.48
CA TYR A 645 8.01 -37.54 -14.42
C TYR A 645 7.25 -37.02 -13.19
N GLN A 646 6.09 -36.42 -13.43
CA GLN A 646 5.21 -35.98 -12.34
C GLN A 646 4.32 -37.15 -11.92
N ASP A 647 4.39 -37.56 -10.66
CA ASP A 647 3.78 -38.84 -10.22
C ASP A 647 2.34 -38.76 -9.67
N PHE A 648 1.67 -37.64 -9.86
CA PHE A 648 0.38 -37.40 -9.20
C PHE A 648 -0.55 -36.42 -9.92
N SER A 649 -1.81 -36.48 -9.53
CA SER A 649 -2.85 -35.56 -9.95
C SER A 649 -3.59 -35.05 -8.72
N LEU A 650 -4.14 -33.84 -8.82
CA LEU A 650 -4.98 -33.33 -7.74
C LEU A 650 -6.14 -34.31 -7.53
N TYR A 651 -6.68 -34.85 -8.62
CA TYR A 651 -7.87 -35.72 -8.56
C TYR A 651 -7.56 -37.19 -8.30
N GLN A 652 -6.34 -37.48 -7.87
CA GLN A 652 -5.93 -38.83 -7.52
C GLN A 652 -6.75 -39.26 -6.32
N PRO A 653 -7.33 -40.46 -6.36
CA PRO A 653 -8.20 -40.90 -5.27
C PRO A 653 -7.46 -41.38 -4.04
N GLU A 654 -8.20 -41.46 -2.95
CA GLU A 654 -7.70 -42.04 -1.72
C GLU A 654 -7.44 -43.51 -2.00
N PRO A 655 -6.34 -44.06 -1.45
CA PRO A 655 -6.08 -45.49 -1.66
C PRO A 655 -7.03 -46.36 -0.86
N THR A 656 -7.58 -47.37 -1.51
CA THR A 656 -8.57 -48.26 -0.91
C THR A 656 -7.95 -49.38 -0.06
N SER A 657 -6.63 -49.54 -0.15
CA SER A 657 -5.92 -50.62 0.54
C SER A 657 -4.45 -50.27 0.64
N THR A 658 -3.75 -50.87 1.59
CA THR A 658 -2.30 -50.65 1.75
C THR A 658 -1.51 -50.86 0.44
N GLU A 659 -1.90 -51.90 -0.32
CA GLU A 659 -1.25 -52.25 -1.58
C GLU A 659 -1.46 -51.15 -2.63
N ASN A 660 -2.67 -50.59 -2.60
CA ASN A 660 -3.07 -49.47 -3.46
C ASN A 660 -2.44 -48.10 -3.10
N HIS A 661 -1.64 -48.03 -2.05
CA HIS A 661 -0.85 -46.82 -1.75
C HIS A 661 0.13 -46.49 -2.88
N ALA A 662 0.18 -45.23 -3.27
CA ALA A 662 1.06 -44.78 -4.35
C ALA A 662 2.52 -45.16 -4.08
N TYR A 663 3.01 -44.94 -2.87
CA TYR A 663 4.39 -45.28 -2.52
C TYR A 663 4.71 -46.77 -2.74
N ASN A 664 3.75 -47.64 -2.47
CA ASN A 664 3.93 -49.06 -2.69
C ASN A 664 3.84 -49.39 -4.18
N THR A 665 2.88 -48.79 -4.88
CA THR A 665 2.71 -49.04 -6.31
C THR A 665 3.90 -48.50 -7.13
N ILE A 666 4.44 -47.36 -6.72
CA ILE A 666 5.67 -46.84 -7.29
C ILE A 666 6.82 -47.81 -7.05
N ALA A 667 6.98 -48.26 -5.82
CA ALA A 667 8.09 -49.15 -5.49
C ALA A 667 8.09 -50.41 -6.34
N GLN A 668 6.93 -51.03 -6.51
CA GLN A 668 6.82 -52.23 -7.33
C GLN A 668 7.07 -51.96 -8.80
N ASN A 669 6.79 -50.74 -9.25
CA ASN A 669 7.01 -50.36 -10.65
C ASN A 669 8.27 -49.51 -10.85
N ALA A 670 9.22 -49.59 -9.91
CA ALA A 670 10.48 -48.88 -10.04
C ALA A 670 11.19 -49.13 -11.39
N GLU A 671 11.24 -50.41 -11.83
CA GLU A 671 11.93 -50.74 -13.08
C GLU A 671 11.12 -50.37 -14.34
N LEU A 672 9.82 -50.16 -14.21
CA LEU A 672 9.03 -49.66 -15.34
C LEU A 672 9.40 -48.22 -15.69
N PHE A 673 9.65 -47.39 -14.69
CA PHE A 673 9.97 -46.00 -14.95
C PHE A 673 11.32 -45.90 -15.68
N ASN A 674 12.29 -46.71 -15.26
CA ASN A 674 13.60 -46.74 -15.93
C ASN A 674 13.48 -47.23 -17.38
N ASN A 675 12.71 -48.28 -17.60
CA ASN A 675 12.42 -48.79 -18.94
C ASN A 675 11.83 -47.69 -19.85
N LEU A 676 11.08 -46.76 -19.28
CA LEU A 676 10.43 -45.68 -20.03
C LEU A 676 11.34 -44.49 -20.30
N GLY A 677 12.49 -44.46 -19.64
CA GLY A 677 13.47 -43.39 -19.86
C GLY A 677 13.39 -42.27 -18.86
N ILE A 678 12.52 -42.40 -17.85
CA ILE A 678 12.41 -41.41 -16.79
C ILE A 678 13.68 -41.44 -15.95
N THR A 679 14.37 -40.30 -15.86
CA THR A 679 15.57 -40.20 -15.03
C THR A 679 15.30 -39.56 -13.69
N ASP A 680 14.34 -38.62 -13.65
CA ASP A 680 14.04 -37.82 -12.45
C ASP A 680 12.55 -37.91 -12.06
N PHE A 681 12.29 -38.36 -10.84
CA PHE A 681 10.95 -38.66 -10.38
C PHE A 681 10.37 -37.56 -9.48
N TRP A 682 9.40 -36.81 -9.97
CA TRP A 682 8.84 -35.72 -9.17
C TRP A 682 7.71 -36.26 -8.29
N MET A 683 8.00 -36.39 -6.99
CA MET A 683 7.01 -36.85 -6.04
C MET A 683 6.08 -35.74 -5.59
N ALA A 684 4.81 -36.10 -5.38
CA ALA A 684 3.83 -35.17 -4.83
C ALA A 684 4.28 -34.72 -3.44
N PRO A 685 3.82 -33.53 -2.99
CA PRO A 685 4.21 -33.12 -1.66
C PRO A 685 3.76 -34.18 -0.63
N PRO A 686 4.72 -34.74 0.12
CA PRO A 686 4.49 -35.83 1.04
C PRO A 686 4.01 -35.43 2.43
N TYR A 687 3.67 -34.16 2.63
CA TYR A 687 3.46 -33.63 3.98
C TYR A 687 2.04 -33.97 4.48
N THR A 688 1.84 -33.82 5.78
CA THR A 688 0.52 -34.00 6.41
C THR A 688 -0.40 -32.86 5.98
N GLN A 689 -1.65 -33.19 5.67
CA GLN A 689 -2.57 -32.25 5.04
C GLN A 689 -3.68 -31.81 5.96
N TYR A 690 -4.30 -30.70 5.57
CA TYR A 690 -5.46 -30.15 6.26
C TYR A 690 -6.63 -31.10 6.04
N SER A 691 -7.22 -31.57 7.13
CA SER A 691 -8.24 -32.63 7.07
C SER A 691 -9.46 -32.31 6.21
N GLU A 692 -9.75 -31.03 6.01
CA GLU A 692 -10.90 -30.59 5.23
C GLU A 692 -10.48 -29.92 3.90
N SER A 693 -9.29 -30.29 3.41
CA SER A 693 -8.82 -29.82 2.11
C SER A 693 -9.59 -30.55 1.01
N ARG A 694 -9.77 -29.89 -0.11
CA ARG A 694 -10.61 -30.38 -1.19
C ARG A 694 -10.05 -31.63 -1.85
N TYR A 695 -8.75 -31.64 -2.09
CA TYR A 695 -8.07 -32.69 -2.85
C TYR A 695 -7.15 -33.59 -2.00
N ASN A 696 -6.82 -33.18 -0.77
CA ASN A 696 -5.91 -33.94 0.08
C ASN A 696 -4.56 -34.18 -0.61
N ASP A 697 -4.14 -33.22 -1.44
CA ASP A 697 -3.01 -33.39 -2.37
C ASP A 697 -1.63 -33.16 -1.78
N GLY A 698 -1.52 -32.40 -0.70
CA GLY A 698 -0.22 -32.12 -0.10
C GLY A 698 0.17 -30.66 -0.02
N TYR A 699 -0.48 -29.81 -0.82
CA TYR A 699 -0.21 -28.36 -0.83
C TYR A 699 -0.83 -27.59 0.34
N SER A 700 -1.80 -28.19 0.99
CA SER A 700 -2.46 -27.58 2.13
C SER A 700 -1.89 -28.22 3.39
N VAL A 701 -0.68 -27.83 3.76
CA VAL A 701 0.09 -28.59 4.78
C VAL A 701 -0.14 -28.07 6.21
N THR A 702 -0.15 -29.00 7.17
CA THR A 702 -0.24 -28.68 8.59
C THR A 702 1.03 -29.10 9.35
N ASP A 703 1.72 -30.12 8.88
CA ASP A 703 2.98 -30.56 9.49
C ASP A 703 4.03 -30.85 8.41
N ARG A 704 5.03 -29.97 8.30
CA ARG A 704 6.11 -30.06 7.30
C ARG A 704 7.00 -31.31 7.42
N TYR A 705 7.01 -31.95 8.59
CA TYR A 705 7.96 -33.03 8.88
C TYR A 705 7.39 -34.45 9.06
N ASN A 706 6.07 -34.56 9.26
CA ASN A 706 5.38 -35.84 9.36
C ASN A 706 4.90 -36.16 7.94
N LEU A 707 5.62 -37.03 7.25
CA LEU A 707 5.25 -37.39 5.89
C LEU A 707 4.30 -38.61 5.88
N GLY A 708 3.76 -38.94 7.06
CA GLY A 708 2.77 -39.99 7.22
C GLY A 708 3.25 -41.09 8.15
N THR A 709 2.31 -41.84 8.69
CA THR A 709 2.60 -43.02 9.52
C THR A 709 1.79 -44.20 9.03
N ASN A 710 2.12 -45.39 9.52
CA ASN A 710 1.26 -46.54 9.34
C ASN A 710 -0.17 -46.22 9.78
N ALA A 711 -0.35 -45.91 11.06
CA ALA A 711 -1.67 -45.62 11.59
C ALA A 711 -2.34 -44.49 10.80
N ASN A 712 -1.54 -43.51 10.39
CA ASN A 712 -2.03 -42.35 9.65
C ASN A 712 -1.14 -42.00 8.46
N PRO A 713 -1.49 -42.50 7.27
CA PRO A 713 -0.72 -42.14 6.10
C PRO A 713 -1.33 -40.90 5.47
N THR A 714 -0.63 -40.35 4.48
CA THR A 714 -1.20 -39.32 3.62
C THR A 714 -1.98 -40.04 2.53
N LYS A 715 -2.32 -39.36 1.45
CA LYS A 715 -2.97 -40.02 0.33
C LYS A 715 -2.01 -41.03 -0.31
N TYR A 716 -0.73 -40.69 -0.31
CA TYR A 716 0.29 -41.48 -1.00
C TYR A 716 0.84 -42.59 -0.09
N GLY A 717 0.74 -42.42 1.22
CA GLY A 717 1.12 -43.46 2.17
C GLY A 717 1.89 -43.03 3.41
N SER A 718 2.71 -43.93 3.91
CA SER A 718 3.52 -43.70 5.10
C SER A 718 4.93 -43.19 4.75
N GLY A 719 5.68 -42.82 5.78
CA GLY A 719 7.05 -42.41 5.62
C GLY A 719 7.97 -43.57 5.31
N GLU A 720 7.84 -44.64 6.10
CA GLU A 720 8.56 -45.88 5.84
C GLU A 720 8.32 -46.28 4.38
N GLU A 721 7.07 -46.22 3.95
CA GLU A 721 6.69 -46.55 2.57
C GLU A 721 7.30 -45.61 1.53
N LEU A 722 7.52 -44.35 1.91
CA LEU A 722 8.16 -43.36 1.03
C LEU A 722 9.64 -43.67 0.87
N ALA A 723 10.32 -43.80 2.00
CA ALA A 723 11.73 -44.19 2.03
C ALA A 723 11.95 -45.43 1.17
N ASN A 724 11.05 -46.41 1.30
CA ASN A 724 11.09 -47.61 0.46
C ASN A 724 11.05 -47.25 -1.04
N ALA A 725 10.06 -46.47 -1.45
CA ALA A 725 9.86 -46.17 -2.86
C ALA A 725 11.03 -45.40 -3.51
N ILE A 726 11.74 -44.62 -2.71
CA ILE A 726 12.88 -43.85 -3.18
C ILE A 726 14.08 -44.76 -3.34
N ALA A 727 14.28 -45.64 -2.36
CA ALA A 727 15.28 -46.71 -2.46
C ALA A 727 15.04 -47.54 -3.71
N ALA A 728 13.77 -47.83 -4.00
CA ALA A 728 13.43 -48.62 -5.18
C ALA A 728 13.82 -47.88 -6.45
N LEU A 729 13.48 -46.61 -6.50
CA LEU A 729 13.80 -45.78 -7.65
C LEU A 729 15.30 -45.55 -7.83
N HIS A 730 16.04 -45.45 -6.71
CA HIS A 730 17.51 -45.33 -6.77
C HIS A 730 18.14 -46.63 -7.36
N SER A 731 17.58 -47.78 -6.98
CA SER A 731 18.02 -49.09 -7.50
C SER A 731 17.77 -49.26 -9.00
N ALA A 732 16.72 -48.61 -9.51
CA ALA A 732 16.43 -48.59 -10.95
C ALA A 732 17.19 -47.49 -11.71
N GLY A 733 17.95 -46.65 -11.00
CA GLY A 733 18.87 -45.71 -11.63
C GLY A 733 18.36 -44.28 -11.73
N LEU A 734 17.22 -44.01 -11.12
CA LEU A 734 16.64 -42.68 -11.17
C LEU A 734 17.05 -41.89 -9.96
N LYS A 735 17.04 -40.56 -10.12
CA LYS A 735 17.08 -39.65 -9.01
C LYS A 735 15.63 -39.21 -8.74
N VAL A 736 15.35 -38.77 -7.51
CA VAL A 736 13.98 -38.36 -7.14
C VAL A 736 13.99 -37.01 -6.43
N GLN A 737 13.05 -36.14 -6.80
CA GLN A 737 12.90 -34.86 -6.09
C GLN A 737 11.55 -34.75 -5.35
N VAL A 738 11.62 -34.12 -4.19
CA VAL A 738 10.43 -33.78 -3.40
C VAL A 738 9.85 -32.41 -3.76
N ASP A 739 8.53 -32.35 -3.88
CA ASP A 739 7.78 -31.09 -3.98
C ASP A 739 7.89 -30.36 -2.63
N ILE A 740 8.61 -29.23 -2.62
CA ILE A 740 8.79 -28.45 -1.39
C ILE A 740 7.89 -27.21 -1.45
N VAL A 741 7.20 -26.96 -0.34
CA VAL A 741 6.14 -25.96 -0.29
C VAL A 741 6.46 -24.90 0.76
N MET A 742 7.04 -23.79 0.32
CA MET A 742 7.53 -22.77 1.25
C MET A 742 6.53 -21.63 1.44
N ASN A 743 5.60 -21.47 0.50
CA ASN A 743 4.76 -20.28 0.44
C ASN A 743 3.69 -20.24 1.51
N GLN A 744 2.93 -21.33 1.66
CA GLN A 744 1.77 -21.32 2.55
C GLN A 744 1.68 -22.57 3.41
N MET A 745 1.01 -22.39 4.54
CA MET A 745 0.54 -23.48 5.35
C MET A 745 -0.95 -23.23 5.51
N ILE A 746 -1.73 -24.30 5.51
CA ILE A 746 -3.18 -24.21 5.45
C ILE A 746 -3.79 -25.11 6.51
N GLY A 747 -4.73 -24.56 7.27
CA GLY A 747 -5.48 -25.30 8.28
C GLY A 747 -4.79 -25.41 9.62
N LEU A 748 -3.96 -24.42 9.96
CA LEU A 748 -3.35 -24.40 11.27
C LEU A 748 -4.46 -24.20 12.32
N PRO A 749 -4.45 -25.02 13.38
CA PRO A 749 -5.55 -25.08 14.37
C PRO A 749 -5.57 -23.94 15.40
N GLY A 750 -4.40 -23.37 15.70
CA GLY A 750 -4.27 -22.45 16.84
C GLY A 750 -4.67 -21.01 16.56
N GLN A 751 -5.55 -20.47 17.42
CA GLN A 751 -5.98 -19.06 17.31
C GLN A 751 -4.99 -18.11 18.00
N GLU A 752 -4.88 -16.91 17.45
CA GLU A 752 -4.01 -15.89 17.99
C GLU A 752 -4.61 -14.53 17.74
N ALA A 753 -4.47 -13.61 18.70
CA ALA A 753 -4.86 -12.23 18.52
C ALA A 753 -3.76 -11.52 17.76
N VAL A 754 -4.08 -11.04 16.56
CA VAL A 754 -3.12 -10.58 15.61
C VAL A 754 -3.62 -9.27 15.00
N THR A 755 -2.70 -8.38 14.66
CA THR A 755 -3.05 -7.06 14.14
C THR A 755 -2.86 -7.03 12.64
N VAL A 756 -3.89 -6.57 11.92
CA VAL A 756 -3.99 -6.76 10.48
C VAL A 756 -4.41 -5.52 9.70
N THR A 757 -4.17 -5.59 8.39
CA THR A 757 -4.46 -4.50 7.46
C THR A 757 -4.83 -5.05 6.07
N ARG A 758 -6.07 -4.81 5.64
CA ARG A 758 -6.55 -5.30 4.35
C ARG A 758 -5.61 -4.89 3.22
N ALA A 759 -5.27 -5.85 2.35
CA ALA A 759 -4.18 -5.69 1.39
C ALA A 759 -4.44 -6.48 0.11
N ASP A 760 -3.84 -6.06 -1.00
CA ASP A 760 -3.92 -6.84 -2.24
C ASP A 760 -2.91 -7.99 -2.18
N ASN A 761 -2.79 -8.75 -3.27
CA ASN A 761 -1.92 -9.95 -3.30
C ASN A 761 -0.41 -9.65 -3.30
N ARG A 762 -0.04 -8.39 -3.57
CA ARG A 762 1.36 -7.94 -3.45
C ARG A 762 1.72 -7.64 -1.99
N GLY A 763 0.72 -7.61 -1.09
CA GLY A 763 0.95 -7.31 0.32
C GLY A 763 0.86 -5.84 0.67
N ILE A 764 0.28 -5.05 -0.23
CA ILE A 764 0.15 -3.62 -0.06
C ILE A 764 -1.31 -3.29 0.18
N GLN A 765 -1.57 -2.39 1.13
CA GLN A 765 -2.95 -2.05 1.54
C GLN A 765 -3.78 -1.59 0.36
N THR A 766 -5.00 -2.12 0.24
CA THR A 766 -5.93 -1.69 -0.83
C THR A 766 -7.35 -1.48 -0.37
N TYR A 767 -8.13 -0.88 -1.27
CA TYR A 767 -9.54 -0.60 -1.05
C TYR A 767 -10.40 -1.61 -1.79
N VAL A 768 -11.50 -2.02 -1.17
CA VAL A 768 -12.50 -2.89 -1.78
C VAL A 768 -13.84 -2.14 -1.78
N ASN A 769 -14.31 -1.75 -2.95
CA ASN A 769 -15.54 -0.94 -3.10
C ASN A 769 -15.56 0.36 -2.28
N GLY A 770 -14.39 0.96 -2.09
CA GLY A 770 -14.28 2.25 -1.40
C GLY A 770 -13.93 2.17 0.08
N LYS A 771 -13.86 0.95 0.63
CA LYS A 771 -13.51 0.75 2.04
C LYS A 771 -12.17 0.06 2.20
N THR A 772 -11.50 0.30 3.33
CA THR A 772 -10.29 -0.43 3.70
C THR A 772 -10.18 -0.44 5.21
N TYR A 773 -9.23 -1.21 5.74
CA TYR A 773 -8.87 -1.06 7.16
C TYR A 773 -7.39 -1.19 7.37
N ALA A 774 -6.93 -0.66 8.50
CA ALA A 774 -5.54 -0.76 8.89
C ALA A 774 -5.45 -0.86 10.39
N ASN A 775 -4.44 -1.57 10.87
CA ASN A 775 -4.17 -1.74 12.30
C ASN A 775 -5.36 -2.28 13.14
N GLN A 776 -6.12 -3.21 12.57
CA GLN A 776 -7.26 -3.83 13.24
C GLN A 776 -6.94 -5.17 13.92
N MET A 777 -7.61 -5.44 15.05
CA MET A 777 -7.48 -6.75 15.72
C MET A 777 -8.22 -7.83 14.96
N TYR A 778 -7.59 -8.99 14.86
CA TYR A 778 -8.13 -10.13 14.12
C TYR A 778 -7.78 -11.39 14.87
N PHE A 779 -8.80 -12.17 15.15
CA PHE A 779 -8.64 -13.43 15.84
C PHE A 779 -8.49 -14.55 14.82
N ALA A 780 -7.26 -14.74 14.36
CA ALA A 780 -6.97 -15.58 13.19
C ALA A 780 -6.31 -16.88 13.58
N TYR A 781 -6.59 -17.89 12.78
CA TYR A 781 -5.98 -19.19 12.91
C TYR A 781 -4.58 -19.14 12.31
N THR A 782 -3.57 -19.06 13.17
CA THR A 782 -2.19 -18.81 12.76
C THR A 782 -1.13 -19.72 13.37
N THR A 783 -1.51 -20.57 14.32
CA THR A 783 -0.52 -21.24 15.14
C THR A 783 -0.62 -22.77 14.99
N GLY A 784 0.51 -23.41 14.79
CA GLY A 784 0.54 -24.86 14.56
C GLY A 784 1.88 -25.36 14.05
N GLY A 785 1.83 -26.48 13.33
CA GLY A 785 3.04 -27.13 12.85
C GLY A 785 3.12 -28.61 13.14
N GLY A 786 2.36 -29.08 14.13
CA GLY A 786 2.35 -30.50 14.51
C GLY A 786 3.54 -30.90 15.36
N ASN A 787 3.55 -32.17 15.76
CA ASN A 787 4.57 -32.70 16.65
C ASN A 787 5.88 -32.88 15.88
N GLY A 788 5.79 -32.86 14.55
CA GLY A 788 6.97 -32.84 13.67
C GLY A 788 7.74 -31.52 13.70
N GLN A 789 7.03 -30.41 13.61
CA GLN A 789 7.69 -29.12 13.72
C GLN A 789 8.31 -29.00 15.12
N GLU A 790 7.68 -29.61 16.12
CA GLU A 790 8.17 -29.53 17.50
C GLU A 790 9.44 -30.35 17.73
N THR A 791 9.54 -31.46 17.02
CA THR A 791 10.61 -32.42 17.22
C THR A 791 11.79 -32.19 16.29
N TYR A 792 11.48 -31.92 15.02
CA TYR A 792 12.49 -31.79 13.97
C TYR A 792 12.81 -30.35 13.56
N GLY A 793 11.92 -29.41 13.91
CA GLY A 793 12.12 -28.00 13.58
C GLY A 793 13.38 -27.44 14.19
N GLY A 794 14.25 -26.89 13.36
CA GLY A 794 15.54 -26.37 13.82
C GLY A 794 16.53 -27.41 14.36
N LYS A 795 16.17 -28.69 14.32
CA LYS A 795 16.94 -29.77 14.96
C LYS A 795 18.36 -29.95 14.38
N TYR A 796 18.50 -29.69 13.08
CA TYR A 796 19.74 -29.93 12.37
C TYR A 796 20.59 -28.67 12.11
N LEU A 797 20.13 -27.50 12.59
CA LEU A 797 20.86 -26.24 12.38
C LEU A 797 22.27 -26.24 12.98
N SER A 798 22.43 -26.86 14.14
CA SER A 798 23.73 -27.04 14.77
C SER A 798 24.69 -27.79 13.84
N GLU A 799 24.21 -28.90 13.28
CA GLU A 799 24.97 -29.72 12.34
C GLU A 799 25.28 -28.93 11.06
N LEU A 800 24.28 -28.21 10.56
CA LEU A 800 24.44 -27.39 9.36
C LEU A 800 25.51 -26.30 9.54
N GLN A 801 25.48 -25.62 10.70
CA GLN A 801 26.45 -24.57 11.00
C GLN A 801 27.87 -25.12 11.15
N SER A 802 27.98 -26.37 11.60
CA SER A 802 29.26 -27.06 11.78
C SER A 802 29.90 -27.42 10.43
N LYS A 803 29.13 -28.08 9.57
CA LYS A 803 29.63 -28.54 8.25
C LYS A 803 29.67 -27.44 7.21
N TYR A 804 28.67 -26.56 7.21
CA TYR A 804 28.54 -25.48 6.21
C TYR A 804 28.27 -24.10 6.84
N PRO A 805 29.31 -23.47 7.41
CA PRO A 805 29.18 -22.14 8.07
C PRO A 805 28.73 -21.01 7.15
N ASP A 806 29.14 -21.07 5.88
CA ASP A 806 28.80 -20.02 4.92
C ASP A 806 27.29 -19.78 4.79
N LEU A 807 26.50 -20.81 5.04
CA LEU A 807 25.04 -20.70 5.06
C LEU A 807 24.51 -19.57 5.95
N PHE A 808 25.17 -19.37 7.08
CA PHE A 808 24.74 -18.41 8.11
C PHE A 808 25.71 -17.23 8.26
N THR A 809 26.61 -17.08 7.28
CA THR A 809 27.42 -15.88 7.13
C THR A 809 27.16 -15.19 5.78
N THR A 810 26.58 -15.89 4.82
CA THR A 810 26.21 -15.30 3.54
C THR A 810 24.94 -14.51 3.74
N ARG A 811 25.03 -13.21 3.47
CA ARG A 811 23.91 -12.30 3.65
C ARG A 811 22.94 -12.44 2.50
N ALA A 812 21.65 -12.46 2.82
CA ALA A 812 20.61 -12.63 1.82
C ALA A 812 20.51 -11.35 1.03
N ILE A 813 20.20 -11.47 -0.25
CA ILE A 813 20.03 -10.29 -1.08
C ILE A 813 18.92 -9.35 -0.52
N SER A 814 17.74 -9.87 -0.25
CA SER A 814 16.58 -9.03 0.11
C SER A 814 16.64 -8.36 1.50
N THR A 815 17.40 -8.94 2.43
CA THR A 815 17.53 -8.38 3.78
C THR A 815 18.92 -7.80 4.13
N GLY A 816 19.97 -8.24 3.42
CA GLY A 816 21.33 -7.90 3.80
C GLY A 816 21.83 -8.56 5.09
N VAL A 817 21.12 -9.59 5.52
CA VAL A 817 21.37 -10.29 6.77
C VAL A 817 21.54 -11.78 6.41
N ALA A 818 22.40 -12.48 7.14
CA ALA A 818 22.52 -13.93 6.95
C ALA A 818 21.34 -14.65 7.60
N PRO A 819 20.99 -15.84 7.08
CA PRO A 819 20.08 -16.72 7.78
C PRO A 819 20.56 -16.97 9.21
N ASP A 820 19.60 -17.18 10.11
CA ASP A 820 19.84 -17.08 11.54
C ASP A 820 19.54 -18.40 12.27
N PRO A 821 20.58 -19.18 12.62
CA PRO A 821 20.36 -20.49 13.20
C PRO A 821 20.19 -20.48 14.72
N THR A 822 20.27 -19.30 15.35
CA THR A 822 20.27 -19.20 16.80
C THR A 822 18.88 -19.42 17.42
N THR A 823 17.84 -19.49 16.59
CA THR A 823 16.49 -19.78 17.05
C THR A 823 15.86 -20.89 16.20
N ARG A 824 15.31 -21.87 16.89
CA ARG A 824 14.62 -22.98 16.27
C ARG A 824 13.18 -22.60 16.14
N ILE A 825 12.56 -22.89 15.00
CA ILE A 825 11.11 -22.80 14.91
C ILE A 825 10.53 -24.17 15.23
N THR A 826 9.92 -24.27 16.39
CA THR A 826 9.21 -25.47 16.79
C THR A 826 7.69 -25.31 16.70
N LYS A 827 7.23 -24.14 16.28
CA LYS A 827 5.81 -23.83 16.19
C LYS A 827 5.55 -22.50 15.46
N TRP A 828 4.77 -22.57 14.39
CA TRP A 828 4.53 -21.44 13.54
C TRP A 828 3.56 -20.49 14.22
N SER A 829 3.79 -19.19 14.08
CA SER A 829 2.80 -18.21 14.55
C SER A 829 2.92 -16.96 13.72
N ALA A 830 1.98 -16.03 13.93
CA ALA A 830 1.94 -14.77 13.18
C ALA A 830 3.31 -14.10 12.97
N LYS A 831 4.19 -14.20 13.96
CA LYS A 831 5.49 -13.54 13.90
C LYS A 831 6.39 -14.02 12.74
N TYR A 832 6.15 -15.26 12.29
CA TYR A 832 6.88 -15.83 11.17
C TYR A 832 6.03 -15.86 9.90
N GLU A 833 4.99 -15.04 9.87
CA GLU A 833 4.02 -15.06 8.77
C GLU A 833 3.79 -13.64 8.26
N ASN A 834 3.65 -13.50 6.94
CA ASN A 834 3.26 -12.22 6.34
C ASN A 834 1.78 -11.90 6.56
N GLY A 835 0.94 -12.92 6.66
CA GLY A 835 -0.50 -12.73 6.77
C GLY A 835 -1.28 -13.94 6.29
N THR A 836 -2.56 -13.72 6.00
CA THR A 836 -3.48 -14.77 5.63
C THR A 836 -4.52 -14.27 4.64
N SER A 837 -5.02 -15.19 3.82
CA SER A 837 -6.27 -14.93 3.12
C SER A 837 -7.36 -14.83 4.18
N LEU A 838 -8.49 -14.25 3.81
CA LEU A 838 -9.49 -13.89 4.79
C LEU A 838 -10.11 -15.16 5.36
N GLN A 839 -10.41 -15.14 6.65
CA GLN A 839 -10.83 -16.35 7.36
C GLN A 839 -12.31 -16.31 7.78
N ASN A 840 -13.04 -15.34 7.25
CA ASN A 840 -14.49 -15.27 7.45
C ASN A 840 -14.89 -15.03 8.92
N ILE A 841 -14.06 -14.28 9.65
CA ILE A 841 -14.25 -14.04 11.09
C ILE A 841 -14.59 -12.59 11.44
N GLY A 842 -14.06 -11.63 10.67
CA GLY A 842 -14.42 -10.22 10.83
C GLY A 842 -13.43 -9.41 11.66
N ILE A 843 -13.59 -8.09 11.61
CA ILE A 843 -12.60 -7.16 12.22
C ILE A 843 -13.02 -6.48 13.52
N GLY A 844 -14.32 -6.38 13.78
CA GLY A 844 -14.78 -5.63 14.98
C GLY A 844 -15.19 -6.40 16.23
N LEU A 845 -14.50 -7.50 16.53
CA LEU A 845 -14.88 -8.40 17.63
C LEU A 845 -14.08 -8.20 18.92
N ALA A 846 -12.83 -7.80 18.77
CA ALA A 846 -11.97 -7.44 19.91
C ALA A 846 -12.68 -6.40 20.78
N VAL A 847 -12.63 -6.56 22.09
CA VAL A 847 -13.36 -5.66 22.98
C VAL A 847 -12.50 -4.47 23.42
N LYS A 848 -12.94 -3.28 23.00
CA LYS A 848 -12.36 -2.03 23.48
C LYS A 848 -13.27 -1.49 24.56
N LEU A 849 -12.65 -1.05 25.66
CA LEU A 849 -13.36 -0.38 26.76
C LEU A 849 -13.64 1.06 26.33
N PRO A 850 -14.57 1.75 27.02
CA PRO A 850 -14.96 3.11 26.57
C PRO A 850 -13.80 4.10 26.43
N ASN A 851 -12.78 3.97 27.28
CA ASN A 851 -11.62 4.84 27.21
C ASN A 851 -10.67 4.52 26.04
N GLY A 852 -11.03 3.54 25.20
CA GLY A 852 -10.33 3.28 23.96
C GLY A 852 -9.30 2.16 23.98
N GLU A 853 -8.86 1.73 25.16
CA GLU A 853 -7.89 0.64 25.26
C GLU A 853 -8.57 -0.72 25.11
N TYR A 854 -7.80 -1.73 24.75
CA TYR A 854 -8.32 -3.10 24.67
C TYR A 854 -8.55 -3.68 26.05
N ALA A 855 -9.69 -4.36 26.20
CA ALA A 855 -9.91 -5.21 27.35
C ALA A 855 -8.89 -6.34 27.28
N TYR A 856 -8.28 -6.63 28.43
CA TYR A 856 -7.23 -7.63 28.52
C TYR A 856 -7.35 -8.40 29.82
N LEU A 857 -7.14 -9.71 29.74
CA LEU A 857 -7.20 -10.62 30.88
C LEU A 857 -5.84 -11.27 31.09
N ARG A 858 -5.20 -10.98 32.22
CA ARG A 858 -3.93 -11.64 32.54
C ARG A 858 -4.18 -13.11 32.81
N SER A 859 -3.26 -13.95 32.36
CA SER A 859 -3.45 -15.39 32.45
C SER A 859 -2.19 -16.15 32.11
N SER A 860 -1.25 -16.17 33.05
CA SER A 860 -0.11 -17.13 33.06
C SER A 860 0.79 -17.12 31.82
N ASP A 861 0.22 -17.40 30.65
CA ASP A 861 0.91 -17.18 29.37
C ASP A 861 0.78 -15.72 28.93
N ASN A 862 -0.34 -15.08 29.26
CA ASN A 862 -0.63 -13.72 28.78
C ASN A 862 -0.39 -12.69 29.89
N LYS A 863 0.81 -12.10 29.90
CA LYS A 863 1.19 -11.09 30.91
C LYS A 863 1.72 -9.79 30.29
N ALA A 864 1.29 -9.51 29.06
CA ALA A 864 1.74 -8.33 28.33
C ALA A 864 1.12 -7.03 28.87
N PHE A 865 0.05 -7.13 29.66
CA PHE A 865 -0.63 -5.96 30.20
C PHE A 865 -1.24 -6.28 31.56
N ASN A 866 -1.84 -5.27 32.20
CA ASN A 866 -2.63 -5.47 33.43
C ASN A 866 -4.00 -5.96 32.99
N THR A 867 -4.68 -6.67 33.89
CA THR A 867 -6.08 -7.06 33.67
C THR A 867 -6.95 -5.81 33.73
N THR A 868 -7.60 -5.48 32.62
CA THR A 868 -8.57 -4.39 32.57
C THR A 868 -9.81 -4.87 31.86
N LEU A 869 -10.92 -4.96 32.57
CA LEU A 869 -12.13 -5.56 32.04
C LEU A 869 -13.29 -4.59 32.10
N PRO A 870 -14.28 -4.76 31.20
CA PRO A 870 -15.49 -3.92 31.25
C PRO A 870 -16.07 -3.84 32.65
N GLU A 871 -16.40 -2.64 33.11
CA GLU A 871 -16.97 -2.44 34.43
C GLU A 871 -18.06 -3.46 34.70
N THR A 872 -18.98 -3.59 33.73
CA THR A 872 -20.16 -4.44 33.88
C THR A 872 -19.83 -5.85 34.34
N MET A 873 -18.69 -6.39 33.88
CA MET A 873 -18.32 -7.73 34.27
C MET A 873 -17.17 -7.84 35.27
N SER A 874 -16.72 -6.73 35.88
CA SER A 874 -15.56 -6.78 36.78
C SER A 874 -15.54 -5.87 38.02
N SER A 875 -16.18 -4.71 37.96
CA SER A 875 -15.90 -3.65 38.92
C SER A 875 -16.89 -3.56 40.10
N ALA A 876 -16.49 -4.10 41.25
CA ALA A 876 -17.24 -3.93 42.51
C ALA A 876 -17.55 -2.46 42.79
N ASP A 877 -16.58 -1.59 42.52
CA ASP A 877 -16.77 -0.16 42.67
C ASP A 877 -17.91 0.35 41.80
N TYR A 878 -17.87 0.01 40.51
CA TYR A 878 -18.94 0.42 39.58
C TYR A 878 -20.33 0.13 40.18
N TYR A 879 -20.55 -1.13 40.54
CA TYR A 879 -21.87 -1.56 41.02
C TYR A 879 -22.27 -0.89 42.34
N ALA A 880 -21.29 -0.47 43.12
CA ALA A 880 -21.56 0.26 44.37
C ALA A 880 -22.30 1.60 44.18
N ASN A 881 -22.46 2.05 42.93
CA ASN A 881 -23.35 3.18 42.60
C ASN A 881 -23.84 3.15 41.16
N THR B 49 58.47 -3.50 1.96
CA THR B 49 58.57 -3.83 0.50
C THR B 49 58.16 -2.64 -0.38
N VAL B 50 56.88 -2.25 -0.32
CA VAL B 50 56.28 -1.28 -1.26
C VAL B 50 55.67 -0.08 -0.50
N GLU B 51 56.42 1.03 -0.42
CA GLU B 51 55.85 2.32 0.04
C GLU B 51 55.69 3.28 -1.16
N ALA B 52 55.22 2.76 -2.30
CA ALA B 52 54.75 3.57 -3.43
C ALA B 52 53.88 2.70 -4.33
N GLY B 53 52.58 3.01 -4.43
CA GLY B 53 51.68 2.22 -5.29
C GLY B 53 50.19 2.53 -5.18
N PRO B 54 49.36 1.70 -5.83
CA PRO B 54 47.90 1.87 -5.83
C PRO B 54 47.23 1.68 -4.45
N TRP B 55 48.00 1.29 -3.43
CA TRP B 55 47.50 1.25 -2.07
C TRP B 55 47.20 2.64 -1.55
N GLU B 56 47.83 3.65 -2.15
CA GLU B 56 47.60 5.04 -1.76
C GLU B 56 46.20 5.55 -2.18
N ASN B 57 45.42 4.68 -2.84
CA ASN B 57 44.00 4.90 -3.09
C ASN B 57 43.20 4.83 -1.79
N MET B 58 43.78 4.21 -0.76
CA MET B 58 43.20 4.18 0.58
C MET B 58 43.04 5.59 1.13
N ALA B 59 41.88 5.85 1.72
CA ALA B 59 41.59 7.13 2.36
C ALA B 59 42.69 7.53 3.32
N TYR B 60 42.99 8.83 3.36
CA TYR B 60 44.00 9.39 4.25
C TYR B 60 43.80 8.97 5.69
N SER B 61 42.57 9.13 6.16
CA SER B 61 42.15 8.69 7.49
C SER B 61 40.82 8.02 7.37
N MET B 62 40.59 7.00 8.20
CA MET B 62 39.34 6.28 8.20
C MET B 62 38.37 6.96 9.17
N ASP B 63 37.95 8.17 8.81
CA ASP B 63 37.06 8.97 9.62
C ASP B 63 36.42 10.05 8.74
N SER B 64 35.56 10.88 9.31
CA SER B 64 34.81 11.86 8.53
C SER B 64 35.69 13.00 8.02
N ASN B 65 36.82 13.23 8.66
CA ASN B 65 37.76 14.25 8.20
C ASN B 65 38.26 14.00 6.78
N SER B 66 38.30 12.72 6.37
CA SER B 66 38.70 12.35 5.01
C SER B 66 37.62 11.69 4.15
N ILE B 67 36.45 11.38 4.72
CA ILE B 67 35.41 10.65 3.96
C ILE B 67 34.01 11.22 4.20
N ASN B 68 33.36 11.66 3.12
CA ASN B 68 31.99 12.19 3.19
C ASN B 68 31.00 11.12 3.62
N ASN B 69 30.31 11.35 4.73
CA ASN B 69 29.21 10.46 5.15
C ASN B 69 28.06 11.19 5.82
N ILE B 70 26.85 10.71 5.60
CA ILE B 70 25.70 11.11 6.35
C ILE B 70 25.32 9.93 7.26
N ASP B 71 25.46 10.16 8.58
CA ASP B 71 25.17 9.17 9.64
C ASP B 71 25.98 7.88 9.54
N GLY B 72 27.19 7.97 9.01
CA GLY B 72 28.05 6.82 8.79
C GLY B 72 27.96 6.27 7.37
N TYR B 73 26.87 6.58 6.67
CA TYR B 73 26.62 6.03 5.34
C TYR B 73 27.18 6.89 4.23
N ILE B 74 27.65 6.21 3.18
CA ILE B 74 28.45 6.82 2.14
C ILE B 74 27.72 6.79 0.80
N SER B 75 27.96 7.83 0.00
CA SER B 75 27.22 8.06 -1.24
C SER B 75 28.08 7.81 -2.48
N TYR B 76 27.43 7.62 -3.62
CA TYR B 76 28.12 7.56 -4.91
C TYR B 76 28.30 8.94 -5.52
N THR B 77 27.66 9.95 -4.91
CA THR B 77 27.93 11.36 -5.24
C THR B 77 28.87 12.03 -4.23
N GLY B 78 29.27 11.27 -3.21
CA GLY B 78 30.21 11.72 -2.20
C GLY B 78 31.68 11.60 -2.58
N TRP B 79 32.50 12.30 -1.81
CA TRP B 79 33.91 12.48 -2.11
C TRP B 79 34.74 12.10 -0.89
N TYR B 80 36.03 11.85 -1.12
CA TYR B 80 36.95 11.50 -0.04
C TYR B 80 38.39 11.84 -0.44
N ARG B 81 39.27 11.87 0.56
CA ARG B 81 40.68 12.16 0.34
C ARG B 81 41.53 10.89 0.39
N PRO B 82 42.06 10.47 -0.78
CA PRO B 82 42.98 9.34 -0.75
C PRO B 82 44.32 9.79 -0.19
N TYR B 83 45.07 8.86 0.41
CA TYR B 83 46.43 9.16 0.84
C TYR B 83 47.21 9.81 -0.30
N GLY B 84 47.11 9.22 -1.49
CA GLY B 84 47.85 9.69 -2.66
C GLY B 84 47.19 9.42 -4.01
N THR B 85 47.80 10.03 -5.04
CA THR B 85 47.30 9.97 -6.41
C THR B 85 48.45 9.97 -7.39
N SER B 86 48.16 9.62 -8.65
CA SER B 86 49.19 9.49 -9.67
C SER B 86 48.65 9.67 -11.08
N GLN B 87 49.53 10.11 -11.98
CA GLN B 87 49.17 10.34 -13.37
C GLN B 87 49.65 9.26 -14.31
N ASP B 88 50.59 8.41 -13.87
CA ASP B 88 51.16 7.35 -14.74
C ASP B 88 51.16 5.91 -14.20
N GLY B 89 51.09 5.74 -12.87
CA GLY B 89 51.27 4.44 -12.24
C GLY B 89 52.65 4.29 -11.60
N LYS B 90 53.62 5.03 -12.10
CA LYS B 90 54.99 5.02 -11.56
C LYS B 90 55.13 5.98 -10.39
N THR B 91 54.76 7.23 -10.62
CA THR B 91 54.97 8.30 -9.67
C THR B 91 53.68 8.60 -8.90
N TRP B 92 53.75 8.48 -7.56
CA TRP B 92 52.62 8.73 -6.67
C TRP B 92 52.92 9.91 -5.75
N TYR B 93 52.02 10.90 -5.74
CA TYR B 93 52.18 12.07 -4.87
C TYR B 93 51.16 12.02 -3.71
N PRO B 94 51.60 12.42 -2.51
CA PRO B 94 50.67 12.50 -1.41
C PRO B 94 49.77 13.72 -1.53
N THR B 95 48.49 13.52 -1.28
CA THR B 95 47.52 14.59 -1.25
C THR B 95 47.77 15.57 -0.11
N THR B 96 47.27 16.78 -0.28
CA THR B 96 47.12 17.74 0.81
C THR B 96 45.63 17.72 1.14
N VAL B 97 45.22 18.49 2.14
CA VAL B 97 43.80 18.56 2.53
C VAL B 97 42.86 19.10 1.44
N ALA B 98 43.43 19.73 0.41
CA ALA B 98 42.68 20.20 -0.76
C ALA B 98 42.31 19.10 -1.77
N ASP B 99 42.95 17.93 -1.69
CA ASP B 99 42.86 16.93 -2.77
C ASP B 99 41.91 15.77 -2.49
N TRP B 100 40.65 16.00 -2.80
CA TRP B 100 39.61 15.03 -2.67
C TRP B 100 39.26 14.58 -4.07
N ARG B 101 38.53 13.48 -4.16
CA ARG B 101 38.19 12.90 -5.44
C ARG B 101 36.82 12.26 -5.31
N PRO B 102 36.06 12.20 -6.42
CA PRO B 102 34.76 11.54 -6.38
C PRO B 102 34.89 10.03 -6.17
N ILE B 103 34.10 9.50 -5.24
CA ILE B 103 34.09 8.07 -4.92
C ILE B 103 33.82 7.23 -6.18
N LEU B 104 32.91 7.70 -7.02
CA LEU B 104 32.49 7.00 -8.22
C LEU B 104 33.58 6.81 -9.29
N MET B 105 34.83 7.20 -9.02
CA MET B 105 35.98 6.71 -9.81
C MET B 105 36.59 5.47 -9.19
N TYR B 106 36.36 5.27 -7.89
CA TYR B 106 36.94 4.16 -7.14
C TYR B 106 35.96 3.03 -6.78
N VAL B 107 34.66 3.28 -6.81
CA VAL B 107 33.66 2.31 -6.33
C VAL B 107 32.35 2.45 -7.07
N TRP B 108 31.71 1.31 -7.34
CA TRP B 108 30.47 1.27 -8.12
C TRP B 108 29.44 0.35 -7.50
N PRO B 109 28.15 0.63 -7.75
CA PRO B 109 27.04 -0.22 -7.29
C PRO B 109 27.15 -1.64 -7.82
N SER B 110 27.72 -1.77 -9.01
CA SER B 110 27.85 -3.04 -9.70
C SER B 110 28.91 -2.96 -10.78
N LYS B 111 29.28 -4.11 -11.31
CA LYS B 111 30.27 -4.19 -12.37
C LYS B 111 29.76 -3.58 -13.66
N ASP B 112 28.44 -3.58 -13.83
CA ASP B 112 27.81 -2.96 -15.00
C ASP B 112 28.03 -1.46 -15.05
N VAL B 113 27.76 -0.80 -13.93
CA VAL B 113 27.93 0.64 -13.80
C VAL B 113 29.41 1.00 -14.01
N GLN B 114 30.31 0.19 -13.44
CA GLN B 114 31.75 0.30 -13.66
C GLN B 114 32.13 0.20 -15.14
N ALA B 115 31.45 -0.67 -15.88
CA ALA B 115 31.70 -0.81 -17.31
C ALA B 115 31.18 0.40 -18.10
N LYS B 116 30.02 0.91 -17.70
CA LYS B 116 29.45 2.08 -18.38
C LYS B 116 30.16 3.36 -17.97
N PHE B 117 30.80 3.34 -16.80
CA PHE B 117 31.61 4.44 -16.33
C PHE B 117 32.79 4.63 -17.25
N ILE B 118 33.50 3.54 -17.48
CA ILE B 118 34.69 3.54 -18.33
C ILE B 118 34.33 3.94 -19.76
N GLN B 119 33.33 3.26 -20.33
CA GLN B 119 32.88 3.54 -21.70
C GLN B 119 32.48 5.00 -21.85
N TYR B 120 31.72 5.51 -20.88
CA TYR B 120 31.25 6.89 -20.92
C TYR B 120 32.42 7.89 -20.89
N PHE B 121 33.32 7.72 -19.92
CA PHE B 121 34.44 8.66 -19.73
C PHE B 121 35.35 8.75 -20.96
N VAL B 122 35.69 7.60 -21.52
CA VAL B 122 36.54 7.52 -22.70
C VAL B 122 35.86 8.16 -23.93
N ASN B 123 34.55 8.02 -24.05
CA ASN B 123 33.82 8.63 -25.17
C ASN B 123 33.55 10.12 -24.93
N HIS B 124 33.74 10.58 -23.70
CA HIS B 124 33.53 11.99 -23.36
C HIS B 124 34.82 12.65 -22.87
N GLY B 125 35.95 12.30 -23.50
CA GLY B 125 37.18 13.07 -23.32
C GLY B 125 38.43 12.33 -22.90
N TYR B 126 38.31 11.34 -22.03
CA TYR B 126 39.49 10.80 -21.32
C TYR B 126 40.06 9.55 -22.00
N GLU B 127 40.05 9.52 -23.35
CA GLU B 127 40.68 8.44 -24.11
C GLU B 127 42.18 8.66 -24.08
N ASN B 128 42.96 7.60 -24.04
CA ASN B 128 44.42 7.69 -24.12
C ASN B 128 45.03 6.32 -24.45
N SER B 129 45.45 6.14 -25.71
CA SER B 129 45.90 4.82 -26.20
C SER B 129 47.15 4.29 -25.49
N ASN B 130 47.97 5.18 -24.96
CA ASN B 130 49.15 4.78 -24.20
C ASN B 130 48.78 4.08 -22.88
N TYR B 131 47.56 4.29 -22.41
CA TYR B 131 47.06 3.60 -21.20
C TYR B 131 45.95 2.58 -21.49
N GLY B 132 45.86 2.13 -22.74
CA GLY B 132 44.89 1.12 -23.17
C GLY B 132 43.42 1.53 -23.13
N LEU B 133 43.15 2.83 -23.31
CA LEU B 133 41.79 3.38 -23.23
C LEU B 133 41.38 4.08 -24.51
N THR B 134 40.66 3.37 -25.39
CA THR B 134 40.14 3.94 -26.63
C THR B 134 38.68 3.52 -26.78
N THR B 135 37.92 4.21 -27.62
CA THR B 135 36.55 3.80 -27.94
C THR B 135 36.35 2.29 -28.25
N GLY B 136 37.30 1.68 -28.94
CA GLY B 136 37.24 0.28 -29.30
C GLY B 136 37.96 -0.68 -28.35
N SER B 137 38.82 -0.14 -27.50
CA SER B 137 39.47 -0.97 -26.47
C SER B 137 38.53 -1.21 -25.28
N VAL B 138 37.55 -0.32 -25.11
CA VAL B 138 36.58 -0.42 -24.01
C VAL B 138 35.16 -0.78 -24.47
N LYS B 139 34.98 -0.95 -25.77
CA LYS B 139 33.64 -1.07 -26.38
C LYS B 139 32.85 -2.23 -25.83
N ASP B 140 33.50 -3.39 -25.69
CA ASP B 140 32.81 -4.63 -25.35
C ASP B 140 32.87 -4.99 -23.86
N LEU B 141 33.32 -4.06 -23.02
CA LEU B 141 33.27 -4.26 -21.57
C LEU B 141 31.81 -4.29 -21.13
N SER B 142 31.57 -4.88 -19.97
CA SER B 142 30.22 -5.10 -19.45
C SER B 142 30.33 -5.82 -18.11
N GLU B 143 29.17 -6.20 -17.56
CA GLU B 143 29.12 -6.91 -16.28
C GLU B 143 29.82 -8.29 -16.26
N ASN B 144 29.91 -8.97 -17.41
CA ASN B 144 30.54 -10.30 -17.46
C ASN B 144 32.08 -10.29 -17.53
N THR B 145 32.68 -9.12 -17.83
CA THR B 145 34.13 -8.98 -17.82
C THR B 145 34.69 -9.34 -16.44
N ALA B 146 35.87 -9.93 -16.40
CA ALA B 146 36.45 -10.34 -15.13
C ALA B 146 36.62 -9.16 -14.20
N SER B 147 36.42 -9.37 -12.91
CA SER B 147 36.58 -8.29 -11.93
C SER B 147 37.98 -7.69 -12.05
N ILE B 148 38.98 -8.57 -11.96
CA ILE B 148 40.39 -8.16 -12.08
C ILE B 148 40.66 -7.25 -13.30
N LYS B 149 39.92 -7.43 -14.39
CA LYS B 149 40.13 -6.65 -15.62
C LYS B 149 39.51 -5.27 -15.60
N LEU B 150 38.31 -5.15 -15.02
CA LEU B 150 37.65 -3.84 -14.90
C LEU B 150 38.36 -2.97 -13.86
N ASN B 151 38.83 -3.62 -12.78
CA ASN B 151 39.77 -3.01 -11.85
C ASN B 151 40.97 -2.46 -12.56
N GLU B 152 41.65 -3.31 -13.35
CA GLU B 152 42.85 -2.91 -14.07
C GLU B 152 42.54 -1.70 -14.96
N VAL B 153 41.54 -1.86 -15.83
CA VAL B 153 41.17 -0.79 -16.77
C VAL B 153 40.73 0.51 -16.06
N ALA B 154 40.03 0.39 -14.93
CA ALA B 154 39.59 1.56 -14.17
C ALA B 154 40.79 2.24 -13.51
N GLN B 155 41.76 1.45 -13.04
CA GLN B 155 42.97 2.02 -12.46
C GLN B 155 43.70 2.86 -13.52
N ASN B 156 43.74 2.35 -14.76
CA ASN B 156 44.31 3.10 -15.88
C ASN B 156 43.51 4.34 -16.23
N LEU B 157 42.19 4.20 -16.25
CA LEU B 157 41.29 5.34 -16.45
C LEU B 157 41.55 6.39 -15.39
N ARG B 158 41.83 5.93 -14.18
CA ARG B 158 42.06 6.83 -13.07
C ARG B 158 43.32 7.68 -13.23
N TYR B 159 44.34 7.12 -13.89
CA TYR B 159 45.57 7.86 -14.17
C TYR B 159 45.31 8.99 -15.17
N VAL B 160 44.55 8.69 -16.22
CA VAL B 160 44.17 9.69 -17.21
C VAL B 160 43.32 10.82 -16.60
N ILE B 161 42.41 10.47 -15.70
CA ILE B 161 41.62 11.47 -14.96
C ILE B 161 42.57 12.42 -14.23
N GLU B 162 43.61 11.87 -13.62
CA GLU B 162 44.60 12.68 -12.92
C GLU B 162 45.42 13.54 -13.88
N GLN B 163 45.75 13.02 -15.06
CA GLN B 163 46.34 13.82 -16.14
C GLN B 163 45.45 15.00 -16.52
N HIS B 164 44.16 14.74 -16.64
CA HIS B 164 43.16 15.77 -16.96
C HIS B 164 43.11 16.85 -15.88
N ILE B 165 43.11 16.43 -14.61
CA ILE B 165 43.03 17.32 -13.45
C ILE B 165 44.21 18.30 -13.38
N VAL B 166 45.41 17.78 -13.62
CA VAL B 166 46.61 18.62 -13.67
C VAL B 166 46.56 19.58 -14.86
N ALA B 167 46.06 19.10 -16.00
CA ALA B 167 45.94 19.94 -17.21
C ALA B 167 44.96 21.09 -17.04
N ALA B 168 44.05 20.96 -16.09
CA ALA B 168 43.05 21.97 -15.83
C ALA B 168 43.25 22.68 -14.50
N LYS B 169 44.15 22.17 -13.65
CA LYS B 169 44.38 22.72 -12.32
C LYS B 169 43.14 22.74 -11.41
N SER B 170 42.18 21.84 -11.66
CA SER B 170 41.00 21.75 -10.83
C SER B 170 40.31 20.40 -10.98
N THR B 171 39.41 20.08 -10.05
CA THR B 171 38.57 18.90 -10.19
C THR B 171 37.17 19.27 -10.67
N SER B 172 37.02 20.45 -11.26
CA SER B 172 35.71 20.98 -11.61
C SER B 172 35.08 20.27 -12.80
N GLN B 173 35.82 20.11 -13.90
CA GLN B 173 35.27 19.37 -15.04
C GLN B 173 34.96 17.92 -14.69
N LEU B 174 35.82 17.30 -13.87
CA LEU B 174 35.60 15.95 -13.37
C LEU B 174 34.23 15.84 -12.66
N ALA B 175 34.06 16.64 -11.60
CA ALA B 175 32.79 16.74 -10.90
C ALA B 175 31.60 16.85 -11.87
N ASN B 176 31.73 17.72 -12.86
CA ASN B 176 30.68 17.92 -13.87
C ASN B 176 30.42 16.62 -14.62
N ASP B 177 31.49 16.05 -15.19
CA ASP B 177 31.40 14.80 -15.93
C ASP B 177 30.81 13.63 -15.13
N ILE B 178 30.97 13.66 -13.81
CA ILE B 178 30.33 12.69 -12.93
C ILE B 178 28.83 12.93 -12.95
N ASN B 179 28.41 14.06 -12.42
CA ASN B 179 27.00 14.45 -12.46
C ASN B 179 26.36 14.12 -13.82
N ASN B 180 27.11 14.34 -14.91
CA ASN B 180 26.59 14.06 -16.24
C ASN B 180 26.45 12.55 -16.48
N PHE B 181 27.46 11.79 -16.09
CA PHE B 181 27.42 10.33 -16.20
C PHE B 181 26.27 9.75 -15.39
N ILE B 182 26.17 10.22 -14.15
CA ILE B 182 25.14 9.78 -13.24
C ILE B 182 23.75 9.84 -13.88
N THR B 183 23.47 10.90 -14.62
CA THR B 183 22.15 11.04 -15.26
C THR B 183 21.91 10.03 -16.39
N THR B 184 22.97 9.37 -16.88
CA THR B 184 22.82 8.31 -17.89
C THR B 184 22.57 6.91 -17.30
N ILE B 185 22.77 6.78 -15.99
CA ILE B 185 22.50 5.53 -15.27
C ILE B 185 21.17 5.65 -14.53
N PRO B 186 20.16 4.86 -14.96
CA PRO B 186 18.81 4.95 -14.33
C PRO B 186 18.80 4.86 -12.81
N GLU B 187 19.57 3.94 -12.24
CA GLU B 187 19.60 3.72 -10.80
C GLU B 187 20.43 4.73 -10.00
N LEU B 188 21.26 5.54 -10.68
CA LEU B 188 22.03 6.58 -10.00
C LEU B 188 21.41 7.96 -10.12
N SER B 189 20.69 8.21 -11.21
CA SER B 189 20.10 9.52 -11.45
C SER B 189 18.90 9.76 -10.56
N ALA B 190 18.50 11.02 -10.48
CA ALA B 190 17.47 11.47 -9.55
C ALA B 190 16.08 10.90 -9.89
N SER B 191 15.82 10.69 -11.18
CA SER B 191 14.54 10.13 -11.65
C SER B 191 14.27 8.69 -11.16
N SER B 192 15.24 8.12 -10.43
CA SER B 192 15.09 6.83 -9.77
C SER B 192 14.03 6.85 -8.67
N GLU B 193 13.80 8.01 -8.07
CA GLU B 193 12.79 8.16 -7.03
C GLU B 193 11.37 8.26 -7.61
N LEU B 194 11.25 8.24 -8.95
CA LEU B 194 9.97 8.08 -9.64
C LEU B 194 8.99 9.22 -9.38
N PRO B 195 9.18 10.38 -10.04
CA PRO B 195 8.30 11.53 -9.84
C PRO B 195 6.87 11.30 -10.38
N TYR B 196 5.83 11.97 -9.84
CA TYR B 196 5.94 12.96 -8.76
C TYR B 196 5.04 12.54 -7.61
N GLY B 197 5.53 12.70 -6.39
CA GLY B 197 4.80 12.30 -5.22
C GLY B 197 5.67 12.34 -3.99
N GLN B 198 5.65 11.26 -3.22
CA GLN B 198 6.27 11.26 -1.92
C GLN B 198 6.81 9.89 -1.59
N VAL B 199 7.68 9.86 -0.59
CA VAL B 199 8.04 8.62 0.05
C VAL B 199 7.57 8.69 1.48
N ILE B 200 7.51 7.52 2.10
CA ILE B 200 7.23 7.37 3.51
C ILE B 200 8.51 6.86 4.16
N PHE B 201 8.74 7.23 5.41
CA PHE B 201 9.89 6.68 6.12
C PHE B 201 9.39 5.43 6.84
N VAL B 202 10.27 4.41 6.86
CA VAL B 202 9.93 3.08 7.38
C VAL B 202 11.04 2.54 8.29
N ASN B 203 10.68 1.61 9.18
CA ASN B 203 11.63 1.05 10.13
C ASN B 203 12.65 0.17 9.38
N ASN B 204 13.91 0.24 9.80
CA ASN B 204 14.97 -0.54 9.22
C ASN B 204 16.18 -0.52 10.14
N ASP B 205 16.85 -1.64 10.29
CA ASP B 205 17.96 -1.74 11.24
C ASP B 205 19.19 -0.89 10.90
N ASN B 206 19.36 -0.55 9.62
CA ASN B 206 20.47 0.29 9.18
C ASN B 206 20.28 1.74 9.58
N THR B 207 19.01 2.13 9.74
CA THR B 207 18.62 3.47 10.09
C THR B 207 17.72 3.47 11.33
N SER B 208 18.11 2.70 12.35
CA SER B 208 17.20 2.45 13.48
C SER B 208 16.88 3.73 14.30
N TYR B 209 17.79 4.70 14.27
CA TYR B 209 17.55 6.04 14.84
C TYR B 209 16.30 6.71 14.26
N ALA B 210 15.89 6.28 13.07
CA ALA B 210 14.66 6.76 12.42
C ALA B 210 13.44 5.79 12.49
N ASP B 211 13.43 4.86 13.44
CA ASP B 211 12.31 3.92 13.54
C ASP B 211 11.13 4.56 14.26
N SER B 212 9.94 4.07 13.96
CA SER B 212 8.77 4.42 14.73
C SER B 212 7.79 3.26 14.79
N LYS B 213 7.22 3.08 15.98
CA LYS B 213 6.09 2.20 16.19
C LYS B 213 4.81 2.81 15.64
N TYR B 214 4.81 4.12 15.39
CA TYR B 214 3.59 4.83 15.03
C TYR B 214 3.47 5.07 13.53
N ARG B 215 3.61 6.29 13.05
CA ARG B 215 3.34 6.60 11.63
C ARG B 215 2.01 6.01 11.15
N LEU B 216 0.97 6.14 11.97
CA LEU B 216 -0.37 5.78 11.55
C LEU B 216 -0.83 6.88 10.60
N MET B 217 -0.95 6.54 9.32
CA MET B 217 -1.15 7.54 8.28
C MET B 217 -2.56 7.54 7.72
N SER B 218 -3.01 8.74 7.37
CA SER B 218 -4.36 8.97 6.83
C SER B 218 -5.45 8.63 7.83
N ARG B 219 -5.16 8.83 9.11
CA ARG B 219 -6.17 8.78 10.17
C ARG B 219 -6.88 10.11 10.25
N THR B 220 -7.50 10.47 9.14
CA THR B 220 -7.97 11.81 8.89
C THR B 220 -9.48 11.85 8.85
N ILE B 221 -10.05 12.81 9.55
CA ILE B 221 -11.50 12.98 9.58
C ILE B 221 -12.08 11.70 10.20
N ASN B 222 -13.03 11.03 9.55
CA ASN B 222 -13.70 9.88 10.15
C ASN B 222 -12.87 8.60 10.08
N ASN B 223 -11.73 8.64 9.36
CA ASN B 223 -10.78 7.53 9.34
C ASN B 223 -9.89 7.40 10.57
N GLN B 224 -9.98 8.36 11.50
CA GLN B 224 -9.23 8.32 12.78
C GLN B 224 -9.05 6.90 13.34
N THR B 225 -10.13 6.12 13.34
CA THR B 225 -10.12 4.78 13.95
C THR B 225 -9.53 3.70 13.06
N GLY B 226 -8.79 4.08 12.02
CA GLY B 226 -8.17 3.13 11.10
C GLY B 226 -9.12 2.28 10.27
N ASN B 227 -10.44 2.43 10.42
CA ASN B 227 -11.39 1.57 9.69
C ASN B 227 -12.27 2.37 8.72
N ASP B 228 -11.76 2.58 7.51
CA ASP B 228 -12.43 3.42 6.52
C ASP B 228 -13.63 2.70 5.87
N ASN B 229 -14.80 2.82 6.50
CA ASN B 229 -16.03 2.15 6.03
C ASN B 229 -17.20 3.10 5.74
N ASP B 230 -16.90 4.36 5.43
CA ASP B 230 -17.90 5.45 5.34
C ASP B 230 -18.49 5.64 3.93
N ASN B 231 -18.02 4.86 2.95
CA ASN B 231 -18.28 5.07 1.51
C ASN B 231 -17.51 6.29 0.89
N SER B 232 -17.01 7.22 1.71
CA SER B 232 -16.81 8.63 1.32
C SER B 232 -15.39 9.20 1.54
N ASP B 233 -15.20 10.47 1.09
CA ASP B 233 -13.92 11.17 1.05
C ASP B 233 -13.55 11.75 2.41
N ASN B 234 -12.51 11.19 3.03
CA ASN B 234 -12.08 11.60 4.38
C ASN B 234 -10.61 12.06 4.43
N GLY B 235 -10.10 12.54 3.30
CA GLY B 235 -8.76 13.12 3.26
C GLY B 235 -7.63 12.13 3.14
N TYR B 236 -6.40 12.66 3.20
CA TYR B 236 -5.16 11.87 3.07
C TYR B 236 -4.02 12.57 3.81
N GLU B 237 -2.93 11.85 4.10
CA GLU B 237 -1.89 12.37 4.98
C GLU B 237 -0.96 13.47 4.36
N PHE B 238 -0.54 13.26 3.10
CA PHE B 238 0.54 14.06 2.46
C PHE B 238 0.07 15.21 1.56
N LEU B 239 0.58 16.41 1.86
CA LEU B 239 0.39 17.57 1.00
C LEU B 239 1.71 17.86 0.28
N THR B 240 2.68 18.44 0.98
CA THR B 240 3.99 18.71 0.38
C THR B 240 5.02 19.16 1.43
N GLY B 241 6.26 18.68 1.29
CA GLY B 241 7.28 18.90 2.30
C GLY B 241 7.41 17.74 3.29
N ILE B 242 8.18 17.95 4.35
CA ILE B 242 8.34 16.95 5.40
C ILE B 242 7.03 16.82 6.15
N ASP B 243 6.31 15.70 5.92
CA ASP B 243 5.06 15.44 6.62
C ASP B 243 5.32 15.00 8.06
N ILE B 244 4.67 15.70 8.99
CA ILE B 244 4.83 15.46 10.43
C ILE B 244 3.91 14.34 10.89
N ASP B 245 4.48 13.40 11.65
CA ASP B 245 3.71 12.28 12.23
C ASP B 245 2.93 12.74 13.46
N ASN B 246 1.68 13.14 13.23
CA ASN B 246 0.78 13.55 14.30
C ASN B 246 0.08 12.38 15.00
N SER B 247 0.44 11.15 14.65
CA SER B 247 0.02 9.97 15.42
C SER B 247 1.02 9.60 16.52
N ASN B 248 2.25 10.11 16.42
CA ASN B 248 3.26 9.85 17.44
C ASN B 248 2.83 10.50 18.76
N PRO B 249 2.83 9.73 19.85
CA PRO B 249 2.41 10.32 21.13
C PRO B 249 3.30 11.47 21.62
N VAL B 250 4.60 11.40 21.36
CA VAL B 250 5.52 12.50 21.76
C VAL B 250 5.21 13.79 21.00
N VAL B 251 4.99 13.65 19.70
CA VAL B 251 4.63 14.75 18.79
C VAL B 251 3.26 15.31 19.18
N GLN B 252 2.35 14.43 19.56
CA GLN B 252 1.02 14.85 20.03
C GLN B 252 1.14 15.71 21.28
N ALA B 253 2.08 15.38 22.16
CA ALA B 253 2.37 16.21 23.32
C ALA B 253 3.14 17.50 22.95
N GLU B 254 4.04 17.42 21.98
CA GLU B 254 4.71 18.61 21.47
C GLU B 254 3.71 19.60 20.89
N ASN B 255 2.66 19.07 20.24
CA ASN B 255 1.58 19.91 19.73
C ASN B 255 0.86 20.69 20.84
N LEU B 256 0.63 20.04 21.97
CA LEU B 256 -0.03 20.70 23.10
C LEU B 256 0.92 21.72 23.74
N ASN B 257 2.21 21.43 23.72
CA ASN B 257 3.23 22.40 24.13
C ASN B 257 3.26 23.62 23.21
N TRP B 258 3.26 23.34 21.91
CA TRP B 258 3.28 24.41 20.92
C TRP B 258 2.06 25.30 21.05
N GLU B 259 0.88 24.70 21.21
CA GLU B 259 -0.36 25.45 21.37
C GLU B 259 -0.40 26.26 22.68
N TYR B 260 0.15 25.70 23.76
CA TYR B 260 0.20 26.39 25.05
C TYR B 260 1.05 27.65 24.96
N PHE B 261 2.17 27.54 24.28
CA PHE B 261 3.06 28.67 23.98
C PHE B 261 2.30 29.79 23.26
N LEU B 262 1.58 29.44 22.20
CA LEU B 262 0.88 30.45 21.41
C LEU B 262 -0.26 31.13 22.17
N LEU B 263 -0.93 30.39 23.05
CA LEU B 263 -2.00 30.97 23.86
C LEU B 263 -1.47 31.84 25.01
N ASN B 264 -0.16 31.85 25.22
CA ASN B 264 0.48 32.71 26.22
C ASN B 264 1.70 33.47 25.67
N TYR B 265 1.75 33.67 24.35
CA TYR B 265 2.96 34.11 23.67
C TYR B 265 3.63 35.29 24.36
N GLY B 266 2.90 36.40 24.42
CA GLY B 266 3.36 37.63 25.04
C GLY B 266 3.97 37.43 26.41
N LYS B 267 3.23 36.75 27.30
CA LYS B 267 3.66 36.56 28.68
C LYS B 267 4.95 35.76 28.74
N LEU B 268 4.99 34.66 28.00
CA LEU B 268 6.14 33.75 28.02
C LEU B 268 7.39 34.40 27.45
N MET B 269 7.24 35.11 26.34
CA MET B 269 8.35 35.84 25.72
C MET B 269 8.79 37.10 26.51
N GLY B 270 7.93 37.58 27.37
CA GLY B 270 8.20 38.80 28.14
C GLY B 270 7.89 40.04 27.33
N TYR B 271 7.19 39.89 26.21
CA TYR B 271 6.73 41.01 25.41
C TYR B 271 5.47 41.57 26.06
N ASN B 272 4.54 42.07 25.27
CA ASN B 272 3.29 42.58 25.81
C ASN B 272 2.57 41.46 26.56
N PRO B 273 2.36 41.61 27.89
CA PRO B 273 1.76 40.52 28.67
C PRO B 273 0.29 40.22 28.33
N ASP B 274 -0.30 41.00 27.42
CA ASP B 274 -1.63 40.72 26.89
C ASP B 274 -1.59 40.39 25.40
N GLY B 275 -0.39 40.14 24.86
CA GLY B 275 -0.22 39.75 23.47
C GLY B 275 -0.23 38.23 23.31
N ASN B 276 -1.40 37.65 23.58
CA ASN B 276 -1.57 36.21 23.60
C ASN B 276 -2.75 35.86 22.69
N PHE B 277 -2.60 34.80 21.92
CA PHE B 277 -3.67 34.33 21.02
C PHE B 277 -4.81 33.70 21.82
N ASP B 278 -6.03 33.79 21.27
CA ASP B 278 -7.23 33.30 21.98
C ASP B 278 -7.85 32.03 21.41
N GLY B 279 -7.37 31.59 20.25
CA GLY B 279 -7.87 30.37 19.60
C GLY B 279 -7.01 29.98 18.40
N PHE B 280 -7.47 29.01 17.61
CA PHE B 280 -6.68 28.51 16.47
C PHE B 280 -7.43 28.38 15.17
N ARG B 281 -6.78 28.80 14.08
CA ARG B 281 -7.16 28.40 12.74
C ARG B 281 -6.27 27.19 12.42
N ILE B 282 -6.86 26.00 12.38
CA ILE B 282 -6.09 24.75 12.23
C ILE B 282 -5.86 24.44 10.74
N ASP B 283 -4.62 24.67 10.31
CA ASP B 283 -4.23 24.43 8.93
C ASP B 283 -4.19 22.96 8.62
N ALA B 284 -4.68 22.62 7.43
CA ALA B 284 -4.64 21.28 6.88
C ALA B 284 -5.31 20.30 7.81
N ALA B 285 -6.53 20.63 8.22
CA ALA B 285 -7.29 19.77 9.13
C ALA B 285 -7.66 18.44 8.46
N ASP B 286 -7.80 18.45 7.13
CA ASP B 286 -8.11 17.24 6.39
C ASP B 286 -6.89 16.30 6.18
N HIS B 287 -5.72 16.68 6.70
CA HIS B 287 -4.49 15.99 6.33
C HIS B 287 -3.56 15.68 7.51
N ILE B 288 -4.14 15.52 8.70
CA ILE B 288 -3.40 15.16 9.90
C ILE B 288 -4.20 14.16 10.73
N ASP B 289 -3.52 13.45 11.62
CA ASP B 289 -4.19 12.55 12.53
C ASP B 289 -5.22 13.36 13.31
N ALA B 290 -6.49 13.04 13.12
CA ALA B 290 -7.57 13.76 13.76
C ALA B 290 -7.55 13.64 15.29
N ASP B 291 -6.61 12.88 15.86
CA ASP B 291 -6.35 12.91 17.30
C ASP B 291 -6.04 14.32 17.78
N VAL B 292 -5.23 15.06 17.00
CA VAL B 292 -4.80 16.41 17.40
C VAL B 292 -5.98 17.37 17.43
N LEU B 293 -6.97 17.13 16.57
CA LEU B 293 -8.20 17.92 16.59
C LEU B 293 -8.91 17.73 17.92
N ASP B 294 -8.95 16.48 18.41
CA ASP B 294 -9.50 16.19 19.73
C ASP B 294 -8.68 16.84 20.82
N GLN B 295 -7.37 16.56 20.79
CA GLN B 295 -6.46 16.99 21.84
C GLN B 295 -6.35 18.52 21.96
N THR B 296 -6.63 19.24 20.87
CA THR B 296 -6.63 20.71 20.89
C THR B 296 -7.89 21.26 21.62
N GLY B 297 -9.05 20.71 21.27
CA GLY B 297 -10.29 21.01 21.97
C GLY B 297 -10.20 20.70 23.45
N GLN B 298 -9.51 19.61 23.77
CA GLN B 298 -9.33 19.21 25.15
C GLN B 298 -8.48 20.23 25.90
N LEU B 299 -7.39 20.68 25.29
CA LEU B 299 -6.54 21.73 25.87
C LEU B 299 -7.37 22.99 26.20
N MET B 300 -8.07 23.47 25.20
CA MET B 300 -8.86 24.69 25.30
C MET B 300 -9.95 24.57 26.37
N ASP B 301 -10.66 23.44 26.38
CA ASP B 301 -11.68 23.18 27.39
C ASP B 301 -11.06 23.18 28.79
N ASP B 302 -9.90 22.55 28.91
CA ASP B 302 -9.24 22.50 30.21
C ASP B 302 -8.82 23.88 30.67
N MET B 303 -8.14 24.63 29.79
CA MET B 303 -7.64 25.95 30.16
C MET B 303 -8.77 26.94 30.38
N TYR B 304 -9.77 26.88 29.51
CA TYR B 304 -10.77 27.94 29.46
C TYR B 304 -12.20 27.50 29.77
N HIS B 305 -12.40 26.27 30.24
CA HIS B 305 -13.73 25.83 30.71
C HIS B 305 -14.83 26.19 29.72
N MET B 306 -14.73 25.69 28.50
CA MET B 306 -15.66 26.07 27.43
C MET B 306 -16.92 25.23 27.36
N LYS B 307 -16.88 24.04 27.93
CA LYS B 307 -17.91 23.03 27.69
C LYS B 307 -19.24 23.45 28.31
N GLY B 308 -19.16 23.93 29.54
CA GLY B 308 -20.34 24.43 30.24
C GLY B 308 -20.85 25.76 29.72
N ASN B 309 -19.95 26.67 29.33
CA ASN B 309 -20.28 28.08 29.03
C ASN B 309 -20.13 28.42 27.56
N PRO B 310 -21.24 28.65 26.84
CA PRO B 310 -21.08 29.28 25.53
C PRO B 310 -20.28 30.61 25.55
N GLN B 311 -20.25 31.32 26.67
CA GLN B 311 -19.51 32.58 26.74
C GLN B 311 -18.02 32.37 26.68
N ASN B 312 -17.50 31.47 27.51
CA ASN B 312 -16.08 31.09 27.43
C ASN B 312 -15.77 30.54 26.06
N ALA B 313 -16.56 29.56 25.63
CA ALA B 313 -16.34 28.92 24.34
C ALA B 313 -16.17 29.95 23.24
N ASN B 314 -17.12 30.86 23.12
CA ASN B 314 -17.14 31.82 22.01
C ASN B 314 -16.05 32.91 22.06
N ASN B 315 -15.46 33.12 23.24
CA ASN B 315 -14.29 33.97 23.37
C ASN B 315 -13.02 33.29 22.91
N HIS B 316 -13.08 31.97 22.82
CA HIS B 316 -11.96 31.15 22.38
C HIS B 316 -12.36 30.36 21.15
N LEU B 317 -12.69 31.06 20.08
CA LEU B 317 -13.11 30.44 18.84
C LEU B 317 -11.95 29.68 18.16
N SER B 318 -12.23 28.50 17.59
CA SER B 318 -11.27 27.80 16.72
C SER B 318 -11.97 27.24 15.49
N TYR B 319 -11.28 27.27 14.34
CA TYR B 319 -11.88 26.81 13.08
C TYR B 319 -10.90 26.04 12.18
N ASN B 320 -11.39 24.92 11.67
CA ASN B 320 -10.59 23.99 10.89
C ASN B 320 -10.73 24.30 9.41
N GLU B 321 -9.60 24.36 8.72
CA GLU B 321 -9.61 24.52 7.29
C GLU B 321 -9.93 23.17 6.69
N GLY B 322 -10.87 23.15 5.74
CA GLY B 322 -11.20 21.93 5.04
C GLY B 322 -11.98 22.17 3.77
N TYR B 323 -11.94 21.16 2.88
CA TYR B 323 -12.74 21.17 1.67
C TYR B 323 -13.52 19.85 1.54
N ARG B 324 -13.78 19.16 2.65
CA ARG B 324 -14.53 17.89 2.61
C ARG B 324 -15.64 17.80 3.65
N SER B 325 -16.85 17.58 3.17
CA SER B 325 -18.06 17.63 3.99
C SER B 325 -18.12 16.55 5.06
N SER B 326 -17.41 15.45 4.85
CA SER B 326 -17.22 14.43 5.87
C SER B 326 -16.71 14.98 7.21
N ALA B 327 -16.11 16.18 7.20
CA ALA B 327 -15.67 16.84 8.44
C ALA B 327 -16.85 17.33 9.29
N ALA B 328 -17.97 17.66 8.66
CA ALA B 328 -19.14 18.13 9.42
C ALA B 328 -19.54 17.06 10.43
N ARG B 329 -19.88 15.89 9.92
CA ARG B 329 -20.22 14.72 10.73
C ARG B 329 -19.16 14.42 11.79
N MET B 330 -17.90 14.54 11.39
CA MET B 330 -16.77 14.24 12.27
C MET B 330 -16.79 15.20 13.48
N LEU B 331 -16.94 16.49 13.21
CA LEU B 331 -16.98 17.45 14.30
C LEU B 331 -18.25 17.34 15.14
N ASN B 332 -19.39 17.13 14.49
CA ASN B 332 -20.66 16.94 15.20
C ASN B 332 -20.49 15.88 16.27
N LYS B 333 -20.01 14.70 15.88
CA LYS B 333 -19.78 13.58 16.82
C LYS B 333 -18.82 13.89 17.97
N LYS B 334 -17.97 14.90 17.80
CA LYS B 334 -16.99 15.29 18.82
C LYS B 334 -17.47 16.43 19.70
N GLY B 335 -18.72 16.86 19.51
CA GLY B 335 -19.25 18.04 20.19
C GLY B 335 -18.71 19.36 19.65
N ASN B 336 -18.21 19.35 18.43
CA ASN B 336 -17.80 20.56 17.72
C ASN B 336 -16.76 21.40 18.46
N PRO B 337 -15.58 20.81 18.76
CA PRO B 337 -14.49 21.57 19.37
C PRO B 337 -13.96 22.68 18.48
N GLN B 338 -14.20 22.56 17.18
CA GLN B 338 -13.89 23.61 16.22
C GLN B 338 -15.01 23.75 15.20
N LEU B 339 -14.98 24.87 14.48
CA LEU B 339 -15.91 25.13 13.39
C LEU B 339 -15.52 24.30 12.15
N TYR B 340 -16.52 23.95 11.34
CA TYR B 340 -16.30 23.26 10.06
C TYR B 340 -16.30 24.26 8.91
N MET B 341 -15.28 24.21 8.05
CA MET B 341 -15.23 25.15 6.90
C MET B 341 -16.24 24.73 5.85
N ASP B 342 -17.33 25.49 5.76
CA ASP B 342 -18.41 25.23 4.83
C ASP B 342 -18.00 25.68 3.41
N TYR B 343 -18.70 25.13 2.42
CA TYR B 343 -18.32 25.25 1.01
C TYR B 343 -19.21 26.18 0.19
N VAL B 344 -20.08 26.96 0.86
CA VAL B 344 -20.88 27.99 0.18
C VAL B 344 -20.06 28.92 -0.71
N GLY B 345 -18.82 29.20 -0.30
CA GLY B 345 -17.90 29.98 -1.11
C GLY B 345 -17.89 29.58 -2.57
N SER B 346 -17.93 28.27 -2.85
CA SER B 346 -17.92 27.77 -4.23
C SER B 346 -19.31 27.78 -4.85
N THR B 347 -20.34 27.49 -4.05
CA THR B 347 -21.72 27.66 -4.50
C THR B 347 -21.91 29.08 -5.03
N LEU B 348 -21.43 30.05 -4.25
CA LEU B 348 -21.48 31.47 -4.62
C LEU B 348 -20.74 31.77 -5.90
N GLY B 349 -19.49 31.32 -5.99
CA GLY B 349 -18.66 31.54 -7.17
C GLY B 349 -19.26 30.94 -8.44
N ASN B 350 -19.98 29.83 -8.27
CA ASN B 350 -20.61 29.13 -9.39
C ASN B 350 -21.92 29.80 -9.79
N VAL B 351 -22.72 30.21 -8.80
CA VAL B 351 -24.00 30.88 -9.04
C VAL B 351 -23.83 32.35 -9.45
N LEU B 352 -22.84 33.04 -8.86
CA LEU B 352 -22.69 34.50 -9.04
C LEU B 352 -21.38 34.99 -9.68
N GLY B 353 -20.33 34.19 -9.63
CA GLY B 353 -18.99 34.62 -10.00
C GLY B 353 -18.55 34.37 -11.41
N ARG B 354 -19.14 33.36 -12.06
CA ARG B 354 -18.71 32.94 -13.40
C ARG B 354 -19.00 34.01 -14.46
N ALA B 355 -18.16 34.05 -15.49
CA ALA B 355 -18.51 34.72 -16.73
C ALA B 355 -19.50 33.73 -17.35
N ASN B 356 -20.67 34.25 -17.70
CA ASN B 356 -21.90 33.44 -17.88
C ASN B 356 -21.82 31.94 -18.31
N ASN B 357 -21.89 31.07 -17.31
CA ASN B 357 -22.42 29.72 -17.46
C ASN B 357 -22.82 29.20 -16.06
N ARG B 358 -23.79 29.90 -15.46
CA ARG B 358 -24.03 29.86 -14.01
C ARG B 358 -25.13 28.90 -13.57
N ASP B 359 -24.99 28.36 -12.36
CA ASP B 359 -26.00 27.48 -11.79
C ASP B 359 -27.23 28.29 -11.45
N THR B 360 -28.40 27.65 -11.46
CA THR B 360 -29.63 28.34 -11.11
C THR B 360 -29.49 28.97 -9.72
N ILE B 361 -30.21 30.06 -9.52
CA ILE B 361 -30.08 30.85 -8.30
C ILE B 361 -30.34 30.01 -7.04
N SER B 362 -31.29 29.09 -7.11
CA SER B 362 -31.73 28.36 -5.92
C SER B 362 -30.62 27.53 -5.27
N ASN B 363 -29.52 27.34 -5.98
CA ASN B 363 -28.33 26.70 -5.41
C ASN B 363 -27.83 27.35 -4.11
N LEU B 364 -28.08 28.65 -3.94
CA LEU B 364 -27.67 29.35 -2.72
C LEU B 364 -28.43 28.86 -1.48
N VAL B 365 -29.58 28.22 -1.71
CA VAL B 365 -30.38 27.65 -0.64
C VAL B 365 -29.84 26.30 -0.20
N THR B 366 -29.53 25.44 -1.17
CA THR B 366 -29.14 24.06 -0.88
C THR B 366 -27.63 23.85 -0.87
N GLY B 367 -26.86 24.73 -1.51
CA GLY B 367 -25.42 24.50 -1.71
C GLY B 367 -24.54 24.82 -0.52
N SER B 368 -24.89 24.28 0.64
CA SER B 368 -24.19 24.58 1.89
C SER B 368 -24.39 23.43 2.86
N ILE B 369 -23.63 23.40 3.93
CA ILE B 369 -23.87 22.45 5.02
C ILE B 369 -25.18 22.80 5.74
N VAL B 370 -25.69 24.02 5.52
CA VAL B 370 -26.98 24.45 6.04
C VAL B 370 -27.95 24.78 4.91
N ASN B 371 -29.09 24.10 4.92
CA ASN B 371 -30.19 24.43 4.03
C ASN B 371 -30.90 25.63 4.64
N ARG B 372 -31.02 26.71 3.86
CA ARG B 372 -31.54 27.99 4.36
C ARG B 372 -32.86 28.39 3.71
N GLN B 373 -33.61 27.40 3.23
CA GLN B 373 -34.89 27.64 2.57
C GLN B 373 -35.95 28.06 3.57
N ASN B 374 -35.81 27.61 4.81
CA ASN B 374 -36.55 28.18 5.93
C ASN B 374 -35.87 27.80 7.24
N ASP B 375 -34.70 28.39 7.48
CA ASP B 375 -33.89 28.10 8.67
C ASP B 375 -34.38 28.99 9.78
N VAL B 376 -35.17 28.40 10.67
CA VAL B 376 -35.87 29.12 11.72
C VAL B 376 -35.75 28.40 13.06
N THR B 377 -34.59 27.78 13.29
CA THR B 377 -34.29 27.06 14.53
C THR B 377 -32.85 27.32 14.94
N GLU B 378 -32.56 27.09 16.21
CA GLU B 378 -31.22 27.30 16.75
C GLU B 378 -30.66 25.96 17.19
N ASN B 379 -29.34 25.90 17.32
CA ASN B 379 -28.65 24.74 17.89
C ASN B 379 -28.76 23.47 17.04
N GLU B 380 -29.22 23.58 15.80
CA GLU B 380 -29.42 22.40 14.96
C GLU B 380 -28.31 22.23 13.92
N ALA B 381 -27.90 23.34 13.33
CA ALA B 381 -26.88 23.34 12.28
C ALA B 381 -25.51 23.03 12.84
N THR B 382 -24.67 22.51 11.96
CA THR B 382 -23.28 22.24 12.26
C THR B 382 -22.54 23.56 12.38
N PRO B 383 -21.97 23.84 13.56
CA PRO B 383 -21.22 25.09 13.73
C PRO B 383 -20.15 25.20 12.65
N ASN B 384 -20.27 26.23 11.82
CA ASN B 384 -19.43 26.39 10.65
C ASN B 384 -18.94 27.80 10.42
N TRP B 385 -17.89 27.92 9.62
CA TRP B 385 -17.39 29.21 9.12
C TRP B 385 -17.42 29.18 7.60
N SER B 386 -17.89 30.28 7.00
CA SER B 386 -18.06 30.39 5.54
C SER B 386 -17.20 31.53 5.01
N TYR B 387 -17.02 31.57 3.69
CA TYR B 387 -16.20 32.61 3.06
C TYR B 387 -16.57 32.87 1.61
N VAL B 388 -16.29 34.08 1.13
CA VAL B 388 -16.41 34.40 -0.29
C VAL B 388 -15.08 34.12 -0.99
N THR B 389 -13.99 34.43 -0.29
CA THR B 389 -12.67 34.30 -0.84
C THR B 389 -11.72 34.00 0.31
N ASN B 390 -10.61 33.34 0.00
CA ASN B 390 -9.50 33.22 0.93
C ASN B 390 -8.21 33.23 0.13
N HIS B 391 -7.09 33.15 0.83
CA HIS B 391 -5.79 33.21 0.18
C HIS B 391 -5.62 32.19 -0.93
N ASP B 392 -5.93 30.92 -0.64
CA ASP B 392 -5.80 29.84 -1.62
C ASP B 392 -6.78 29.95 -2.80
N SER B 393 -7.93 30.60 -2.61
CA SER B 393 -8.88 30.74 -3.72
C SER B 393 -8.40 31.80 -4.70
N ARG B 394 -7.69 32.80 -4.18
CA ARG B 394 -7.11 33.85 -5.01
C ARG B 394 -5.89 33.35 -5.76
N ALA B 395 -5.02 32.63 -5.05
CA ALA B 395 -3.81 32.06 -5.62
C ALA B 395 -4.08 31.20 -6.84
N ASN B 396 -5.11 30.38 -6.76
CA ASN B 396 -5.45 29.46 -7.85
C ASN B 396 -6.01 30.19 -9.08
N LEU B 397 -6.42 31.43 -8.93
CA LEU B 397 -6.80 32.28 -10.07
C LEU B 397 -5.55 32.87 -10.69
N ILE B 398 -4.70 33.46 -9.84
CA ILE B 398 -3.50 34.15 -10.30
C ILE B 398 -2.53 33.14 -10.91
N ASN B 399 -2.15 32.10 -10.15
CA ASN B 399 -1.59 30.88 -10.75
C ASN B 399 -2.64 30.37 -11.72
N GLY B 400 -2.21 29.92 -12.89
CA GLY B 400 -3.14 29.55 -13.96
C GLY B 400 -3.23 30.70 -14.94
N LEU B 401 -3.49 31.90 -14.44
CA LEU B 401 -3.28 33.12 -15.22
C LEU B 401 -1.76 33.37 -15.38
N ILE B 402 -0.95 32.81 -14.48
CA ILE B 402 0.51 32.76 -14.66
C ILE B 402 0.92 31.71 -15.69
N SER B 403 0.19 30.58 -15.73
CA SER B 403 0.46 29.50 -16.69
C SER B 403 0.10 29.87 -18.15
N LYS B 404 -0.61 30.98 -18.34
CA LYS B 404 -0.87 31.53 -19.68
C LYS B 404 0.04 32.68 -20.06
N ASP B 405 0.69 33.31 -19.07
CA ASP B 405 1.77 34.27 -19.33
C ASP B 405 3.06 33.51 -19.69
N HIS B 406 3.42 32.54 -18.85
CA HIS B 406 4.62 31.72 -19.06
C HIS B 406 4.28 30.25 -18.76
N PRO B 407 4.30 29.36 -19.79
CA PRO B 407 3.82 27.97 -19.61
C PRO B 407 4.68 27.07 -18.69
N GLY B 408 5.91 27.49 -18.39
CA GLY B 408 6.78 26.78 -17.45
C GLY B 408 7.72 27.69 -16.68
N ALA B 412 8.24 30.57 -13.34
CA ALA B 412 8.93 30.46 -12.05
C ALA B 412 8.91 31.75 -11.23
N GLU B 413 9.50 32.82 -11.79
CA GLU B 413 9.90 34.02 -11.01
C GLU B 413 9.14 35.35 -11.26
N TYR B 414 9.45 35.99 -12.37
CA TYR B 414 9.04 37.39 -12.69
C TYR B 414 7.60 37.58 -13.16
N ALA B 415 6.76 36.56 -13.02
CA ALA B 415 5.50 36.52 -13.76
C ALA B 415 4.36 37.29 -13.11
N ASN B 416 4.65 38.10 -12.09
CA ASN B 416 3.59 38.86 -11.37
C ASN B 416 2.54 39.52 -12.29
N GLN B 417 2.97 40.18 -13.38
CA GLN B 417 2.11 40.88 -14.36
C GLN B 417 0.66 40.42 -14.47
N ALA B 418 0.40 39.15 -14.15
CA ALA B 418 -0.96 38.65 -13.95
C ALA B 418 -1.73 39.59 -13.03
N TRP B 419 -1.07 40.10 -11.99
CA TRP B 419 -1.68 41.06 -11.06
C TRP B 419 -2.07 42.36 -11.74
N GLN B 420 -1.10 43.03 -12.37
CA GLN B 420 -1.42 44.23 -13.17
C GLN B 420 -2.62 43.94 -14.10
N GLU B 421 -2.58 42.74 -14.70
CA GLU B 421 -3.60 42.27 -15.63
C GLU B 421 -4.88 41.87 -14.93
N PHE B 422 -4.78 41.41 -13.68
CA PHE B 422 -5.93 41.05 -12.85
C PHE B 422 -6.65 42.29 -12.38
N TYR B 423 -5.90 43.21 -11.78
CA TYR B 423 -6.42 44.51 -11.34
C TYR B 423 -7.12 45.23 -12.47
N ALA B 424 -6.52 45.14 -13.66
CA ALA B 424 -7.11 45.75 -14.86
C ALA B 424 -8.42 45.04 -15.21
N ASP B 425 -8.43 43.71 -15.07
CA ASP B 425 -9.66 42.91 -15.30
C ASP B 425 -10.76 43.17 -14.25
N GLN B 426 -10.37 43.36 -12.99
CA GLN B 426 -11.31 43.55 -11.91
C GLN B 426 -12.20 44.80 -12.09
N LYS B 427 -11.66 45.82 -12.77
CA LYS B 427 -12.39 47.06 -13.04
C LYS B 427 -13.37 46.97 -14.22
N LYS B 428 -13.20 45.96 -15.08
CA LYS B 428 -14.02 45.84 -16.30
C LYS B 428 -15.46 45.46 -15.99
N THR B 429 -16.32 45.63 -16.98
CA THR B 429 -17.66 45.09 -16.95
C THR B 429 -17.63 43.64 -17.43
N ASP B 430 -17.11 43.41 -18.64
CA ASP B 430 -16.85 42.05 -19.11
C ASP B 430 -15.52 41.53 -18.52
N LYS B 431 -15.60 40.91 -17.34
CA LYS B 431 -14.41 40.32 -16.69
C LYS B 431 -13.97 39.01 -17.36
N GLN B 432 -12.75 38.99 -17.87
CA GLN B 432 -12.17 37.76 -18.45
C GLN B 432 -11.75 36.73 -17.39
N TYR B 433 -11.45 37.19 -16.16
CA TYR B 433 -10.80 36.33 -15.16
C TYR B 433 -11.43 36.44 -13.77
N ALA B 434 -11.45 37.65 -13.22
CA ALA B 434 -11.89 37.90 -11.84
C ALA B 434 -13.36 37.59 -11.57
N GLN B 435 -13.68 37.43 -10.28
CA GLN B 435 -15.04 37.11 -9.86
C GLN B 435 -16.05 38.23 -10.15
N TYR B 436 -17.19 37.82 -10.70
CA TYR B 436 -18.36 38.69 -10.90
C TYR B 436 -19.17 38.79 -9.60
N ASN B 437 -19.99 39.83 -9.48
CA ASN B 437 -20.88 40.01 -8.35
C ASN B 437 -20.19 39.82 -6.99
N VAL B 438 -18.99 40.38 -6.85
CA VAL B 438 -18.24 40.25 -5.59
C VAL B 438 -19.08 40.78 -4.43
N PRO B 439 -19.71 41.97 -4.59
CA PRO B 439 -20.53 42.52 -3.51
C PRO B 439 -21.78 41.68 -3.25
N ALA B 440 -22.42 41.20 -4.31
CA ALA B 440 -23.58 40.32 -4.15
C ALA B 440 -23.22 39.04 -3.40
N GLN B 441 -22.01 38.54 -3.59
CA GLN B 441 -21.56 37.35 -2.88
C GLN B 441 -21.36 37.61 -1.37
N TYR B 442 -20.88 38.81 -1.03
CA TYR B 442 -20.72 39.17 0.37
C TYR B 442 -22.06 39.51 1.03
N ALA B 443 -23.01 40.02 0.24
CA ALA B 443 -24.36 40.30 0.73
C ALA B 443 -25.03 39.03 1.23
N ILE B 444 -24.96 37.98 0.42
CA ILE B 444 -25.49 36.66 0.78
C ILE B 444 -24.72 36.08 1.96
N LEU B 445 -23.40 36.15 1.93
CA LEU B 445 -22.56 35.61 3.00
C LEU B 445 -22.86 36.26 4.36
N LEU B 446 -22.97 37.58 4.38
CA LEU B 446 -23.08 38.30 5.63
C LEU B 446 -24.50 38.38 6.19
N SER B 447 -25.47 37.87 5.44
CA SER B 447 -26.86 37.84 5.90
C SER B 447 -27.31 36.43 6.23
N ASN B 448 -26.40 35.45 6.09
CA ASN B 448 -26.76 34.05 6.29
C ASN B 448 -26.74 33.66 7.77
N LYS B 449 -27.82 33.01 8.17
CA LYS B 449 -27.99 32.46 9.52
C LYS B 449 -27.14 31.20 9.67
N ASP B 450 -26.81 30.85 10.91
CA ASP B 450 -26.05 29.64 11.25
C ASP B 450 -24.71 29.53 10.50
N THR B 451 -23.90 30.57 10.65
CA THR B 451 -22.53 30.55 10.19
C THR B 451 -21.77 31.69 10.84
N VAL B 452 -20.45 31.59 10.79
CA VAL B 452 -19.57 32.67 11.16
C VAL B 452 -18.86 33.05 9.88
N PRO B 453 -19.21 34.21 9.28
CA PRO B 453 -18.59 34.57 8.01
C PRO B 453 -17.14 35.04 8.15
N GLN B 454 -16.36 34.78 7.10
CA GLN B 454 -14.94 35.14 7.04
C GLN B 454 -14.67 36.10 5.88
N ILE B 455 -14.17 37.28 6.23
CA ILE B 455 -13.82 38.32 5.26
C ILE B 455 -12.36 38.14 4.84
N TYR B 456 -12.08 38.39 3.56
CA TYR B 456 -10.71 38.25 3.02
C TYR B 456 -10.00 39.58 2.85
N TYR B 457 -8.89 39.77 3.55
CA TYR B 457 -8.05 40.99 3.41
C TYR B 457 -8.01 41.52 1.97
N GLY B 458 -7.66 40.65 1.03
CA GLY B 458 -7.52 41.02 -0.39
C GLY B 458 -8.77 41.44 -1.13
N ASP B 459 -9.94 41.39 -0.50
CA ASP B 459 -11.18 41.92 -1.10
C ASP B 459 -11.46 43.37 -0.68
N LEU B 460 -10.99 43.73 0.51
CA LEU B 460 -11.11 45.10 1.01
C LEU B 460 -9.96 45.95 0.49
N TYR B 461 -8.78 45.36 0.36
CA TYR B 461 -7.59 46.09 -0.08
C TYR B 461 -7.01 45.47 -1.34
N ASN B 462 -6.18 46.24 -2.06
CA ASN B 462 -5.39 45.69 -3.16
C ASN B 462 -4.21 44.95 -2.54
N GLU B 463 -4.31 43.62 -2.52
CA GLU B 463 -3.48 42.77 -1.66
C GLU B 463 -1.96 42.83 -1.91
N THR B 464 -1.57 42.99 -3.17
CA THR B 464 -0.15 43.07 -3.55
C THR B 464 0.49 44.42 -3.25
N ALA B 465 -0.30 45.43 -2.88
CA ALA B 465 0.25 46.71 -2.46
C ALA B 465 0.76 46.56 -1.05
N GLN B 466 1.48 47.56 -0.56
CA GLN B 466 1.94 47.53 0.82
C GLN B 466 0.71 47.38 1.74
N TYR B 467 0.91 46.78 2.90
CA TYR B 467 -0.21 46.39 3.75
C TYR B 467 -1.19 47.54 4.05
N MET B 468 -2.39 47.45 3.45
CA MET B 468 -3.50 48.38 3.69
C MET B 468 -3.31 49.80 3.12
N GLN B 469 -2.32 49.97 2.24
CA GLN B 469 -2.05 51.28 1.63
C GLN B 469 -3.17 51.66 0.66
N GLU B 470 -3.77 50.65 0.02
CA GLU B 470 -4.75 50.87 -1.05
C GLU B 470 -6.04 50.14 -0.78
N LYS B 471 -7.14 50.87 -0.77
CA LYS B 471 -8.45 50.24 -0.67
C LYS B 471 -8.82 49.63 -2.02
N SER B 472 -9.60 48.56 -1.97
CA SER B 472 -10.08 47.91 -3.19
C SER B 472 -11.29 48.66 -3.72
N ILE B 473 -11.71 48.34 -4.93
CA ILE B 473 -12.94 48.90 -5.49
C ILE B 473 -14.19 48.30 -4.85
N TYR B 474 -14.00 47.25 -4.04
CA TYR B 474 -15.12 46.61 -3.34
C TYR B 474 -15.16 46.93 -1.85
N TYR B 475 -14.28 47.85 -1.42
CA TYR B 475 -14.25 48.29 -0.03
C TYR B 475 -15.58 48.88 0.41
N ASP B 476 -15.96 50.02 -0.18
CA ASP B 476 -17.20 50.69 0.19
C ASP B 476 -18.36 49.70 0.29
N ALA B 477 -18.51 48.85 -0.72
CA ALA B 477 -19.64 47.90 -0.76
C ALA B 477 -19.58 46.81 0.31
N ILE B 478 -18.39 46.27 0.56
CA ILE B 478 -18.24 45.19 1.54
C ILE B 478 -18.28 45.74 2.97
N THR B 479 -17.56 46.84 3.22
CA THR B 479 -17.53 47.43 4.57
C THR B 479 -18.89 48.00 4.99
N THR B 480 -19.66 48.47 4.02
CA THR B 480 -21.05 48.87 4.25
C THR B 480 -21.91 47.67 4.66
N LEU B 481 -21.72 46.53 3.99
CA LEU B 481 -22.46 45.31 4.33
C LEU B 481 -22.04 44.73 5.68
N MET B 482 -20.75 44.77 5.99
CA MET B 482 -20.24 44.32 7.28
C MET B 482 -20.82 45.10 8.44
N LYS B 483 -20.83 46.43 8.30
CA LYS B 483 -21.38 47.33 9.31
C LYS B 483 -22.90 47.15 9.49
N ALA B 484 -23.59 46.88 8.38
CA ALA B 484 -25.01 46.60 8.40
C ALA B 484 -25.32 45.28 9.10
N ARG B 485 -24.44 44.31 8.94
CA ARG B 485 -24.60 43.02 9.60
C ARG B 485 -24.75 43.22 11.10
N LYS B 486 -23.82 43.95 11.70
CA LYS B 486 -23.85 44.16 13.14
C LYS B 486 -25.10 44.95 13.61
N GLN B 487 -25.57 45.91 12.81
CA GLN B 487 -26.76 46.69 13.17
C GLN B 487 -28.07 45.91 13.00
N PHE B 488 -28.12 44.95 12.07
CA PHE B 488 -29.43 44.43 11.59
C PHE B 488 -29.68 42.92 11.45
N VAL B 489 -28.64 42.08 11.50
CA VAL B 489 -28.82 40.68 11.06
C VAL B 489 -28.98 39.73 12.23
N SER B 490 -30.20 39.24 12.42
CA SER B 490 -30.52 38.30 13.46
C SER B 490 -31.87 37.67 13.18
N GLY B 491 -32.21 36.62 13.94
CA GLY B 491 -33.49 35.91 13.77
C GLY B 491 -33.46 34.83 12.71
N GLY B 492 -34.65 34.35 12.37
CA GLY B 492 -34.81 33.31 11.37
C GLY B 492 -34.42 33.79 9.99
N GLN B 493 -34.27 32.85 9.07
CA GLN B 493 -33.93 33.15 7.70
C GLN B 493 -34.85 32.39 6.77
N THR B 494 -35.20 33.03 5.66
CA THR B 494 -35.98 32.40 4.61
C THR B 494 -35.50 32.91 3.26
N MET B 495 -35.18 31.98 2.37
CA MET B 495 -34.76 32.31 1.03
C MET B 495 -35.81 31.78 0.08
N THR B 496 -36.52 32.67 -0.61
CA THR B 496 -37.48 32.27 -1.64
C THR B 496 -37.04 32.70 -3.03
N LYS B 497 -37.09 31.76 -3.98
CA LYS B 497 -36.84 32.04 -5.39
C LYS B 497 -38.02 32.83 -5.90
N LEU B 498 -37.74 33.99 -6.50
CA LEU B 498 -38.81 34.89 -6.97
C LEU B 498 -39.08 34.77 -8.49
N SER B 499 -38.09 34.35 -9.26
CA SER B 499 -38.29 34.02 -10.69
C SER B 499 -36.95 33.69 -11.34
N ASP B 500 -36.87 32.47 -11.89
CA ASP B 500 -35.74 31.99 -12.72
C ASP B 500 -34.32 32.22 -12.19
N ASN B 501 -33.98 33.49 -11.99
CA ASN B 501 -32.63 33.92 -11.69
C ASN B 501 -32.58 34.98 -10.59
N LEU B 502 -33.61 35.03 -9.75
CA LEU B 502 -33.75 36.06 -8.72
C LEU B 502 -34.25 35.47 -7.41
N ILE B 503 -33.45 35.62 -6.36
CA ILE B 503 -33.82 35.15 -5.02
C ILE B 503 -33.96 36.30 -4.04
N ALA B 504 -34.76 36.09 -3.00
CA ALA B 504 -34.86 37.01 -1.87
C ALA B 504 -34.49 36.27 -0.58
N SER B 505 -33.46 36.74 0.10
CA SER B 505 -33.04 36.19 1.38
C SER B 505 -33.44 37.16 2.48
N VAL B 506 -34.32 36.74 3.37
CA VAL B 506 -34.80 37.60 4.45
C VAL B 506 -34.32 37.13 5.82
N ARG B 507 -33.89 38.08 6.65
CA ARG B 507 -33.68 37.83 8.07
C ARG B 507 -34.74 38.61 8.83
N TYR B 508 -35.38 37.96 9.80
CA TYR B 508 -36.62 38.49 10.39
C TYR B 508 -36.37 39.53 11.48
N GLY B 509 -35.31 39.35 12.27
CA GLY B 509 -34.91 40.37 13.26
C GLY B 509 -34.43 39.70 14.51
N LYS B 510 -33.90 40.45 15.48
CA LYS B 510 -33.50 39.85 16.74
C LYS B 510 -34.74 39.45 17.54
N GLY B 511 -34.80 38.18 17.93
CA GLY B 511 -35.95 37.65 18.63
C GLY B 511 -37.17 37.48 17.75
N VAL B 512 -36.98 37.50 16.43
CA VAL B 512 -38.06 37.14 15.51
C VAL B 512 -37.62 35.83 14.90
N THR B 513 -38.20 34.72 15.38
CA THR B 513 -37.66 33.41 14.99
C THR B 513 -38.14 32.90 13.63
N ASN B 514 -39.33 33.31 13.20
CA ASN B 514 -39.81 33.02 11.83
C ASN B 514 -40.85 34.05 11.36
N ALA B 515 -41.23 33.96 10.09
CA ALA B 515 -42.15 34.93 9.46
C ALA B 515 -43.43 35.21 10.25
N ASN B 516 -43.82 34.31 11.15
CA ASN B 516 -45.06 34.51 11.93
C ASN B 516 -44.89 35.02 13.36
N SER B 517 -43.65 35.14 13.84
CA SER B 517 -43.41 35.63 15.20
C SER B 517 -43.81 37.09 15.37
N GLU B 518 -44.28 37.42 16.57
CA GLU B 518 -44.61 38.82 16.91
C GLU B 518 -43.32 39.63 17.13
N GLY B 519 -42.23 38.93 17.45
CA GLY B 519 -41.02 39.59 17.93
C GLY B 519 -41.01 39.59 19.45
N THR B 520 -39.81 39.48 20.02
CA THR B 520 -39.64 39.45 21.47
C THR B 520 -38.61 40.45 22.05
N ASP B 521 -37.75 41.02 21.22
CA ASP B 521 -36.71 41.93 21.72
C ASP B 521 -37.14 43.38 21.47
N SER B 522 -36.56 44.32 22.19
CA SER B 522 -36.81 45.73 21.88
C SER B 522 -36.41 46.01 20.42
N LEU B 523 -35.32 45.41 19.99
CA LEU B 523 -34.81 45.67 18.66
C LEU B 523 -35.51 44.85 17.55
N SER B 524 -36.43 43.95 17.92
CA SER B 524 -37.21 43.17 16.95
C SER B 524 -37.89 44.03 15.90
N ARG B 525 -38.62 45.04 16.34
CA ARG B 525 -39.36 45.89 15.40
C ARG B 525 -38.42 46.41 14.33
N THR B 526 -37.33 47.04 14.79
CA THR B 526 -36.42 47.75 13.91
C THR B 526 -35.13 46.97 13.60
N SER B 527 -35.26 45.67 13.33
CA SER B 527 -34.13 44.87 12.85
C SER B 527 -34.58 43.89 11.76
N GLY B 528 -33.64 43.11 11.24
CA GLY B 528 -33.89 42.26 10.08
C GLY B 528 -33.42 42.94 8.81
N MET B 529 -33.27 42.17 7.74
CA MET B 529 -32.72 42.64 6.48
C MET B 529 -33.24 41.81 5.33
N ALA B 530 -33.48 42.45 4.18
CA ALA B 530 -33.86 41.74 2.96
C ALA B 530 -32.74 41.90 1.95
N VAL B 531 -32.24 40.78 1.44
CA VAL B 531 -31.14 40.76 0.48
C VAL B 531 -31.65 40.17 -0.82
N ILE B 532 -31.95 41.03 -1.79
CA ILE B 532 -32.46 40.60 -3.09
C ILE B 532 -31.28 40.44 -4.04
N VAL B 533 -31.18 39.27 -4.67
CA VAL B 533 -30.06 38.94 -5.54
C VAL B 533 -30.51 38.26 -6.81
N GLY B 534 -30.07 38.81 -7.95
CA GLY B 534 -30.25 38.18 -9.26
C GLY B 534 -28.88 37.87 -9.86
N ASN B 535 -28.84 36.94 -10.82
CA ASN B 535 -27.58 36.54 -11.46
C ASN B 535 -27.61 36.62 -12.99
N ASN B 536 -28.63 37.26 -13.54
CA ASN B 536 -28.80 37.39 -14.98
C ASN B 536 -28.77 38.87 -15.36
N PRO B 537 -27.68 39.31 -16.03
CA PRO B 537 -27.53 40.69 -16.50
C PRO B 537 -28.68 41.22 -17.34
N GLN B 538 -29.32 40.35 -18.12
CA GLN B 538 -30.41 40.78 -18.99
C GLN B 538 -31.79 40.36 -18.44
N MET B 539 -31.89 40.21 -17.12
CA MET B 539 -33.17 39.97 -16.45
C MET B 539 -34.10 41.15 -16.72
N ALA B 540 -35.39 40.86 -16.90
CA ALA B 540 -36.37 41.89 -17.26
C ALA B 540 -36.83 42.73 -16.08
N GLU B 541 -37.52 43.83 -16.39
CA GLU B 541 -38.07 44.72 -15.39
C GLU B 541 -39.27 44.04 -14.75
N GLN B 542 -39.32 44.07 -13.42
CA GLN B 542 -40.46 43.50 -12.71
C GLN B 542 -40.56 44.04 -11.29
N THR B 543 -41.79 44.01 -10.77
CA THR B 543 -42.03 44.27 -9.37
C THR B 543 -42.13 42.93 -8.66
N ILE B 544 -41.43 42.80 -7.53
CA ILE B 544 -41.44 41.56 -6.74
C ILE B 544 -42.05 41.86 -5.38
N SER B 545 -42.25 40.83 -4.57
CA SER B 545 -42.80 41.02 -3.24
C SER B 545 -42.10 40.12 -2.22
N ILE B 546 -41.49 40.75 -1.23
CA ILE B 546 -40.70 40.09 -0.19
C ILE B 546 -41.47 40.08 1.12
N ASN B 547 -41.60 38.91 1.74
CA ASN B 547 -42.22 38.82 3.06
C ASN B 547 -41.16 39.15 4.11
N MET B 548 -41.29 40.34 4.72
CA MET B 548 -40.31 40.81 5.69
C MET B 548 -40.56 40.24 7.09
N GLY B 549 -41.69 39.55 7.26
CA GLY B 549 -42.12 39.01 8.55
C GLY B 549 -43.36 39.73 9.04
N ARG B 550 -44.12 39.08 9.92
CA ARG B 550 -45.34 39.70 10.48
C ARG B 550 -45.02 40.70 11.59
N ALA B 551 -43.81 40.63 12.13
CA ALA B 551 -43.36 41.65 13.07
C ALA B 551 -43.11 43.00 12.38
N HIS B 552 -43.22 43.03 11.04
CA HIS B 552 -42.84 44.20 10.25
C HIS B 552 -43.97 44.74 9.37
N ALA B 553 -45.20 44.65 9.86
CA ALA B 553 -46.34 45.27 9.18
C ALA B 553 -46.18 46.80 9.25
N ASN B 554 -46.57 47.47 8.17
CA ASN B 554 -46.59 48.94 8.12
C ASN B 554 -45.28 49.53 8.67
N GLU B 555 -44.15 49.08 8.15
CA GLU B 555 -42.84 49.56 8.62
C GLU B 555 -42.06 50.17 7.46
N GLN B 556 -41.41 51.30 7.73
CA GLN B 556 -40.65 52.05 6.74
C GLN B 556 -39.27 51.40 6.58
N TYR B 557 -38.79 51.26 5.35
CA TYR B 557 -37.52 50.55 5.10
C TYR B 557 -36.56 51.40 4.28
N ARG B 558 -35.28 51.36 4.65
CA ARG B 558 -34.25 52.14 3.95
C ARG B 558 -33.55 51.33 2.86
N ASN B 559 -33.34 51.98 1.72
CA ASN B 559 -32.62 51.40 0.59
C ASN B 559 -31.12 51.51 0.82
N LEU B 560 -30.60 50.64 1.67
CA LEU B 560 -29.19 50.63 2.06
C LEU B 560 -28.24 50.60 0.87
N LEU B 561 -28.59 49.79 -0.13
CA LEU B 561 -27.73 49.52 -1.25
C LEU B 561 -28.59 49.07 -2.43
N ASP B 562 -28.45 49.75 -3.56
CA ASP B 562 -29.17 49.37 -4.79
C ASP B 562 -28.21 49.44 -5.98
N THR B 563 -28.72 49.13 -7.17
CA THR B 563 -27.89 48.98 -8.34
C THR B 563 -28.18 50.03 -9.38
N THR B 564 -27.12 50.71 -9.83
CA THR B 564 -27.18 51.68 -10.90
C THR B 564 -26.53 51.10 -12.16
N ASP B 565 -26.49 51.91 -13.21
CA ASP B 565 -25.82 51.55 -14.45
C ASP B 565 -24.31 51.55 -14.26
N ASN B 566 -23.77 52.61 -13.63
CA ASN B 566 -22.33 52.72 -13.47
C ASN B 566 -21.81 51.77 -12.37
N GLY B 567 -22.64 51.53 -11.35
CA GLY B 567 -22.27 50.59 -10.30
C GLY B 567 -23.28 50.42 -9.16
N LEU B 568 -22.98 51.02 -8.01
CA LEU B 568 -23.80 50.88 -6.82
C LEU B 568 -24.07 52.24 -6.18
N THR B 569 -25.19 52.36 -5.49
CA THR B 569 -25.51 53.56 -4.73
C THR B 569 -25.96 53.21 -3.32
N TYR B 570 -25.62 54.08 -2.38
CA TYR B 570 -25.99 53.91 -0.98
C TYR B 570 -27.03 54.94 -0.57
N ASN B 571 -27.63 55.61 -1.54
CA ASN B 571 -28.60 56.68 -1.29
C ASN B 571 -29.80 56.60 -2.23
N ALA B 572 -30.06 55.43 -2.81
CA ALA B 572 -31.15 55.25 -3.79
C ALA B 572 -31.00 56.14 -5.02
N ASP B 573 -29.81 56.68 -5.23
CA ASP B 573 -29.56 57.68 -6.26
C ASP B 573 -29.39 56.96 -7.61
N GLY B 574 -30.33 57.22 -8.52
CA GLY B 574 -30.29 56.63 -9.86
C GLY B 574 -30.37 55.11 -9.84
N ALA B 575 -31.28 54.60 -9.01
CA ALA B 575 -31.55 53.16 -8.94
C ALA B 575 -33.03 52.94 -9.25
N GLU B 576 -33.47 51.70 -9.09
CA GLU B 576 -34.84 51.32 -9.42
C GLU B 576 -35.86 51.77 -8.39
N ASN B 577 -35.40 52.03 -7.16
CA ASN B 577 -36.30 52.30 -6.06
C ASN B 577 -35.93 53.59 -5.33
N PRO B 578 -36.92 54.22 -4.67
CA PRO B 578 -36.66 55.38 -3.83
C PRO B 578 -36.01 55.00 -2.49
N GLU B 579 -35.50 56.01 -1.79
CA GLU B 579 -34.74 55.81 -0.54
C GLU B 579 -35.52 55.07 0.54
N THR B 580 -36.85 55.26 0.56
CA THR B 580 -37.72 54.54 1.49
C THR B 580 -38.84 53.84 0.74
N LEU B 581 -39.23 52.69 1.27
CA LEU B 581 -40.46 52.02 0.87
C LEU B 581 -41.09 51.49 2.14
N THR B 582 -42.38 51.20 2.08
CA THR B 582 -43.11 50.79 3.26
C THR B 582 -43.88 49.50 3.02
N THR B 583 -43.91 48.63 4.03
CA THR B 583 -44.65 47.37 3.94
C THR B 583 -46.14 47.62 4.05
N ASP B 584 -46.93 46.58 3.77
CA ASP B 584 -48.39 46.62 3.99
C ASP B 584 -48.72 46.06 5.38
N ASP B 585 -49.95 45.62 5.61
CA ASP B 585 -50.35 45.16 6.96
C ASP B 585 -49.94 43.71 7.29
N ASN B 586 -49.44 42.98 6.31
CA ASN B 586 -48.94 41.61 6.51
C ASN B 586 -47.40 41.51 6.47
N GLY B 587 -46.72 42.61 6.13
CA GLY B 587 -45.25 42.63 6.11
C GLY B 587 -44.63 42.49 4.74
N ILE B 588 -45.45 42.55 3.69
CA ILE B 588 -44.97 42.42 2.33
C ILE B 588 -44.40 43.75 1.83
N LEU B 589 -43.23 43.70 1.20
CA LEU B 589 -42.56 44.87 0.65
C LEU B 589 -42.40 44.76 -0.87
N LYS B 590 -43.16 45.56 -1.62
CA LYS B 590 -43.07 45.57 -3.09
C LYS B 590 -41.84 46.36 -3.55
N VAL B 591 -41.04 45.75 -4.42
CA VAL B 591 -39.76 46.33 -4.86
C VAL B 591 -39.60 46.12 -6.36
N THR B 592 -39.09 47.14 -7.05
CA THR B 592 -38.80 47.06 -8.48
C THR B 592 -37.38 46.52 -8.70
N VAL B 593 -37.21 45.66 -9.71
CA VAL B 593 -35.89 45.10 -10.04
C VAL B 593 -35.75 44.81 -11.55
N LYS B 594 -34.54 45.00 -12.06
CA LYS B 594 -34.18 44.57 -13.42
C LYS B 594 -32.71 44.14 -13.44
N GLY B 595 -32.27 43.58 -14.55
CA GLY B 595 -30.89 43.15 -14.71
C GLY B 595 -29.96 44.31 -15.04
N TYR B 596 -28.71 44.21 -14.59
CA TYR B 596 -27.70 45.24 -14.83
C TYR B 596 -26.40 44.61 -15.30
N SER B 597 -25.52 45.42 -15.87
CA SER B 597 -24.23 44.92 -16.35
C SER B 597 -23.14 45.99 -16.17
N ASN B 598 -22.31 45.82 -15.14
CA ASN B 598 -21.32 46.81 -14.76
C ASN B 598 -20.26 46.15 -13.87
N PRO B 599 -19.14 46.85 -13.57
CA PRO B 599 -18.04 46.27 -12.77
C PRO B 599 -18.42 45.61 -11.45
N TYR B 600 -19.54 46.00 -10.85
CA TYR B 600 -19.96 45.55 -9.53
C TYR B 600 -21.10 44.53 -9.54
N VAL B 601 -21.98 44.61 -10.55
CA VAL B 601 -23.20 43.80 -10.58
C VAL B 601 -23.47 43.25 -11.98
N SER B 602 -23.54 41.93 -12.06
CA SER B 602 -23.98 41.19 -13.24
C SER B 602 -25.25 40.47 -12.84
N GLY B 603 -26.38 41.16 -12.98
CA GLY B 603 -27.66 40.71 -12.40
C GLY B 603 -28.28 41.84 -11.62
N TYR B 604 -28.59 41.60 -10.35
CA TYR B 604 -29.16 42.64 -9.48
C TYR B 604 -28.69 42.46 -8.04
N LEU B 605 -28.63 43.57 -7.32
CA LEU B 605 -28.33 43.55 -5.88
C LEU B 605 -29.06 44.72 -5.21
N GLY B 606 -30.03 44.39 -4.38
CA GLY B 606 -30.76 45.38 -3.60
C GLY B 606 -30.83 44.91 -2.17
N VAL B 607 -30.57 45.80 -1.22
CA VAL B 607 -30.58 45.45 0.20
C VAL B 607 -31.44 46.45 0.94
N TRP B 608 -32.40 45.94 1.70
CA TRP B 608 -33.36 46.75 2.46
C TRP B 608 -33.24 46.45 3.94
N VAL B 609 -33.30 47.50 4.76
CA VAL B 609 -33.33 47.38 6.21
C VAL B 609 -34.26 48.42 6.82
N PRO B 610 -34.75 48.17 8.04
CA PRO B 610 -35.68 49.13 8.63
C PRO B 610 -35.07 50.52 8.88
N VAL B 611 -35.91 51.54 8.89
CA VAL B 611 -35.52 52.86 9.35
C VAL B 611 -35.24 52.77 10.86
N VAL B 612 -34.06 53.23 11.26
CA VAL B 612 -33.65 53.26 12.67
C VAL B 612 -33.31 54.68 13.10
N SER B 613 -33.64 55.01 14.34
CA SER B 613 -33.51 56.39 14.84
C SER B 613 -32.10 56.71 15.35
N GLY B 614 -31.15 55.84 15.05
CA GLY B 614 -29.78 55.96 15.56
C GLY B 614 -29.08 54.63 15.47
N ASN B 615 -27.93 54.53 16.12
CA ASN B 615 -27.17 53.29 16.10
C ASN B 615 -27.86 52.24 16.97
N GLN B 616 -27.83 51.00 16.51
CA GLN B 616 -28.23 49.87 17.31
C GLN B 616 -27.31 48.70 16.97
N ASP B 617 -27.23 47.75 17.90
CA ASP B 617 -26.42 46.55 17.77
C ASP B 617 -27.30 45.35 18.14
N VAL B 618 -27.59 44.47 17.18
CA VAL B 618 -28.46 43.31 17.42
C VAL B 618 -27.73 42.07 17.98
N THR B 619 -26.40 42.08 18.01
CA THR B 619 -25.63 40.90 18.46
C THR B 619 -26.16 40.34 19.80
N THR B 620 -26.46 39.05 19.81
CA THR B 620 -26.94 38.34 21.00
C THR B 620 -25.75 37.87 21.83
N ASN B 621 -25.74 38.20 23.12
CA ASN B 621 -24.65 37.75 23.99
C ASN B 621 -24.79 36.25 24.25
N ALA B 622 -23.67 35.61 24.55
CA ALA B 622 -23.66 34.20 24.87
C ALA B 622 -24.20 34.00 26.29
N ALA B 623 -24.82 32.84 26.51
CA ALA B 623 -25.20 32.43 27.86
C ALA B 623 -23.96 31.91 28.61
N THR B 624 -24.04 31.95 29.95
CA THR B 624 -22.99 31.41 30.82
C THR B 624 -23.26 29.94 31.15
N VAL B 625 -24.27 29.37 30.51
CA VAL B 625 -24.60 27.94 30.63
C VAL B 625 -25.31 27.42 29.37
N SER B 626 -24.92 26.23 28.92
CA SER B 626 -25.49 25.65 27.69
C SER B 626 -26.72 24.81 27.98
N ALA B 627 -27.49 24.52 26.93
CA ALA B 627 -28.60 23.56 27.02
C ALA B 627 -28.16 22.16 26.59
N ASP B 628 -26.87 22.02 26.26
CA ASP B 628 -26.23 20.76 25.90
C ASP B 628 -24.73 20.81 26.27
N SER B 629 -24.42 20.63 27.55
CA SER B 629 -23.03 20.64 28.06
C SER B 629 -22.06 19.65 27.40
N ASN B 630 -22.54 18.82 26.47
CA ASN B 630 -21.66 17.96 25.67
C ASN B 630 -21.05 18.75 24.55
N LYS B 631 -21.70 19.86 24.17
CA LYS B 631 -21.26 20.65 23.04
C LYS B 631 -20.23 21.67 23.49
N ILE B 632 -19.21 21.91 22.67
CA ILE B 632 -18.36 23.08 22.81
C ILE B 632 -19.06 24.22 22.07
N PHE B 633 -19.15 24.10 20.74
CA PHE B 633 -19.74 25.15 19.92
C PHE B 633 -21.12 24.76 19.43
N GLU B 634 -22.04 25.73 19.48
CA GLU B 634 -23.42 25.52 19.07
C GLU B 634 -23.81 26.59 18.08
N SER B 635 -24.43 26.19 16.97
CA SER B 635 -24.83 27.14 15.93
C SER B 635 -26.11 27.86 16.32
N ASN B 636 -25.96 29.03 16.93
CA ASN B 636 -27.09 29.84 17.36
C ASN B 636 -26.76 31.34 17.16
N ALA B 637 -27.68 32.22 17.53
CA ALA B 637 -27.57 33.65 17.29
C ALA B 637 -26.35 34.29 17.95
N ALA B 638 -25.88 33.70 19.06
CA ALA B 638 -24.67 34.17 19.74
C ALA B 638 -23.40 33.77 19.00
N LEU B 639 -23.43 32.65 18.28
CA LEU B 639 -22.30 32.31 17.43
C LEU B 639 -22.37 33.13 16.16
N ASP B 640 -23.58 33.39 15.65
CA ASP B 640 -23.73 34.16 14.41
C ASP B 640 -23.45 35.63 14.63
N SER B 641 -23.18 36.02 15.86
CA SER B 641 -22.79 37.38 16.17
C SER B 641 -21.32 37.63 15.81
N HIS B 642 -20.55 36.54 15.66
CA HIS B 642 -19.11 36.63 15.35
C HIS B 642 -18.88 36.75 13.86
N MET B 643 -17.76 37.38 13.51
CA MET B 643 -17.33 37.56 12.13
C MET B 643 -15.81 37.53 12.05
N ILE B 644 -15.28 36.54 11.32
CA ILE B 644 -13.83 36.34 11.17
C ILE B 644 -13.26 37.22 10.08
N TYR B 645 -12.05 37.72 10.29
CA TYR B 645 -11.31 38.44 9.25
C TYR B 645 -9.95 37.77 8.99
N GLN B 646 -9.72 37.41 7.73
CA GLN B 646 -8.42 36.87 7.32
C GLN B 646 -7.49 38.05 6.96
N ASP B 647 -6.36 38.18 7.66
CA ASP B 647 -5.53 39.40 7.57
C ASP B 647 -4.40 39.38 6.52
N PHE B 648 -4.40 38.41 5.61
CA PHE B 648 -3.27 38.25 4.69
C PHE B 648 -3.59 37.59 3.36
N SER B 649 -2.64 37.73 2.43
CA SER B 649 -2.67 37.09 1.13
C SER B 649 -1.30 36.44 0.89
N LEU B 650 -1.30 35.35 0.10
CA LEU B 650 -0.03 34.75 -0.28
C LEU B 650 0.81 35.80 -1.00
N TYR B 651 0.17 36.62 -1.83
CA TYR B 651 0.87 37.61 -2.66
C TYR B 651 1.18 38.94 -1.97
N GLN B 652 1.01 38.97 -0.66
CA GLN B 652 1.31 40.15 0.14
C GLN B 652 2.81 40.40 0.04
N PRO B 653 3.20 41.65 -0.24
CA PRO B 653 4.62 41.94 -0.47
C PRO B 653 5.42 42.06 0.80
N GLU B 654 6.73 42.03 0.64
CA GLU B 654 7.64 42.26 1.74
C GLU B 654 7.45 43.71 2.17
N PRO B 655 7.50 43.98 3.48
CA PRO B 655 7.41 45.36 3.93
C PRO B 655 8.69 46.13 3.61
N THR B 656 8.51 47.33 3.08
CA THR B 656 9.60 48.20 2.69
C THR B 656 10.18 49.00 3.87
N SER B 657 9.51 48.98 5.01
CA SER B 657 9.89 49.79 6.16
C SER B 657 9.25 49.22 7.42
N THR B 658 9.83 49.51 8.58
CA THR B 658 9.27 49.08 9.86
C THR B 658 7.78 49.44 10.04
N GLU B 659 7.41 50.64 9.59
CA GLU B 659 6.03 51.15 9.68
C GLU B 659 5.10 50.31 8.82
N ASN B 660 5.60 49.92 7.65
CA ASN B 660 4.91 49.07 6.69
C ASN B 660 4.76 47.60 7.11
N HIS B 661 5.33 47.20 8.25
CA HIS B 661 5.09 45.87 8.80
C HIS B 661 3.61 45.65 9.13
N ALA B 662 3.08 44.49 8.74
CA ALA B 662 1.67 44.18 8.96
C ALA B 662 1.28 44.31 10.43
N TYR B 663 2.11 43.76 11.33
CA TYR B 663 1.83 43.83 12.77
C TYR B 663 1.68 45.27 13.29
N ASN B 664 2.46 46.18 12.75
CA ASN B 664 2.37 47.58 13.13
C ASN B 664 1.15 48.24 12.49
N THR B 665 0.91 47.96 11.22
CA THR B 665 -0.24 48.52 10.52
C THR B 665 -1.58 48.03 11.12
N ILE B 666 -1.62 46.76 11.50
CA ILE B 666 -2.76 46.22 12.22
C ILE B 666 -2.94 46.94 13.55
N ALA B 667 -1.87 47.09 14.31
CA ALA B 667 -1.96 47.71 15.64
C ALA B 667 -2.55 49.12 15.56
N GLN B 668 -2.07 49.91 14.60
CA GLN B 668 -2.56 51.28 14.43
C GLN B 668 -4.01 51.31 13.94
N ASN B 669 -4.44 50.26 13.24
CA ASN B 669 -5.83 50.16 12.76
C ASN B 669 -6.70 49.23 13.60
N ALA B 670 -6.30 48.99 14.85
CA ALA B 670 -7.08 48.14 15.77
C ALA B 670 -8.55 48.57 15.87
N GLU B 671 -8.82 49.86 16.00
CA GLU B 671 -10.21 50.35 16.14
C GLU B 671 -10.98 50.38 14.83
N LEU B 672 -10.30 50.32 13.69
CA LEU B 672 -10.99 50.22 12.40
C LEU B 672 -11.65 48.85 12.25
N PHE B 673 -10.99 47.80 12.72
CA PHE B 673 -11.53 46.46 12.58
C PHE B 673 -12.81 46.33 13.43
N ASN B 674 -12.78 46.87 14.64
CA ASN B 674 -13.96 46.87 15.51
C ASN B 674 -15.13 47.66 14.91
N ASN B 675 -14.83 48.84 14.37
CA ASN B 675 -15.83 49.65 13.67
C ASN B 675 -16.50 48.88 12.52
N LEU B 676 -15.76 47.97 11.89
CA LEU B 676 -16.27 47.19 10.76
C LEU B 676 -17.07 45.96 11.18
N GLY B 677 -17.02 45.62 12.47
CA GLY B 677 -17.79 44.51 13.00
C GLY B 677 -17.02 43.21 13.10
N ILE B 678 -15.71 43.25 12.80
CA ILE B 678 -14.86 42.07 12.94
C ILE B 678 -14.70 41.74 14.42
N THR B 679 -15.09 40.54 14.83
CA THR B 679 -14.92 40.11 16.21
C THR B 679 -13.69 39.23 16.40
N ASP B 680 -13.36 38.42 15.39
CA ASP B 680 -12.27 37.43 15.46
C ASP B 680 -11.23 37.61 14.32
N PHE B 681 -9.98 37.86 14.70
CA PHE B 681 -8.94 38.26 13.76
C PHE B 681 -8.02 37.08 13.40
N TRP B 682 -8.12 36.59 12.17
CA TRP B 682 -7.30 35.45 11.79
C TRP B 682 -5.95 35.94 11.27
N MET B 683 -4.92 35.74 12.10
CA MET B 683 -3.56 36.13 11.74
C MET B 683 -2.90 35.08 10.87
N ALA B 684 -2.09 35.55 9.91
CA ALA B 684 -1.27 34.67 9.07
C ALA B 684 -0.33 33.86 9.96
N PRO B 685 0.12 32.70 9.48
CA PRO B 685 1.07 31.96 10.29
C PRO B 685 2.31 32.82 10.56
N PRO B 686 2.62 33.06 11.85
CA PRO B 686 3.68 33.95 12.27
C PRO B 686 5.09 33.33 12.33
N TYR B 687 5.24 32.11 11.82
CA TYR B 687 6.45 31.33 12.07
C TYR B 687 7.58 31.75 11.11
N THR B 688 8.82 31.31 11.44
CA THR B 688 9.99 31.55 10.59
C THR B 688 9.88 30.67 9.35
N GLN B 689 10.26 31.21 8.20
CA GLN B 689 10.04 30.56 6.92
C GLN B 689 11.30 30.04 6.27
N TYR B 690 11.07 29.16 5.30
CA TYR B 690 12.11 28.66 4.42
C TYR B 690 12.59 29.83 3.54
N SER B 691 13.88 30.13 3.60
CA SER B 691 14.41 31.34 2.95
C SER B 691 14.18 31.41 1.44
N GLU B 692 13.97 30.26 0.80
CA GLU B 692 13.78 30.19 -0.64
C GLU B 692 12.35 29.78 -1.01
N SER B 693 11.41 30.03 -0.09
CA SER B 693 9.98 29.80 -0.34
C SER B 693 9.49 30.87 -1.32
N ARG B 694 8.51 30.51 -2.14
CA ARG B 694 8.04 31.40 -3.20
C ARG B 694 7.31 32.62 -2.66
N TYR B 695 6.50 32.43 -1.61
CA TYR B 695 5.65 33.49 -1.09
C TYR B 695 6.10 34.07 0.28
N ASN B 696 6.96 33.35 1.00
CA ASN B 696 7.36 33.77 2.35
C ASN B 696 6.14 33.96 3.27
N ASP B 697 5.10 33.16 3.06
CA ASP B 697 3.78 33.38 3.67
C ASP B 697 3.59 32.85 5.10
N GLY B 698 4.37 31.85 5.48
CA GLY B 698 4.21 31.27 6.81
C GLY B 698 3.98 29.77 6.83
N TYR B 699 3.47 29.22 5.74
CA TYR B 699 3.17 27.78 5.65
C TYR B 699 4.38 26.87 5.40
N SER B 700 5.47 27.47 4.94
CA SER B 700 6.70 26.75 4.72
C SER B 700 7.64 27.01 5.90
N VAL B 701 7.36 26.38 7.04
CA VAL B 701 8.00 26.77 8.31
C VAL B 701 9.28 25.99 8.60
N THR B 702 10.26 26.66 9.18
CA THR B 702 11.51 26.05 9.63
C THR B 702 11.67 26.12 11.15
N ASP B 703 11.05 27.10 11.80
CA ASP B 703 11.08 27.22 13.26
C ASP B 703 9.70 27.58 13.79
N ARG B 704 9.03 26.62 14.42
CA ARG B 704 7.67 26.79 14.97
C ARG B 704 7.55 27.83 16.08
N TYR B 705 8.66 28.19 16.74
CA TYR B 705 8.63 29.04 17.93
C TYR B 705 9.21 30.46 17.81
N ASN B 706 10.03 30.71 16.78
CA ASN B 706 10.61 32.03 16.51
C ASN B 706 9.65 32.74 15.56
N LEU B 707 8.83 33.63 16.11
CA LEU B 707 7.85 34.35 15.29
C LEU B 707 8.44 35.64 14.72
N GLY B 708 9.78 35.78 14.82
CA GLY B 708 10.52 36.89 14.25
C GLY B 708 11.25 37.67 15.32
N THR B 709 12.24 38.46 14.89
CA THR B 709 12.99 39.34 15.78
C THR B 709 13.05 40.71 15.13
N ASN B 710 13.46 41.71 15.92
CA ASN B 710 13.80 43.02 15.36
C ASN B 710 14.83 42.85 14.23
N ALA B 711 16.00 42.32 14.55
CA ALA B 711 17.05 42.16 13.53
C ALA B 711 16.54 41.33 12.34
N ASN B 712 15.70 40.33 12.64
CA ASN B 712 15.18 39.42 11.64
C ASN B 712 13.68 39.16 11.82
N PRO B 713 12.84 39.93 11.12
CA PRO B 713 11.41 39.70 11.20
C PRO B 713 10.97 38.72 10.13
N THR B 714 9.72 38.29 10.20
CA THR B 714 9.09 37.56 9.11
C THR B 714 8.57 38.61 8.11
N LYS B 715 7.68 38.23 7.22
CA LYS B 715 7.06 39.20 6.32
C LYS B 715 6.20 40.18 7.13
N TYR B 716 5.56 39.66 8.18
CA TYR B 716 4.59 40.42 8.96
C TYR B 716 5.28 41.21 10.06
N GLY B 717 6.47 40.78 10.49
CA GLY B 717 7.25 41.55 11.45
C GLY B 717 7.93 40.76 12.55
N SER B 718 8.11 41.41 13.70
CA SER B 718 8.76 40.82 14.87
C SER B 718 7.73 40.18 15.82
N GLY B 719 8.27 39.47 16.83
CA GLY B 719 7.44 38.90 17.88
C GLY B 719 6.90 39.97 18.81
N GLU B 720 7.78 40.84 19.28
CA GLU B 720 7.40 41.99 20.08
C GLU B 720 6.29 42.75 19.35
N GLU B 721 6.45 42.95 18.05
CA GLU B 721 5.45 43.63 17.22
C GLU B 721 4.15 42.88 17.10
N LEU B 722 4.20 41.55 17.16
CA LEU B 722 3.01 40.70 17.15
C LEU B 722 2.24 40.82 18.46
N ALA B 723 2.94 40.61 19.57
CA ALA B 723 2.39 40.78 20.90
C ALA B 723 1.70 42.13 21.00
N ASN B 724 2.33 43.18 20.49
CA ASN B 724 1.74 44.50 20.42
C ASN B 724 0.39 44.50 19.70
N ALA B 725 0.37 43.96 18.48
CA ALA B 725 -0.83 44.00 17.63
C ALA B 725 -2.04 43.25 18.22
N ILE B 726 -1.76 42.22 19.01
CA ILE B 726 -2.80 41.42 19.64
C ILE B 726 -3.36 42.18 20.84
N ALA B 727 -2.46 42.79 21.62
CA ALA B 727 -2.87 43.68 22.70
C ALA B 727 -3.74 44.82 22.15
N ALA B 728 -3.39 45.33 20.97
CA ALA B 728 -4.16 46.39 20.35
C ALA B 728 -5.56 45.91 20.00
N LEU B 729 -5.63 44.73 19.40
CA LEU B 729 -6.89 44.14 19.01
C LEU B 729 -7.76 43.74 20.22
N HIS B 730 -7.13 43.31 21.31
CA HIS B 730 -7.86 43.02 22.55
C HIS B 730 -8.48 44.31 23.15
N SER B 731 -7.74 45.42 23.07
CA SER B 731 -8.23 46.75 23.51
C SER B 731 -9.40 47.27 22.68
N ALA B 732 -9.46 46.88 21.41
CA ALA B 732 -10.61 47.22 20.55
C ALA B 732 -11.79 46.23 20.66
N GLY B 733 -11.62 45.16 21.45
CA GLY B 733 -12.71 44.26 21.78
C GLY B 733 -12.77 42.97 20.98
N LEU B 734 -11.74 42.73 20.17
CA LEU B 734 -11.71 41.53 19.35
C LEU B 734 -10.92 40.45 20.04
N LYS B 735 -11.21 39.21 19.65
CA LYS B 735 -10.35 38.09 19.96
C LYS B 735 -9.51 37.80 18.71
N VAL B 736 -8.39 37.09 18.87
CA VAL B 736 -7.48 36.81 17.75
C VAL B 736 -7.07 35.35 17.72
N GLN B 737 -7.08 34.74 16.53
CA GLN B 737 -6.63 33.36 16.31
C GLN B 737 -5.29 33.32 15.55
N VAL B 738 -4.39 32.43 15.95
CA VAL B 738 -3.20 32.12 15.17
C VAL B 738 -3.44 30.94 14.20
N ASP B 739 -2.94 31.10 12.98
CA ASP B 739 -2.85 30.00 12.00
C ASP B 739 -1.82 29.00 12.50
N ILE B 740 -2.29 27.81 12.88
CA ILE B 740 -1.38 26.77 13.39
C ILE B 740 -1.18 25.70 12.30
N VAL B 741 0.08 25.33 12.09
CA VAL B 741 0.46 24.48 10.96
C VAL B 741 1.09 23.18 11.45
N MET B 742 0.29 22.13 11.55
CA MET B 742 0.75 20.88 12.12
C MET B 742 1.21 19.87 11.07
N ASN B 743 0.78 20.05 9.82
CA ASN B 743 0.96 19.02 8.81
C ASN B 743 2.37 18.89 8.31
N GLN B 744 3.00 20.01 7.94
CA GLN B 744 4.30 19.98 7.28
C GLN B 744 5.27 21.00 7.83
N MET B 745 6.54 20.68 7.69
CA MET B 745 7.61 21.64 7.83
C MET B 745 8.39 21.56 6.54
N ILE B 746 8.87 22.72 6.08
CA ILE B 746 9.46 22.84 4.76
C ILE B 746 10.80 23.55 4.87
N GLY B 747 11.81 22.98 4.21
CA GLY B 747 13.14 23.58 4.14
C GLY B 747 14.02 23.28 5.34
N LEU B 748 13.83 22.13 5.96
CA LEU B 748 14.74 21.73 7.02
C LEU B 748 16.13 21.46 6.42
N PRO B 749 17.17 22.01 7.04
CA PRO B 749 18.54 22.02 6.49
C PRO B 749 19.31 20.71 6.67
N GLY B 750 18.98 19.93 7.70
CA GLY B 750 19.79 18.77 8.09
C GLY B 750 19.52 17.49 7.32
N GLN B 751 20.59 16.88 6.80
CA GLN B 751 20.48 15.60 6.08
C GLN B 751 20.49 14.41 7.03
N GLU B 752 19.80 13.35 6.63
CA GLU B 752 19.76 12.12 7.41
C GLU B 752 19.63 10.93 6.48
N ALA B 753 20.31 9.83 6.82
CA ALA B 753 20.15 8.57 6.09
C ALA B 753 18.89 7.88 6.59
N VAL B 754 17.92 7.73 5.70
CA VAL B 754 16.57 7.36 6.06
C VAL B 754 16.08 6.32 5.06
N THR B 755 15.24 5.39 5.54
CA THR B 755 14.78 4.27 4.73
C THR B 755 13.36 4.53 4.25
N VAL B 756 13.14 4.39 2.94
CA VAL B 756 11.94 4.92 2.29
C VAL B 756 11.27 3.99 1.30
N THR B 757 10.03 4.31 0.99
CA THR B 757 9.16 3.50 0.12
C THR B 757 8.20 4.39 -0.67
N ARG B 758 8.34 4.40 -1.99
CA ARG B 758 7.47 5.21 -2.85
C ARG B 758 5.99 4.95 -2.57
N ALA B 759 5.21 6.01 -2.42
CA ALA B 759 3.85 5.92 -1.88
C ALA B 759 2.95 7.00 -2.48
N ASP B 760 1.64 6.76 -2.51
CA ASP B 760 0.69 7.77 -2.94
C ASP B 760 0.41 8.73 -1.77
N ASN B 761 -0.52 9.67 -1.95
CA ASN B 761 -0.72 10.74 -0.95
C ASN B 761 -1.45 10.25 0.33
N ARG B 762 -2.02 9.05 0.27
CA ARG B 762 -2.59 8.40 1.46
C ARG B 762 -1.50 7.74 2.32
N GLY B 763 -0.28 7.66 1.81
CA GLY B 763 0.83 7.04 2.54
C GLY B 763 1.00 5.54 2.29
N ILE B 764 0.35 5.05 1.25
CA ILE B 764 0.36 3.64 0.91
C ILE B 764 1.18 3.47 -0.36
N GLN B 765 2.02 2.43 -0.40
CA GLN B 765 2.94 2.20 -1.52
C GLN B 765 2.21 2.12 -2.86
N THR B 766 2.72 2.84 -3.86
CA THR B 766 2.13 2.78 -5.21
C THR B 766 3.17 2.70 -6.34
N TYR B 767 2.64 2.40 -7.52
CA TYR B 767 3.41 2.25 -8.73
C TYR B 767 3.27 3.50 -9.59
N VAL B 768 4.38 3.90 -10.20
CA VAL B 768 4.41 5.01 -11.15
C VAL B 768 4.93 4.47 -12.50
N ASN B 769 4.04 4.44 -13.49
CA ASN B 769 4.35 3.85 -14.81
C ASN B 769 4.88 2.40 -14.74
N GLY B 770 4.43 1.62 -13.75
CA GLY B 770 4.81 0.21 -13.65
C GLY B 770 5.95 -0.11 -12.71
N LYS B 771 6.61 0.93 -12.17
CA LYS B 771 7.73 0.75 -11.24
C LYS B 771 7.37 1.23 -9.83
N THR B 772 8.03 0.68 -8.82
CA THR B 772 7.93 1.15 -7.44
C THR B 772 9.20 0.79 -6.71
N TYR B 773 9.36 1.29 -5.49
CA TYR B 773 10.43 0.79 -4.63
C TYR B 773 9.98 0.67 -3.18
N ALA B 774 10.71 -0.13 -2.42
CA ALA B 774 10.41 -0.31 -1.01
C ALA B 774 11.69 -0.56 -0.25
N ASN B 775 11.76 -0.08 0.98
CA ASN B 775 12.91 -0.24 1.85
C ASN B 775 14.27 0.23 1.26
N GLN B 776 14.24 1.34 0.53
CA GLN B 776 15.45 1.92 -0.07
C GLN B 776 16.09 3.06 0.77
N MET B 777 17.42 3.17 0.73
CA MET B 777 18.12 4.25 1.42
C MET B 777 17.94 5.57 0.68
N TYR B 778 17.74 6.64 1.44
CA TYR B 778 17.47 7.97 0.90
C TYR B 778 18.14 8.98 1.80
N PHE B 779 18.96 9.82 1.19
CA PHE B 779 19.68 10.85 1.91
C PHE B 779 18.85 12.14 1.83
N ALA B 780 17.90 12.27 2.76
CA ALA B 780 16.86 13.28 2.70
C ALA B 780 17.06 14.36 3.74
N TYR B 781 16.61 15.55 3.37
CA TYR B 781 16.65 16.70 4.26
C TYR B 781 15.47 16.57 5.23
N THR B 782 15.78 16.18 6.47
CA THR B 782 14.76 15.85 7.47
C THR B 782 14.95 16.47 8.85
N THR B 783 16.06 17.14 9.10
CA THR B 783 16.46 17.48 10.46
C THR B 783 16.58 19.01 10.62
N GLY B 784 15.97 19.52 11.69
CA GLY B 784 15.99 20.97 11.96
C GLY B 784 14.99 21.39 13.02
N GLY B 785 14.54 22.64 12.94
CA GLY B 785 13.61 23.19 13.92
C GLY B 785 14.01 24.56 14.46
N GLY B 786 15.28 24.91 14.32
CA GLY B 786 15.79 26.19 14.77
C GLY B 786 16.06 26.23 16.26
N ASN B 787 16.60 27.37 16.72
CA ASN B 787 16.95 27.56 18.12
C ASN B 787 15.70 27.72 18.99
N GLY B 788 14.58 27.98 18.34
CA GLY B 788 13.27 27.98 19.02
C GLY B 788 12.78 26.60 19.42
N GLN B 789 12.87 25.64 18.52
CA GLN B 789 12.53 24.28 18.86
C GLN B 789 13.45 23.78 19.97
N GLU B 790 14.70 24.25 19.97
CA GLU B 790 15.70 23.81 20.96
C GLU B 790 15.41 24.39 22.36
N THR B 791 14.88 25.61 22.38
CA THR B 791 14.71 26.36 23.61
C THR B 791 13.33 26.19 24.21
N TYR B 792 12.31 26.21 23.36
CA TYR B 792 10.91 26.17 23.78
C TYR B 792 10.23 24.80 23.59
N GLY B 793 10.83 23.93 22.77
CA GLY B 793 10.23 22.62 22.46
C GLY B 793 10.14 21.77 23.71
N GLY B 794 8.93 21.30 24.00
CA GLY B 794 8.67 20.52 25.22
C GLY B 794 8.85 21.26 26.55
N LYS B 795 9.15 22.56 26.49
CA LYS B 795 9.51 23.36 27.68
C LYS B 795 8.39 23.45 28.73
N TYR B 796 7.15 23.46 28.26
CA TYR B 796 5.99 23.66 29.10
C TYR B 796 5.22 22.39 29.47
N LEU B 797 5.68 21.22 29.01
CA LEU B 797 4.99 19.94 29.29
C LEU B 797 4.88 19.63 30.79
N SER B 798 5.92 19.97 31.54
CA SER B 798 5.91 19.81 32.99
C SER B 798 4.76 20.62 33.62
N GLU B 799 4.65 21.87 33.20
CA GLU B 799 3.58 22.76 33.66
C GLU B 799 2.20 22.25 33.23
N LEU B 800 2.12 21.80 31.98
CA LEU B 800 0.87 21.23 31.45
C LEU B 800 0.42 19.99 32.22
N GLN B 801 1.35 19.11 32.54
CA GLN B 801 1.04 17.88 33.30
C GLN B 801 0.61 18.18 34.73
N SER B 802 1.14 19.27 35.28
CA SER B 802 0.80 19.74 36.63
C SER B 802 -0.63 20.28 36.71
N LYS B 803 -0.96 21.22 35.82
CA LYS B 803 -2.28 21.87 35.79
C LYS B 803 -3.37 21.01 35.16
N TYR B 804 -3.03 20.30 34.08
CA TYR B 804 -4.01 19.50 33.32
C TYR B 804 -3.51 18.06 33.03
N PRO B 805 -3.57 17.18 34.06
CA PRO B 805 -3.09 15.79 33.91
C PRO B 805 -3.86 14.96 32.89
N ASP B 806 -5.15 15.23 32.73
CA ASP B 806 -6.00 14.47 31.80
C ASP B 806 -5.45 14.47 30.37
N LEU B 807 -4.73 15.51 30.00
CA LEU B 807 -4.06 15.60 28.70
C LEU B 807 -3.18 14.39 28.36
N PHE B 808 -2.50 13.85 29.39
CA PHE B 808 -1.54 12.78 29.23
C PHE B 808 -2.01 11.48 29.90
N THR B 809 -3.30 11.41 30.23
CA THR B 809 -3.96 10.18 30.62
C THR B 809 -5.11 9.84 29.66
N THR B 810 -5.61 10.82 28.90
CA THR B 810 -6.66 10.57 27.92
C THR B 810 -6.01 9.94 26.71
N ARG B 811 -6.47 8.74 26.39
CA ARG B 811 -5.92 7.97 25.29
C ARG B 811 -6.49 8.49 23.99
N ALA B 812 -5.62 8.59 22.99
CA ALA B 812 -6.02 9.12 21.70
C ALA B 812 -6.84 8.05 20.99
N ILE B 813 -7.81 8.48 20.20
CA ILE B 813 -8.64 7.54 19.44
C ILE B 813 -7.78 6.67 18.50
N SER B 814 -6.92 7.27 17.68
CA SER B 814 -6.20 6.53 16.64
C SER B 814 -5.11 5.56 17.12
N THR B 815 -4.56 5.82 18.31
CA THR B 815 -3.48 5.01 18.90
C THR B 815 -3.87 4.21 20.14
N GLY B 816 -4.89 4.63 20.86
CA GLY B 816 -5.24 4.02 22.14
C GLY B 816 -4.24 4.30 23.26
N VAL B 817 -3.39 5.30 23.04
CA VAL B 817 -2.32 5.67 23.96
C VAL B 817 -2.50 7.17 24.27
N ALA B 818 -2.15 7.58 25.48
CA ALA B 818 -2.19 9.00 25.80
C ALA B 818 -0.98 9.72 25.20
N PRO B 819 -1.12 11.03 24.92
CA PRO B 819 0.03 11.85 24.59
C PRO B 819 1.12 11.71 25.66
N ASP B 820 2.37 11.84 25.24
CA ASP B 820 3.51 11.39 26.02
C ASP B 820 4.48 12.54 26.34
N PRO B 821 4.43 13.05 27.59
CA PRO B 821 5.23 14.23 27.92
C PRO B 821 6.65 13.89 28.38
N THR B 822 6.99 12.62 28.43
CA THR B 822 8.27 12.18 28.99
C THR B 822 9.47 12.44 28.06
N THR B 823 9.20 12.86 26.83
CA THR B 823 10.25 13.27 25.90
C THR B 823 9.91 14.62 25.25
N ARG B 824 10.88 15.52 25.29
CA ARG B 824 10.76 16.83 24.66
C ARG B 824 11.28 16.70 23.26
N ILE B 825 10.59 17.29 22.29
CA ILE B 825 11.17 17.46 20.98
C ILE B 825 11.89 18.79 20.90
N THR B 826 13.21 18.73 20.86
CA THR B 826 14.05 19.90 20.69
C THR B 826 14.65 19.97 19.28
N LYS B 827 14.33 19.00 18.43
CA LYS B 827 14.85 18.95 17.05
C LYS B 827 14.13 17.85 16.23
N TRP B 828 13.57 18.26 15.10
CA TRP B 828 12.78 17.35 14.28
C TRP B 828 13.70 16.40 13.53
N SER B 829 13.29 15.16 13.40
CA SER B 829 14.02 14.23 12.51
C SER B 829 13.06 13.17 11.99
N ALA B 830 13.54 12.37 11.05
CA ALA B 830 12.74 11.32 10.41
C ALA B 830 11.87 10.52 11.36
N LYS B 831 12.34 10.26 12.57
CA LYS B 831 11.58 9.46 13.52
C LYS B 831 10.23 10.06 13.95
N TYR B 832 10.11 11.38 13.85
CA TYR B 832 8.87 12.08 14.14
C TYR B 832 8.15 12.50 12.87
N GLU B 833 8.49 11.88 11.75
CA GLU B 833 7.97 12.26 10.46
C GLU B 833 7.42 11.03 9.73
N ASN B 834 6.31 11.21 9.02
CA ASN B 834 5.78 10.15 8.14
C ASN B 834 6.59 9.99 6.87
N GLY B 835 7.18 11.08 6.40
CA GLY B 835 7.90 11.08 5.13
C GLY B 835 7.98 12.46 4.51
N THR B 836 8.26 12.48 3.22
CA THR B 836 8.48 13.71 2.47
C THR B 836 7.99 13.57 1.04
N SER B 837 7.63 14.70 0.44
CA SER B 837 7.53 14.77 -1.01
C SER B 837 8.96 14.59 -1.54
N LEU B 838 9.05 14.23 -2.82
CA LEU B 838 10.32 13.80 -3.37
C LEU B 838 11.27 15.01 -3.41
N GLN B 839 12.55 14.74 -3.13
CA GLN B 839 13.54 15.79 -2.95
C GLN B 839 14.56 15.86 -4.10
N ASN B 840 14.29 15.13 -5.17
CA ASN B 840 15.10 15.22 -6.39
C ASN B 840 16.54 14.71 -6.19
N ILE B 841 16.71 13.72 -5.32
CA ILE B 841 18.03 13.19 -4.94
C ILE B 841 18.28 11.75 -5.39
N GLY B 842 17.24 10.94 -5.46
CA GLY B 842 17.36 9.58 -6.02
C GLY B 842 17.52 8.47 -4.98
N ILE B 843 17.33 7.23 -5.43
CA ILE B 843 17.21 6.05 -4.57
C ILE B 843 18.44 5.14 -4.52
N GLY B 844 19.24 5.12 -5.57
CA GLY B 844 20.58 4.56 -5.52
C GLY B 844 21.37 5.46 -4.59
N LEU B 845 22.68 5.44 -4.73
CA LEU B 845 23.58 6.35 -4.00
C LEU B 845 24.16 5.78 -2.71
N ALA B 846 23.37 5.24 -1.80
CA ALA B 846 23.93 4.57 -0.61
C ALA B 846 24.88 3.46 -1.04
N VAL B 847 26.04 3.35 -0.40
CA VAL B 847 27.05 2.39 -0.89
C VAL B 847 26.92 1.01 -0.25
N LYS B 848 26.58 0.02 -1.06
CA LYS B 848 26.56 -1.38 -0.65
C LYS B 848 27.86 -2.04 -1.08
N LEU B 849 28.48 -2.77 -0.16
CA LEU B 849 29.69 -3.53 -0.45
C LEU B 849 29.28 -4.81 -1.18
N PRO B 850 30.25 -5.51 -1.81
CA PRO B 850 29.91 -6.71 -2.58
C PRO B 850 29.11 -7.78 -1.82
N ASN B 851 29.35 -7.92 -0.51
CA ASN B 851 28.60 -8.90 0.27
C ASN B 851 27.16 -8.43 0.61
N GLY B 852 26.76 -7.26 0.13
CA GLY B 852 25.38 -6.80 0.23
C GLY B 852 25.05 -5.84 1.39
N GLU B 853 25.95 -5.76 2.38
CA GLU B 853 25.73 -4.86 3.53
C GLU B 853 26.11 -3.44 3.15
N TYR B 854 25.59 -2.47 3.89
CA TYR B 854 25.94 -1.07 3.68
C TYR B 854 27.32 -0.77 4.19
N ALA B 855 28.07 -0.02 3.39
CA ALA B 855 29.31 0.60 3.86
C ALA B 855 28.94 1.58 4.97
N TYR B 856 29.72 1.53 6.04
CA TYR B 856 29.46 2.34 7.21
C TYR B 856 30.76 2.83 7.81
N LEU B 857 30.77 4.09 8.24
CA LEU B 857 31.92 4.73 8.85
C LEU B 857 31.59 5.14 10.28
N ARG B 858 32.27 4.54 11.25
CA ARG B 858 32.06 4.93 12.65
C ARG B 858 32.61 6.32 12.87
N SER B 859 31.91 7.09 13.67
CA SER B 859 32.26 8.50 13.86
C SER B 859 31.49 9.11 15.01
N SER B 860 31.90 8.79 16.24
CA SER B 860 31.52 9.53 17.46
C SER B 860 30.02 9.66 17.74
N ASP B 861 29.28 10.27 16.82
CA ASP B 861 27.81 10.24 16.83
C ASP B 861 27.28 8.94 16.21
N ASN B 862 27.99 8.42 15.22
CA ASN B 862 27.53 7.25 14.46
C ASN B 862 28.28 5.97 14.90
N LYS B 863 27.71 5.23 15.85
CA LYS B 863 28.31 4.00 16.38
C LYS B 863 27.34 2.80 16.35
N ALA B 864 26.40 2.84 15.41
CA ALA B 864 25.39 1.80 15.28
C ALA B 864 25.97 0.50 14.65
N PHE B 865 27.16 0.58 14.05
CA PHE B 865 27.78 -0.56 13.39
C PHE B 865 29.30 -0.47 13.46
N ASN B 866 30.01 -1.50 13.01
CA ASN B 866 31.46 -1.44 12.84
C ASN B 866 31.76 -0.71 11.55
N THR B 867 32.95 -0.12 11.47
CA THR B 867 33.42 0.52 10.24
C THR B 867 33.71 -0.58 9.22
N THR B 868 32.97 -0.58 8.12
CA THR B 868 33.24 -1.47 7.00
C THR B 868 33.23 -0.66 5.72
N LEU B 869 34.37 -0.60 5.05
CA LEU B 869 34.52 0.27 3.87
C LEU B 869 34.96 -0.52 2.66
N PRO B 870 34.61 -0.04 1.45
CA PRO B 870 35.07 -0.73 0.22
C PRO B 870 36.56 -1.01 0.25
N GLU B 871 36.96 -2.24 -0.10
CA GLU B 871 38.37 -2.61 -0.12
C GLU B 871 39.21 -1.53 -0.78
N THR B 872 38.78 -1.08 -1.96
CA THR B 872 39.57 -0.13 -2.76
C THR B 872 40.02 1.09 -1.97
N MET B 873 39.18 1.54 -1.05
CA MET B 873 39.53 2.72 -0.27
C MET B 873 39.90 2.46 1.19
N SER B 874 40.10 1.20 1.60
CA SER B 874 40.39 0.91 3.01
C SER B 874 41.34 -0.24 3.35
N SER B 875 41.42 -1.28 2.51
CA SER B 875 42.01 -2.55 2.92
C SER B 875 43.48 -2.72 2.50
N ALA B 876 44.39 -2.51 3.44
CA ALA B 876 45.82 -2.81 3.23
C ALA B 876 46.03 -4.26 2.79
N ASP B 877 45.24 -5.17 3.36
CA ASP B 877 45.26 -6.58 2.96
C ASP B 877 44.96 -6.71 1.46
N TYR B 878 43.85 -6.12 1.01
CA TYR B 878 43.46 -6.18 -0.40
C TYR B 878 44.64 -5.82 -1.31
N TYR B 879 45.21 -4.64 -1.08
CA TYR B 879 46.30 -4.14 -1.95
C TYR B 879 47.56 -5.01 -1.90
N ALA B 880 47.75 -5.74 -0.80
CA ALA B 880 48.89 -6.65 -0.68
C ALA B 880 48.87 -7.81 -1.71
N ASN B 881 47.77 -7.96 -2.45
CA ASN B 881 47.75 -8.86 -3.63
C ASN B 881 46.69 -8.46 -4.65
CA CA C . 4.57 -15.94 -0.06
S SO4 D . 0.20 -18.00 -10.70
O1 SO4 D . 1.22 -16.98 -10.37
O2 SO4 D . -1.08 -17.33 -11.00
O3 SO4 D . 0.65 -18.76 -11.90
O4 SO4 D . 0.06 -18.91 -9.54
CA CA E . 0.09 15.04 7.34
C1 GOL F . 20.27 -4.68 2.53
O1 GOL F . 20.56 -4.39 3.89
C2 GOL F . 19.07 -3.89 2.01
O2 GOL F . 18.49 -4.58 0.90
C3 GOL F . 18.01 -3.67 3.10
O3 GOL F . 18.35 -2.58 3.96
S SO4 G . -7.10 19.93 -0.35
O1 SO4 G . -7.87 20.34 -1.56
O2 SO4 G . -7.65 20.55 0.88
O3 SO4 G . -5.69 20.36 -0.50
O4 SO4 G . -7.18 18.46 -0.21
#